data_9IUL
#
_entry.id   9IUL
#
_cell.length_a   1.00
_cell.length_b   1.00
_cell.length_c   1.00
_cell.angle_alpha   90.00
_cell.angle_beta   90.00
_cell.angle_gamma   90.00
#
_symmetry.space_group_name_H-M   'P 1'
#
loop_
_entity.id
_entity.type
_entity.pdbx_description
1 polymer 'Pleiotropic ABC efflux transporter of multiple drugs CDR1'
2 non-polymer Pip2(20:4/18:0)
3 non-polymer 2-(2,4-DIFLUOROPHENYL)-1,3-DI(1H-1,2,4-TRIAZOL-1-YL)PROPAN-2-OL
#
_entity_poly.entity_id   1
_entity_poly.type   'polypeptide(L)'
_entity_poly.pdbx_seq_one_letter_code
;MSDSKMSSQDESKLEKAISQDSSSENHSINEYHGFDAHTSENIQNLARTFTHDSFKDDSSAGLLKYLTHMSEVPGVNPYE
HEEINNDQLNPDSENFNAKFWVKNLRKLFESDPEYYKPSKLGIGYRNLRAYGVANDSDYQPTVTNALWKLATEGFRHFQK
DDDSRYFDILKSMDAIMRPGELTVVLGRPGAGCSTLLKTIAVNTYGFHIGKESQITYDGLSPHDIERHYRGDVIYSAETD
VHFPHLSVGDTLEFAARLRTPQNRGEGIDRETYAKHMASVYMATYGLSHTRNTNVGNDFVRGVSGGERKRVSIAEASLSG
ANIQCWDNATRGLDSATALEFIRALKTSAVILDTTPLIAIYQCSQDAYDLFDKVVVLYEGYQIFFGKATKAKEYFEKMGW
KCPQRQTTADFLTSLTNPAEREPLPGYEDKVPRTAQEFETYWKNSPEYAELTKEIDEYFVECERSNTRETYRESHVAKQS
NNTRPASPYTVSFFMQVRYGVARNFLRMKGDPSIPIFSVFGQLVMGLILSSVFYNLSQTTGSFYYRGAAMFFAVLFNAFS
SLLEIMSLFEARPIVEKHKKYALYRPSADALASIISELPVKLAMSMSFNFVFYFMVNFRRNPGRFFFYWLMCIWCTFVMS
HLFRSIGAVSTSISGAMTPATVLLLAMVIYTGFVIPTPSMLGWSRWINYINPVGYVFESLMVNEFHGREFQCAQYVPSGP
GYENISRSNQVCTAVGSVPGNEMVSGTNYLAGAYQYYNSHKWRNLGITIGFAVFFLAIYIALTEFNKGAMQKGEIVLFLK
GSLKKHKRKTAASNKGDIEAGPVAGKLDYQDEAEAVNNEKFTEKGSTGSVDFPENREIFFWRDLTYQVKIKKEDRVILDH
VDGWVKPGQITALMGASGAGKTTLLNCLSERVTTGIITDGERLVNGHALDSSFQRSIGYVQQQDVHLETTTVREALQFSA
YLRQSNKISKKEKDDYVDYVIDLLEMTDYADALVGVAGEGLNVEQRKRLTIGVELVAKPKLLLFLDEPTSGLDSQTAWSI
CKLMRKLADHGQAILCTIHQPSALIMAEFDRLLFLQKGGRTAYFGELGENCQTMINYFEKYGADPCPKEANPAEWMLQVV
GAAPGSHAKQDYFEVWRNSSEYQAVREEINRMEAELSKLPRDNDPEALLKYAAPLWKQYLLVSWRTIVQDWRSPGYIYSK
IFLVVSAALFNGFSFFKAKNNMQGLQNQMFSVFMFFIPFNTLVQQMLPYFVKQRDVYEVREAPSRTFSWFAFIAGQITSE
IPYQVAVGTIAFFCWYYPLGLYNNATPTDSVNPRGVLMWMLVTAFYVYTATMGQLCMSFSELADNAANLATLLFTMCLNF
CGVLAGPDVLPGFWIFMYRCNPFTYLVQAMLSTGLANTFVKCAEREYVSVKPPNGESCSTYLDPYIKFAGGYFETRNDGS
CAFCQMSSTNTFLKSVNSLYSERWRNFGIFIAFIAINIILTVIFYWLARVPKGNREKKNKK
;
_entity_poly.pdbx_strand_id   A
#
loop_
_chem_comp.id
_chem_comp.type
_chem_comp.name
_chem_comp.formula
A1L26 non-polymer Pip2(20:4/18:0) 'C47 H85 O19 P3'
TPF non-polymer 2-(2,4-DIFLUOROPHENYL)-1,3-DI(1H-1,2,4-TRIAZOL-1-YL)PROPAN-2-OL 'C13 H12 F2 N6 O'
#
# COMPACT_ATOMS: atom_id res chain seq x y z
N GLU A 31 19.97 26.67 -7.75
CA GLU A 31 18.68 26.57 -7.00
C GLU A 31 17.61 27.40 -7.71
N TYR A 32 16.43 27.47 -7.11
CA TYR A 32 15.30 28.21 -7.65
C TYR A 32 15.19 29.55 -6.94
N HIS A 33 15.20 30.63 -7.71
CA HIS A 33 15.10 31.98 -7.17
C HIS A 33 13.93 32.75 -7.75
N GLY A 34 12.98 32.06 -8.39
CA GLY A 34 11.76 32.70 -8.85
C GLY A 34 11.90 33.62 -10.04
N PHE A 35 12.21 33.06 -11.22
CA PHE A 35 12.15 33.80 -12.48
C PHE A 35 13.10 34.99 -12.49
N ASP A 36 14.39 34.68 -12.44
CA ASP A 36 15.44 35.69 -12.53
C ASP A 36 15.65 36.08 -13.98
N ALA A 37 16.72 36.84 -14.25
CA ALA A 37 17.01 37.28 -15.61
C ALA A 37 17.40 36.10 -16.49
N HIS A 38 18.20 35.17 -15.97
CA HIS A 38 18.65 34.05 -16.80
C HIS A 38 17.49 33.12 -17.17
N THR A 39 16.48 33.02 -16.33
CA THR A 39 15.28 32.28 -16.71
C THR A 39 14.59 32.95 -17.89
N SER A 40 14.52 34.27 -17.88
CA SER A 40 13.96 34.99 -19.03
C SER A 40 14.81 34.76 -20.27
N GLU A 41 16.13 34.70 -20.10
CA GLU A 41 17.00 34.40 -21.24
C GLU A 41 16.72 33.01 -21.79
N ASN A 42 16.54 32.02 -20.92
CA ASN A 42 16.22 30.68 -21.37
C ASN A 42 14.88 30.65 -22.10
N ILE A 43 13.89 31.37 -21.58
CA ILE A 43 12.58 31.43 -22.24
C ILE A 43 12.72 32.10 -23.59
N GLN A 44 13.57 33.13 -23.69
CA GLN A 44 13.77 33.79 -24.97
C GLN A 44 14.41 32.85 -25.98
N ASN A 45 15.40 32.06 -25.55
CA ASN A 45 15.99 31.08 -26.45
C ASN A 45 14.95 30.05 -26.90
N LEU A 46 14.12 29.59 -25.97
CA LEU A 46 13.08 28.62 -26.33
C LEU A 46 12.10 29.22 -27.33
N ALA A 47 11.71 30.48 -27.12
CA ALA A 47 10.79 31.14 -28.05
C ALA A 47 11.44 31.33 -29.42
N ARG A 48 12.72 31.66 -29.44
CA ARG A 48 13.44 31.77 -30.71
C ARG A 48 13.43 30.45 -31.46
N THR A 49 13.72 29.35 -30.75
CA THR A 49 13.71 28.04 -31.38
C THR A 49 12.32 27.69 -31.88
N PHE A 50 11.28 27.98 -31.08
CA PHE A 50 9.92 27.65 -31.48
C PHE A 50 9.49 28.43 -32.72
N THR A 51 9.80 29.74 -32.76
CA THR A 51 9.39 30.55 -33.90
C THR A 51 10.22 30.25 -35.13
N HIS A 52 11.45 29.77 -34.97
CA HIS A 52 12.21 29.31 -36.13
C HIS A 52 11.71 27.96 -36.65
N ASP A 53 11.27 27.08 -35.74
CA ASP A 53 10.75 25.79 -36.18
C ASP A 53 9.51 25.97 -37.04
N SER A 54 8.60 26.88 -36.63
CA SER A 54 7.43 27.18 -37.42
C SER A 54 7.70 28.18 -38.54
N PHE A 55 8.91 28.77 -38.57
CA PHE A 55 9.24 29.69 -39.64
C PHE A 55 9.23 29.00 -40.99
N LYS A 56 9.78 27.80 -41.07
CA LYS A 56 9.85 27.04 -42.31
C LYS A 56 8.45 26.74 -42.84
N ASN A 86 4.03 41.97 -32.06
CA ASN A 86 4.71 43.25 -32.20
C ASN A 86 6.13 43.15 -31.65
N ASP A 87 6.69 44.27 -31.22
CA ASP A 87 8.06 44.27 -30.71
C ASP A 87 8.18 43.41 -29.46
N GLN A 88 7.21 43.48 -28.57
CA GLN A 88 7.28 42.74 -27.31
C GLN A 88 7.16 41.24 -27.50
N LEU A 89 6.79 40.77 -28.70
CA LEU A 89 6.59 39.34 -28.95
C LEU A 89 7.61 38.76 -29.91
N ASN A 90 8.62 39.53 -30.33
CA ASN A 90 9.63 39.04 -31.25
C ASN A 90 10.87 38.62 -30.47
N PRO A 91 11.20 37.33 -30.39
CA PRO A 91 12.40 36.94 -29.64
C PRO A 91 13.67 37.57 -30.19
N ASP A 92 13.76 37.75 -31.51
CA ASP A 92 14.98 38.32 -32.09
C ASP A 92 15.11 39.80 -31.74
N SER A 93 14.01 40.54 -31.78
CA SER A 93 14.05 41.97 -31.52
C SER A 93 14.46 42.25 -30.08
N GLU A 94 15.16 43.36 -29.90
CA GLU A 94 15.55 43.80 -28.56
C GLU A 94 14.33 44.28 -27.80
N ASN A 95 14.46 44.31 -26.46
CA ASN A 95 13.38 44.76 -25.58
C ASN A 95 12.21 43.78 -25.62
N PHE A 96 12.53 42.49 -25.57
CA PHE A 96 11.54 41.42 -25.56
C PHE A 96 11.54 40.81 -24.16
N ASN A 97 10.37 40.81 -23.52
CA ASN A 97 10.23 40.35 -22.14
C ASN A 97 9.58 38.97 -22.12
N ALA A 98 10.22 38.03 -21.42
CA ALA A 98 9.71 36.67 -21.37
C ALA A 98 8.36 36.59 -20.66
N LYS A 99 8.09 37.49 -19.73
CA LYS A 99 6.82 37.44 -19.00
C LYS A 99 5.65 37.65 -19.95
N PHE A 100 5.74 38.65 -20.82
CA PHE A 100 4.67 38.90 -21.77
C PHE A 100 4.51 37.73 -22.74
N TRP A 101 5.62 37.14 -23.17
CA TRP A 101 5.55 35.98 -24.05
C TRP A 101 4.82 34.81 -23.38
N VAL A 102 5.16 34.53 -22.12
CA VAL A 102 4.52 33.43 -21.41
C VAL A 102 3.04 33.71 -21.23
N LYS A 103 2.69 34.96 -20.87
CA LYS A 103 1.28 35.30 -20.72
C LYS A 103 0.53 35.16 -22.04
N ASN A 104 1.16 35.58 -23.15
CA ASN A 104 0.50 35.54 -24.45
C ASN A 104 0.37 34.12 -24.98
N LEU A 105 1.27 33.22 -24.58
CA LEU A 105 1.22 31.86 -25.09
C LEU A 105 -0.13 31.21 -24.82
N ARG A 106 -0.63 31.36 -23.59
CA ARG A 106 -1.88 30.70 -23.21
C ARG A 106 -3.05 31.20 -24.04
N LYS A 107 -3.16 32.51 -24.22
CA LYS A 107 -4.33 33.07 -24.90
C LYS A 107 -4.17 33.04 -26.42
N LEU A 108 -3.16 33.72 -26.93
CA LEU A 108 -2.93 33.80 -28.36
C LEU A 108 -2.11 32.58 -28.81
N PHE A 109 -1.72 32.56 -30.08
CA PHE A 109 -1.04 31.42 -30.68
C PHE A 109 -1.87 30.15 -30.60
N GLU A 110 -3.19 30.30 -30.52
CA GLU A 110 -4.11 29.17 -30.52
C GLU A 110 -5.52 29.70 -30.80
N SER A 111 -6.34 28.83 -31.38
CA SER A 111 -7.70 29.22 -31.72
C SER A 111 -8.49 29.55 -30.47
N ASP A 112 -9.36 30.56 -30.59
CA ASP A 112 -10.17 31.02 -29.47
C ASP A 112 -11.61 30.55 -29.66
N PRO A 113 -12.10 29.58 -28.89
CA PRO A 113 -13.49 29.17 -29.04
C PRO A 113 -14.46 30.28 -28.66
N GLU A 114 -15.62 30.26 -29.31
CA GLU A 114 -16.66 31.24 -28.99
C GLU A 114 -17.24 31.02 -27.60
N TYR A 115 -17.06 29.84 -27.01
CA TYR A 115 -17.54 29.59 -25.66
C TYR A 115 -16.78 30.46 -24.66
N TYR A 116 -17.46 30.81 -23.58
CA TYR A 116 -16.86 31.67 -22.57
C TYR A 116 -15.91 30.85 -21.70
N LYS A 117 -14.62 31.18 -21.78
CA LYS A 117 -13.59 30.51 -20.99
C LYS A 117 -12.78 31.57 -20.25
N PRO A 118 -12.85 31.63 -18.91
CA PRO A 118 -12.11 32.67 -18.19
C PRO A 118 -10.62 32.34 -18.10
N SER A 119 -9.78 33.33 -18.37
CA SER A 119 -8.34 33.18 -18.24
C SER A 119 -7.83 33.50 -16.84
N LYS A 120 -8.67 34.04 -15.97
CA LYS A 120 -8.29 34.31 -14.59
C LYS A 120 -9.56 34.34 -13.75
N LEU A 121 -9.40 34.10 -12.45
CA LEU A 121 -10.53 34.02 -11.55
C LEU A 121 -10.19 34.62 -10.19
N GLY A 122 -11.19 35.19 -9.56
CA GLY A 122 -11.07 35.63 -8.17
C GLY A 122 -12.38 35.39 -7.47
N ILE A 123 -12.30 35.15 -6.16
CA ILE A 123 -13.44 34.69 -5.38
C ILE A 123 -13.77 35.74 -4.33
N GLY A 124 -15.03 36.16 -4.29
CA GLY A 124 -15.50 37.04 -3.23
C GLY A 124 -16.68 36.44 -2.51
N TYR A 125 -16.63 36.41 -1.17
CA TYR A 125 -17.71 35.81 -0.41
C TYR A 125 -18.00 36.61 0.86
N ARG A 126 -19.27 36.58 1.25
CA ARG A 126 -19.75 37.19 2.48
C ARG A 126 -20.69 36.23 3.20
N ASN A 127 -20.67 36.30 4.53
CA ASN A 127 -21.58 35.53 5.38
C ASN A 127 -21.40 34.04 5.19
N LEU A 128 -20.21 33.62 4.78
CA LEU A 128 -19.94 32.20 4.61
C LEU A 128 -19.99 31.48 5.95
N ARG A 129 -20.64 30.32 5.97
CA ARG A 129 -20.76 29.53 7.18
C ARG A 129 -20.87 28.06 6.79
N ALA A 130 -20.09 27.21 7.44
CA ALA A 130 -20.06 25.78 7.14
C ALA A 130 -20.23 24.98 8.41
N TYR A 131 -21.13 24.00 8.38
CA TYR A 131 -21.43 23.16 9.52
C TYR A 131 -21.49 21.71 9.09
N GLY A 132 -21.24 20.80 10.04
CA GLY A 132 -21.28 19.39 9.77
C GLY A 132 -21.85 18.63 10.95
N VAL A 133 -22.43 17.47 10.65
CA VAL A 133 -23.03 16.62 11.67
C VAL A 133 -22.12 15.43 11.96
N PRO A 141 -12.63 -1.28 18.45
CA PRO A 141 -13.65 -2.33 18.47
C PRO A 141 -13.09 -3.72 18.12
N THR A 142 -13.45 -4.71 18.91
CA THR A 142 -12.98 -6.08 18.68
C THR A 142 -13.83 -6.72 17.58
N VAL A 143 -13.66 -8.03 17.38
CA VAL A 143 -14.42 -8.74 16.35
C VAL A 143 -15.78 -9.20 16.85
N THR A 144 -15.96 -9.38 18.16
CA THR A 144 -17.26 -9.81 18.67
C THR A 144 -18.30 -8.72 18.54
N ASN A 145 -17.94 -7.48 18.85
CA ASN A 145 -18.86 -6.36 18.80
C ASN A 145 -18.98 -5.74 17.42
N ALA A 146 -18.24 -6.25 16.43
CA ALA A 146 -18.31 -5.70 15.09
C ALA A 146 -19.69 -5.90 14.49
N LEU A 147 -20.31 -7.06 14.73
CA LEU A 147 -21.66 -7.30 14.22
C LEU A 147 -22.66 -6.32 14.81
N TRP A 148 -22.59 -6.07 16.12
CA TRP A 148 -23.48 -5.12 16.74
C TRP A 148 -23.28 -3.72 16.18
N LYS A 149 -22.02 -3.31 15.99
CA LYS A 149 -21.75 -2.00 15.43
C LYS A 149 -22.29 -1.89 14.01
N LEU A 150 -22.12 -2.94 13.20
CA LEU A 150 -22.64 -2.92 11.84
C LEU A 150 -24.16 -2.83 11.84
N ALA A 151 -24.83 -3.57 12.74
CA ALA A 151 -26.28 -3.49 12.82
C ALA A 151 -26.74 -2.09 13.22
N THR A 152 -26.05 -1.48 14.20
CA THR A 152 -26.39 -0.12 14.60
C THR A 152 -26.19 0.85 13.46
N GLU A 153 -25.09 0.70 12.71
CA GLU A 153 -24.83 1.58 11.57
C GLU A 153 -25.92 1.43 10.51
N GLY A 154 -26.33 0.19 10.23
CA GLY A 154 -27.40 -0.02 9.27
C GLY A 154 -28.72 0.58 9.71
N PHE A 155 -29.04 0.43 11.00
CA PHE A 155 -30.27 1.03 11.53
C PHE A 155 -30.21 2.55 11.44
N ARG A 156 -29.04 3.13 11.72
CA ARG A 156 -28.89 4.58 11.55
C ARG A 156 -29.08 4.98 10.10
N HIS A 157 -28.53 4.18 9.17
CA HIS A 157 -28.70 4.48 7.75
C HIS A 157 -30.16 4.43 7.34
N PHE A 158 -30.91 3.47 7.89
CA PHE A 158 -32.31 3.32 7.52
C PHE A 158 -33.10 4.58 7.87
N GLN A 159 -32.85 5.15 9.04
CA GLN A 159 -33.54 6.37 9.47
C GLN A 159 -32.82 7.02 10.65
N ARG A 165 -27.31 16.56 16.13
CA ARG A 165 -27.43 18.01 16.11
C ARG A 165 -26.47 18.61 15.10
N TYR A 166 -26.37 19.94 15.09
CA TYR A 166 -25.51 20.66 14.16
C TYR A 166 -24.27 21.14 14.89
N PHE A 167 -23.10 20.77 14.37
CA PHE A 167 -21.81 21.15 14.95
C PHE A 167 -21.14 22.12 13.97
N ASP A 168 -21.21 23.41 14.28
CA ASP A 168 -20.68 24.42 13.39
C ASP A 168 -19.16 24.31 13.28
N ILE A 169 -18.64 24.55 12.09
CA ILE A 169 -17.20 24.49 11.81
C ILE A 169 -16.65 25.87 11.50
N LEU A 170 -17.17 26.52 10.47
CA LEU A 170 -16.74 27.86 10.07
C LEU A 170 -17.91 28.82 10.29
N LYS A 171 -17.67 29.86 11.09
CA LYS A 171 -18.69 30.86 11.38
C LYS A 171 -18.73 31.88 10.24
N SER A 172 -19.44 32.98 10.44
CA SER A 172 -19.55 34.00 9.41
C SER A 172 -18.18 34.53 9.03
N MET A 173 -17.92 34.63 7.73
CA MET A 173 -16.66 35.14 7.22
C MET A 173 -16.94 36.03 6.00
N ASP A 174 -16.02 36.96 5.74
CA ASP A 174 -16.10 37.81 4.57
C ASP A 174 -14.69 38.00 4.02
N ALA A 175 -14.54 37.88 2.70
CA ALA A 175 -13.23 38.05 2.10
C ALA A 175 -13.37 38.20 0.59
N ILE A 176 -12.26 38.62 -0.03
CA ILE A 176 -12.18 38.80 -1.47
C ILE A 176 -10.74 38.54 -1.89
N MET A 177 -10.57 37.67 -2.89
CA MET A 177 -9.26 37.31 -3.42
C MET A 177 -9.26 37.57 -4.91
N ARG A 178 -8.36 38.45 -5.35
CA ARG A 178 -8.25 38.84 -6.75
C ARG A 178 -7.15 38.07 -7.45
N PRO A 179 -7.19 37.98 -8.77
CA PRO A 179 -6.11 37.31 -9.49
C PRO A 179 -4.77 38.00 -9.26
N GLY A 180 -3.72 37.19 -9.21
CA GLY A 180 -2.38 37.71 -9.03
C GLY A 180 -1.98 37.98 -7.60
N GLU A 181 -2.77 37.54 -6.62
CA GLU A 181 -2.47 37.74 -5.22
C GLU A 181 -2.31 36.39 -4.54
N LEU A 182 -1.20 36.23 -3.81
CA LEU A 182 -0.96 35.02 -3.02
C LEU A 182 -1.51 35.22 -1.63
N THR A 183 -2.33 34.27 -1.17
CA THR A 183 -3.02 34.38 0.10
C THR A 183 -2.60 33.26 1.04
N VAL A 184 -2.50 33.58 2.33
CA VAL A 184 -2.10 32.63 3.35
C VAL A 184 -3.20 32.56 4.41
N VAL A 185 -3.59 31.34 4.77
CA VAL A 185 -4.58 31.08 5.80
C VAL A 185 -3.84 30.62 7.04
N LEU A 186 -3.75 31.48 8.05
CA LEU A 186 -3.03 31.20 9.28
C LEU A 186 -4.00 30.80 10.38
N GLY A 187 -3.56 29.89 11.24
CA GLY A 187 -4.35 29.43 12.36
C GLY A 187 -3.78 28.18 12.98
N ARG A 188 -4.21 27.85 14.19
CA ARG A 188 -3.76 26.63 14.84
C ARG A 188 -4.43 25.41 14.19
N PRO A 189 -3.84 24.23 14.35
CA PRO A 189 -4.49 23.03 13.81
C PRO A 189 -5.89 22.86 14.39
N GLY A 190 -6.81 22.43 13.55
CA GLY A 190 -8.20 22.32 13.95
C GLY A 190 -8.95 23.63 13.97
N ALA A 191 -8.37 24.71 13.46
CA ALA A 191 -9.01 26.01 13.45
C ALA A 191 -9.94 26.21 12.25
N GLY A 192 -9.93 25.29 11.29
CA GLY A 192 -10.79 25.38 10.13
C GLY A 192 -10.13 25.90 8.87
N CYS A 193 -8.81 25.97 8.82
CA CYS A 193 -8.14 26.42 7.60
C CYS A 193 -8.41 25.44 6.45
N SER A 194 -8.27 24.14 6.71
CA SER A 194 -8.51 23.15 5.67
C SER A 194 -9.97 23.19 5.21
N THR A 195 -10.90 23.34 6.14
CA THR A 195 -12.30 23.44 5.76
C THR A 195 -12.55 24.68 4.91
N LEU A 196 -11.94 25.80 5.28
CA LEU A 196 -12.12 27.03 4.50
C LEU A 196 -11.59 26.86 3.08
N LEU A 197 -10.40 26.24 2.94
CA LEU A 197 -9.85 26.07 1.60
C LEU A 197 -10.64 25.05 0.80
N LYS A 198 -11.20 24.03 1.46
CA LYS A 198 -12.10 23.12 0.75
C LYS A 198 -13.35 23.84 0.27
N THR A 199 -13.91 24.72 1.11
CA THR A 199 -15.09 25.47 0.71
C THR A 199 -14.79 26.40 -0.47
N ILE A 200 -13.63 27.05 -0.45
CA ILE A 200 -13.29 27.96 -1.53
C ILE A 200 -13.17 27.20 -2.84
N ALA A 201 -12.61 26.00 -2.81
CA ALA A 201 -12.42 25.18 -4.00
C ALA A 201 -13.65 24.36 -4.35
N VAL A 202 -14.82 24.70 -3.81
CA VAL A 202 -16.07 24.00 -4.10
C VAL A 202 -15.86 22.51 -3.85
N ASN A 203 -15.27 22.17 -2.72
CA ASN A 203 -15.05 20.79 -2.31
C ASN A 203 -15.80 20.49 -1.02
N THR A 204 -17.03 20.98 -0.92
CA THR A 204 -17.84 20.92 0.28
C THR A 204 -18.29 19.52 0.63
N TYR A 205 -17.88 18.47 -0.07
CA TYR A 205 -18.32 17.12 0.27
C TYR A 205 -17.92 16.79 1.71
N GLY A 206 -18.87 16.25 2.47
CA GLY A 206 -18.68 15.99 3.87
C GLY A 206 -19.33 16.98 4.81
N PHE A 207 -19.73 18.14 4.30
CA PHE A 207 -20.43 19.15 5.10
C PHE A 207 -21.24 20.02 4.14
N HIS A 208 -21.90 21.03 4.70
CA HIS A 208 -22.75 21.91 3.92
C HIS A 208 -22.46 23.37 4.28
N ILE A 209 -22.84 24.26 3.37
CA ILE A 209 -22.68 25.69 3.58
C ILE A 209 -24.06 26.31 3.73
N GLY A 210 -24.10 27.43 4.45
CA GLY A 210 -25.37 28.09 4.70
C GLY A 210 -25.96 28.70 3.45
N LYS A 211 -27.29 28.85 3.46
CA LYS A 211 -28.00 29.43 2.33
C LYS A 211 -27.95 30.95 2.33
N GLU A 212 -27.52 31.58 3.42
CA GLU A 212 -27.37 33.03 3.49
C GLU A 212 -26.03 33.50 2.93
N SER A 213 -25.09 32.59 2.70
CA SER A 213 -23.77 32.94 2.22
C SER A 213 -23.84 33.38 0.76
N GLN A 214 -23.20 34.51 0.45
CA GLN A 214 -23.12 35.02 -0.91
C GLN A 214 -21.70 34.81 -1.42
N ILE A 215 -21.52 33.87 -2.35
CA ILE A 215 -20.23 33.50 -2.89
C ILE A 215 -20.25 33.68 -4.39
N THR A 216 -19.20 34.29 -4.94
CA THR A 216 -19.10 34.48 -6.38
C THR A 216 -17.66 34.31 -6.83
N TYR A 217 -17.50 33.87 -8.07
CA TYR A 217 -16.20 33.69 -8.71
C TYR A 217 -16.18 34.58 -9.95
N ASP A 218 -15.82 35.84 -9.76
CA ASP A 218 -15.81 36.82 -10.85
C ASP A 218 -17.15 36.83 -11.58
N GLY A 219 -18.24 36.77 -10.81
CA GLY A 219 -19.58 36.80 -11.37
C GLY A 219 -20.19 35.44 -11.63
N LEU A 220 -19.42 34.36 -11.54
CA LEU A 220 -19.96 33.03 -11.73
C LEU A 220 -20.65 32.58 -10.44
N SER A 221 -21.00 31.30 -10.36
CA SER A 221 -21.65 30.74 -9.19
C SER A 221 -20.93 29.46 -8.77
N PRO A 222 -21.05 29.06 -7.50
CA PRO A 222 -20.37 27.84 -7.08
C PRO A 222 -20.75 26.62 -7.91
N HIS A 223 -22.01 26.50 -8.31
CA HIS A 223 -22.43 25.36 -9.11
C HIS A 223 -21.93 25.46 -10.55
N ASP A 224 -21.81 26.68 -11.09
CA ASP A 224 -21.17 26.83 -12.40
C ASP A 224 -19.76 26.27 -12.37
N ILE A 225 -19.00 26.61 -11.33
CA ILE A 225 -17.64 26.08 -11.20
C ILE A 225 -17.67 24.57 -11.00
N GLU A 226 -18.62 24.09 -10.19
CA GLU A 226 -18.66 22.67 -9.87
C GLU A 226 -18.91 21.83 -11.11
N ARG A 227 -19.86 22.24 -11.96
CA ARG A 227 -20.25 21.42 -13.12
C ARG A 227 -19.60 21.89 -14.42
N HIS A 228 -19.83 23.14 -14.82
CA HIS A 228 -19.41 23.55 -16.15
C HIS A 228 -17.93 23.92 -16.20
N TYR A 229 -17.44 24.67 -15.21
CA TYR A 229 -16.09 25.22 -15.22
C TYR A 229 -15.19 24.50 -14.22
N ARG A 230 -15.42 23.20 -14.02
CA ARG A 230 -14.53 22.41 -13.19
C ARG A 230 -13.14 22.38 -13.83
N GLY A 231 -12.12 22.34 -12.98
CA GLY A 231 -10.74 22.35 -13.41
C GLY A 231 -10.09 23.71 -13.40
N ASP A 232 -10.88 24.79 -13.40
CA ASP A 232 -10.32 26.11 -13.19
C ASP A 232 -9.98 26.35 -11.73
N VAL A 233 -10.71 25.70 -10.82
CA VAL A 233 -10.46 25.77 -9.39
C VAL A 233 -10.04 24.39 -8.92
N ILE A 234 -8.84 24.28 -8.36
CA ILE A 234 -8.28 22.99 -7.98
C ILE A 234 -7.87 23.03 -6.52
N TYR A 235 -7.94 21.86 -5.88
CA TYR A 235 -7.61 21.66 -4.48
C TYR A 235 -6.70 20.46 -4.36
N SER A 236 -5.54 20.65 -3.71
CA SER A 236 -4.60 19.57 -3.48
C SER A 236 -3.81 19.91 -2.23
N ALA A 237 -3.74 18.97 -1.28
CA ALA A 237 -3.34 19.32 0.08
C ALA A 237 -1.95 18.79 0.46
N GLU A 238 -1.75 17.47 0.44
CA GLU A 238 -0.52 16.90 1.00
C GLU A 238 0.10 15.80 0.17
N THR A 239 -0.65 15.10 -0.67
CA THR A 239 -0.15 13.94 -1.40
C THR A 239 0.09 14.34 -2.85
N ASP A 240 1.32 14.13 -3.32
CA ASP A 240 1.69 14.37 -4.71
C ASP A 240 1.53 13.05 -5.45
N VAL A 241 0.39 12.86 -6.09
CA VAL A 241 0.07 11.61 -6.78
C VAL A 241 0.57 11.73 -8.21
N HIS A 242 1.72 11.13 -8.48
CA HIS A 242 2.32 11.10 -9.81
C HIS A 242 2.72 9.67 -10.13
N PHE A 243 3.00 9.42 -11.40
CA PHE A 243 3.49 8.11 -11.80
C PHE A 243 4.99 8.03 -11.55
N PRO A 244 5.45 7.15 -10.66
CA PRO A 244 6.89 7.19 -10.29
C PRO A 244 7.83 6.99 -11.46
N HIS A 245 7.47 6.16 -12.44
CA HIS A 245 8.37 5.79 -13.52
C HIS A 245 8.17 6.61 -14.79
N LEU A 246 7.44 7.71 -14.71
CA LEU A 246 7.24 8.61 -15.83
C LEU A 246 8.08 9.86 -15.61
N SER A 247 8.86 10.24 -16.63
CA SER A 247 9.75 11.37 -16.51
C SER A 247 8.96 12.67 -16.37
N VAL A 248 9.62 13.69 -15.83
CA VAL A 248 8.99 14.99 -15.65
C VAL A 248 8.56 15.55 -17.01
N GLY A 249 9.43 15.44 -18.01
CA GLY A 249 9.08 15.94 -19.33
C GLY A 249 7.83 15.30 -19.87
N ASP A 250 7.75 13.95 -19.78
CA ASP A 250 6.55 13.26 -20.25
C ASP A 250 5.33 13.64 -19.43
N THR A 251 5.49 13.76 -18.11
CA THR A 251 4.36 14.09 -17.25
C THR A 251 3.78 15.44 -17.62
N LEU A 252 4.62 16.44 -17.88
CA LEU A 252 4.12 17.76 -18.26
C LEU A 252 3.64 17.80 -19.71
N GLU A 253 4.26 17.03 -20.60
CA GLU A 253 3.81 16.97 -21.98
C GLU A 253 2.41 16.39 -22.07
N PHE A 254 2.11 15.40 -21.21
CA PHE A 254 0.77 14.83 -21.21
C PHE A 254 -0.28 15.89 -20.91
N ALA A 255 -0.06 16.68 -19.85
CA ALA A 255 -1.01 17.74 -19.50
C ALA A 255 -1.08 18.80 -20.60
N ALA A 256 0.06 19.18 -21.17
CA ALA A 256 0.05 20.19 -22.23
C ALA A 256 -0.75 19.70 -23.43
N ARG A 257 -0.58 18.43 -23.81
CA ARG A 257 -1.34 17.89 -24.93
C ARG A 257 -2.82 17.84 -24.61
N LEU A 258 -3.18 17.37 -23.41
CA LEU A 258 -4.59 17.19 -23.10
C LEU A 258 -5.32 18.53 -22.98
N ARG A 259 -4.64 19.56 -22.49
CA ARG A 259 -5.27 20.87 -22.32
C ARG A 259 -5.26 21.70 -23.59
N THR A 260 -4.55 21.28 -24.63
CA THR A 260 -4.48 22.07 -25.86
C THR A 260 -5.78 21.92 -26.66
N PRO A 261 -6.51 22.99 -26.94
CA PRO A 261 -7.70 22.86 -27.79
C PRO A 261 -7.32 22.45 -29.20
N GLN A 262 -8.25 21.75 -29.85
CA GLN A 262 -8.03 21.30 -31.23
C GLN A 262 -8.64 22.30 -32.21
N ASN A 263 -9.96 22.48 -32.15
CA ASN A 263 -10.66 23.45 -32.98
C ASN A 263 -10.09 23.50 -34.39
N ARG A 264 -9.41 24.58 -34.74
CA ARG A 264 -8.78 24.76 -36.04
C ARG A 264 -7.28 24.89 -35.83
N GLY A 265 -6.54 23.81 -36.13
CA GLY A 265 -5.10 23.78 -35.94
C GLY A 265 -4.29 24.42 -37.03
N GLU A 266 -4.94 24.98 -38.05
CA GLU A 266 -4.22 25.59 -39.17
C GLU A 266 -3.33 26.72 -38.66
N GLY A 267 -2.10 26.75 -39.15
CA GLY A 267 -1.13 27.78 -38.81
C GLY A 267 -0.13 27.38 -37.75
N ILE A 268 -0.41 26.34 -36.97
CA ILE A 268 0.50 25.90 -35.91
C ILE A 268 0.22 24.44 -35.60
N ASP A 269 1.29 23.64 -35.49
CA ASP A 269 1.15 22.24 -35.16
C ASP A 269 0.85 22.09 -33.67
N ARG A 270 -0.15 21.26 -33.35
CA ARG A 270 -0.54 21.07 -31.96
C ARG A 270 0.57 20.42 -31.15
N GLU A 271 1.24 19.41 -31.71
CA GLU A 271 2.26 18.68 -30.96
C GLU A 271 3.43 19.59 -30.60
N THR A 272 3.95 20.34 -31.58
CA THR A 272 5.08 21.22 -31.29
C THR A 272 4.67 22.37 -30.37
N TYR A 273 3.45 22.88 -30.51
CA TYR A 273 2.98 23.92 -29.60
C TYR A 273 2.90 23.39 -28.17
N ALA A 274 2.38 22.18 -27.99
CA ALA A 274 2.33 21.59 -26.66
C ALA A 274 3.73 21.36 -26.10
N LYS A 275 4.64 20.90 -26.94
CA LYS A 275 6.02 20.71 -26.49
C LYS A 275 6.63 22.03 -26.04
N HIS A 276 6.42 23.09 -26.82
CA HIS A 276 6.96 24.40 -26.46
C HIS A 276 6.35 24.91 -25.15
N MET A 277 5.04 24.73 -24.98
CA MET A 277 4.40 25.17 -23.75
C MET A 277 4.94 24.41 -22.54
N ALA A 278 5.10 23.09 -22.69
CA ALA A 278 5.66 22.30 -21.59
C ALA A 278 7.07 22.75 -21.25
N SER A 279 7.89 23.00 -22.27
CA SER A 279 9.25 23.46 -22.01
C SER A 279 9.26 24.82 -21.32
N VAL A 280 8.37 25.73 -21.76
CA VAL A 280 8.32 27.06 -21.16
C VAL A 280 7.92 26.96 -19.70
N TYR A 281 6.91 26.14 -19.39
CA TYR A 281 6.48 26.01 -18.01
C TYR A 281 7.52 25.30 -17.15
N MET A 282 8.28 24.37 -17.74
CA MET A 282 9.39 23.77 -17.02
C MET A 282 10.44 24.82 -16.70
N ALA A 283 10.73 25.71 -17.65
CA ALA A 283 11.70 26.77 -17.40
C ALA A 283 11.20 27.73 -16.32
N THR A 284 9.91 28.06 -16.34
CA THR A 284 9.37 29.04 -15.40
C THR A 284 9.53 28.58 -13.96
N TYR A 285 9.27 27.29 -13.70
CA TYR A 285 9.33 26.75 -12.35
C TYR A 285 10.68 26.11 -12.03
N GLY A 286 11.70 26.38 -12.84
CA GLY A 286 13.03 25.86 -12.54
C GLY A 286 13.10 24.35 -12.53
N LEU A 287 12.46 23.69 -13.49
CA LEU A 287 12.49 22.24 -13.60
C LEU A 287 13.19 21.76 -14.87
N SER A 288 13.85 22.67 -15.59
CA SER A 288 14.49 22.28 -16.84
C SER A 288 15.54 21.21 -16.63
N HIS A 289 16.30 21.30 -15.54
CA HIS A 289 17.32 20.30 -15.26
C HIS A 289 16.73 18.95 -14.85
N THR A 290 15.45 18.89 -14.53
CA THR A 290 14.80 17.65 -14.15
C THR A 290 14.18 16.91 -15.33
N ARG A 291 14.32 17.43 -16.54
CA ARG A 291 13.82 16.72 -17.71
C ARG A 291 14.54 15.39 -17.86
N ASN A 292 13.81 14.41 -18.40
CA ASN A 292 14.36 13.06 -18.62
C ASN A 292 14.72 12.37 -17.31
N THR A 293 14.12 12.79 -16.20
CA THR A 293 14.35 12.19 -14.90
C THR A 293 13.03 11.70 -14.34
N ASN A 294 13.02 10.49 -13.80
CA ASN A 294 11.79 9.93 -13.25
C ASN A 294 11.27 10.80 -12.11
N VAL A 295 9.96 11.04 -12.12
CA VAL A 295 9.35 11.83 -11.06
C VAL A 295 9.57 11.16 -9.71
N GLY A 296 9.45 9.85 -9.66
CA GLY A 296 9.75 9.11 -8.45
C GLY A 296 8.62 9.18 -7.43
N ASN A 297 8.92 8.62 -6.26
CA ASN A 297 7.97 8.52 -5.17
C ASN A 297 8.76 8.32 -3.89
N ASP A 298 8.06 8.18 -2.76
CA ASP A 298 8.75 7.89 -1.51
C ASP A 298 9.54 6.59 -1.59
N PHE A 299 9.07 5.64 -2.40
CA PHE A 299 9.76 4.37 -2.58
C PHE A 299 10.67 4.41 -3.81
N VAL A 300 10.13 4.85 -4.96
CA VAL A 300 10.91 4.90 -6.20
C VAL A 300 11.76 6.16 -6.18
N ARG A 301 13.06 6.00 -6.41
CA ARG A 301 13.96 7.13 -6.42
C ARG A 301 13.79 7.96 -7.68
N GLY A 302 13.82 9.28 -7.53
CA GLY A 302 13.68 10.19 -8.64
C GLY A 302 14.11 11.60 -8.27
N VAL A 303 13.36 12.60 -8.74
CA VAL A 303 13.66 13.98 -8.37
C VAL A 303 13.47 14.15 -6.86
N SER A 304 14.08 15.21 -6.33
CA SER A 304 14.04 15.44 -4.89
C SER A 304 12.62 15.77 -4.44
N GLY A 305 12.39 15.63 -3.13
CA GLY A 305 11.08 15.94 -2.58
C GLY A 305 10.67 17.38 -2.83
N GLY A 306 11.61 18.31 -2.76
CA GLY A 306 11.30 19.70 -3.06
C GLY A 306 11.04 19.98 -4.52
N GLU A 307 11.51 19.10 -5.41
CA GLU A 307 11.22 19.25 -6.83
C GLU A 307 9.89 18.63 -7.21
N ARG A 308 9.44 17.62 -6.47
CA ARG A 308 8.14 17.03 -6.74
C ARG A 308 7.01 18.03 -6.51
N LYS A 309 7.14 18.86 -5.48
CA LYS A 309 6.14 19.89 -5.23
C LYS A 309 6.09 20.89 -6.38
N ARG A 310 7.25 21.29 -6.89
CA ARG A 310 7.26 22.21 -8.04
C ARG A 310 6.71 21.54 -9.28
N VAL A 311 6.95 20.23 -9.44
CA VAL A 311 6.33 19.50 -10.55
C VAL A 311 4.82 19.51 -10.42
N SER A 312 4.32 19.32 -9.21
CA SER A 312 2.87 19.38 -8.99
C SER A 312 2.31 20.75 -9.33
N ILE A 313 3.01 21.81 -8.90
CA ILE A 313 2.57 23.16 -9.23
C ILE A 313 2.56 23.37 -10.74
N ALA A 314 3.61 22.92 -11.41
CA ALA A 314 3.70 23.11 -12.86
C ALA A 314 2.59 22.37 -13.57
N GLU A 315 2.30 21.14 -13.14
CA GLU A 315 1.22 20.37 -13.76
C GLU A 315 -0.13 21.03 -13.51
N ALA A 316 -0.37 21.50 -12.29
CA ALA A 316 -1.65 22.14 -11.99
C ALA A 316 -1.84 23.42 -12.80
N SER A 317 -0.78 24.21 -12.94
CA SER A 317 -0.89 25.46 -13.68
C SER A 317 -0.94 25.22 -15.18
N LEU A 318 -0.32 24.12 -15.64
CA LEU A 318 -0.30 23.82 -17.07
C LEU A 318 -1.66 23.30 -17.55
N SER A 319 -2.43 22.67 -16.67
CA SER A 319 -3.75 22.17 -17.03
C SER A 319 -4.80 23.26 -17.07
N GLY A 320 -4.47 24.49 -16.66
CA GLY A 320 -5.40 25.59 -16.75
C GLY A 320 -6.17 25.84 -15.47
N ALA A 321 -5.47 25.86 -14.34
CA ALA A 321 -6.09 26.13 -13.04
C ALA A 321 -5.76 27.55 -12.63
N ASN A 322 -6.79 28.33 -12.32
CA ASN A 322 -6.65 29.72 -11.91
C ASN A 322 -6.62 29.88 -10.39
N ILE A 323 -7.58 29.27 -9.69
CA ILE A 323 -7.61 29.25 -8.24
C ILE A 323 -7.04 27.92 -7.78
N GLN A 324 -6.03 27.97 -6.92
CA GLN A 324 -5.32 26.77 -6.47
C GLN A 324 -5.21 26.81 -4.96
N CYS A 325 -5.83 25.84 -4.29
CA CYS A 325 -5.84 25.78 -2.83
C CYS A 325 -4.95 24.65 -2.36
N TRP A 326 -4.07 24.95 -1.40
CA TRP A 326 -3.16 23.96 -0.83
C TRP A 326 -3.29 23.98 0.69
N ASP A 327 -3.30 22.80 1.30
CA ASP A 327 -3.27 22.66 2.76
C ASP A 327 -2.02 21.88 3.15
N ASN A 328 -1.13 22.53 3.89
CA ASN A 328 0.06 21.87 4.44
C ASN A 328 0.85 21.17 3.34
N ALA A 329 0.83 21.75 2.14
CA ALA A 329 1.61 21.19 1.04
C ALA A 329 3.11 21.21 1.35
N THR A 330 3.54 22.03 2.30
CA THR A 330 4.94 22.12 2.68
C THR A 330 5.25 21.36 3.96
N ARG A 331 4.30 20.55 4.46
CA ARG A 331 4.52 19.81 5.69
C ARG A 331 5.60 18.76 5.47
N GLY A 332 6.57 18.72 6.39
CA GLY A 332 7.69 17.81 6.25
C GLY A 332 8.79 18.29 5.34
N LEU A 333 8.85 19.60 5.07
CA LEU A 333 9.87 20.19 4.23
C LEU A 333 10.73 21.16 5.04
N ASP A 334 12.03 21.17 4.77
CA ASP A 334 12.91 22.11 5.43
C ASP A 334 12.65 23.52 4.90
N SER A 335 13.08 24.52 5.67
CA SER A 335 12.80 25.90 5.32
C SER A 335 13.37 26.25 3.95
N ALA A 336 14.54 25.71 3.61
CA ALA A 336 15.15 26.01 2.33
C ALA A 336 14.27 25.57 1.16
N THR A 337 13.46 24.52 1.36
CA THR A 337 12.59 24.01 0.31
C THR A 337 11.17 24.58 0.40
N ALA A 338 10.67 24.80 1.62
CA ALA A 338 9.39 25.48 1.76
C ALA A 338 9.45 26.88 1.17
N LEU A 339 10.58 27.56 1.35
CA LEU A 339 10.75 28.87 0.76
C LEU A 339 10.67 28.80 -0.76
N GLU A 340 11.29 27.77 -1.35
CA GLU A 340 11.21 27.61 -2.80
C GLU A 340 9.79 27.30 -3.25
N PHE A 341 9.05 26.52 -2.45
CA PHE A 341 7.65 26.26 -2.77
C PHE A 341 6.85 27.55 -2.79
N ILE A 342 7.02 28.38 -1.76
CA ILE A 342 6.30 29.66 -1.71
C ILE A 342 6.75 30.56 -2.85
N ARG A 343 8.03 30.49 -3.21
CA ARG A 343 8.53 31.29 -4.32
C ARG A 343 7.89 30.87 -5.63
N ALA A 344 7.73 29.56 -5.84
CA ALA A 344 7.06 29.07 -7.04
C ALA A 344 5.61 29.52 -7.07
N LEU A 345 4.93 29.46 -5.92
CA LEU A 345 3.55 29.94 -5.88
C LEU A 345 3.48 31.43 -6.22
N LYS A 346 4.41 32.22 -5.69
CA LYS A 346 4.43 33.65 -5.98
C LYS A 346 4.71 33.90 -7.45
N THR A 347 5.63 33.13 -8.04
CA THR A 347 5.94 33.29 -9.45
C THR A 347 4.72 32.99 -10.30
N SER A 348 4.00 31.90 -9.99
CA SER A 348 2.79 31.59 -10.73
C SER A 348 1.74 32.69 -10.57
N ALA A 349 1.63 33.25 -9.37
CA ALA A 349 0.66 34.32 -9.15
C ALA A 349 1.01 35.56 -9.96
N VAL A 350 2.28 35.94 -10.00
CA VAL A 350 2.64 37.21 -10.61
C VAL A 350 2.74 37.11 -12.13
N ILE A 351 3.18 35.97 -12.66
CA ILE A 351 3.38 35.80 -14.09
C ILE A 351 2.10 35.31 -14.77
N LEU A 352 1.55 34.20 -14.30
CA LEU A 352 0.40 33.57 -14.93
C LEU A 352 -0.93 34.05 -14.37
N ASP A 353 -0.92 35.01 -13.46
CA ASP A 353 -2.15 35.60 -12.92
C ASP A 353 -3.06 34.54 -12.30
N THR A 354 -2.44 33.57 -11.62
CA THR A 354 -3.20 32.59 -10.86
C THR A 354 -3.57 33.17 -9.49
N THR A 355 -4.43 32.44 -8.77
CA THR A 355 -4.87 32.81 -7.42
C THR A 355 -4.48 31.68 -6.49
N PRO A 356 -3.28 31.71 -5.92
CA PRO A 356 -2.88 30.67 -4.97
C PRO A 356 -3.23 30.99 -3.53
N LEU A 357 -3.90 30.05 -2.87
CA LEU A 357 -4.18 30.12 -1.45
C LEU A 357 -3.47 28.95 -0.78
N ILE A 358 -2.75 29.23 0.30
CA ILE A 358 -1.98 28.21 1.00
C ILE A 358 -2.28 28.29 2.49
N ALA A 359 -2.51 27.13 3.10
CA ALA A 359 -2.69 27.02 4.55
C ALA A 359 -1.44 26.39 5.12
N ILE A 360 -0.67 27.18 5.87
CA ILE A 360 0.62 26.76 6.39
C ILE A 360 0.62 26.88 7.91
N TYR A 361 1.43 26.06 8.56
CA TYR A 361 1.55 26.05 10.00
C TYR A 361 2.94 26.41 10.51
N GLN A 362 3.97 26.30 9.68
CA GLN A 362 5.34 26.66 10.05
C GLN A 362 5.88 27.55 8.94
N CYS A 363 5.75 28.86 9.13
CA CYS A 363 6.14 29.85 8.12
C CYS A 363 7.30 30.68 8.64
N SER A 364 8.33 30.82 7.84
CA SER A 364 9.47 31.66 8.18
C SER A 364 9.19 33.11 7.78
N GLN A 365 10.02 34.02 8.30
CA GLN A 365 9.86 35.43 7.96
C GLN A 365 10.09 35.68 6.48
N ASP A 366 11.11 35.03 5.90
CA ASP A 366 11.37 35.20 4.47
C ASP A 366 10.18 34.74 3.64
N ALA A 367 9.60 33.59 3.99
CA ALA A 367 8.43 33.11 3.28
C ALA A 367 7.24 34.05 3.51
N TYR A 368 7.05 34.52 4.74
CA TYR A 368 5.93 35.41 5.03
C TYR A 368 6.05 36.72 4.27
N ASP A 369 7.27 37.15 3.94
CA ASP A 369 7.44 38.41 3.22
C ASP A 369 6.90 38.34 1.80
N LEU A 370 6.62 37.14 1.29
CA LEU A 370 6.09 36.97 -0.06
C LEU A 370 4.57 37.02 -0.13
N PHE A 371 3.88 36.80 0.98
CA PHE A 371 2.42 36.74 0.96
C PHE A 371 1.83 38.14 0.79
N ASP A 372 0.76 38.22 0.01
CA ASP A 372 0.07 39.49 -0.24
C ASP A 372 -1.10 39.72 0.70
N LYS A 373 -1.82 38.66 1.05
CA LYS A 373 -2.96 38.76 1.95
C LYS A 373 -2.96 37.59 2.91
N VAL A 374 -3.52 37.83 4.10
CA VAL A 374 -3.54 36.84 5.18
C VAL A 374 -4.93 36.81 5.79
N VAL A 375 -5.41 35.62 6.12
CA VAL A 375 -6.66 35.44 6.85
C VAL A 375 -6.35 34.61 8.09
N VAL A 376 -6.70 35.14 9.26
CA VAL A 376 -6.37 34.53 10.55
C VAL A 376 -7.62 33.89 11.12
N LEU A 377 -7.51 32.61 11.48
CA LEU A 377 -8.64 31.83 11.98
C LEU A 377 -8.40 31.46 13.44
N TYR A 378 -9.43 31.64 14.26
CA TYR A 378 -9.39 31.30 15.68
C TYR A 378 -10.64 30.47 15.97
N GLU A 379 -10.46 29.15 16.07
CA GLU A 379 -11.57 28.24 16.35
C GLU A 379 -12.73 28.48 15.40
N GLY A 380 -12.41 28.68 14.12
CA GLY A 380 -13.41 28.86 13.10
C GLY A 380 -13.88 30.29 12.89
N TYR A 381 -13.43 31.23 13.71
CA TYR A 381 -13.80 32.63 13.57
C TYR A 381 -12.69 33.37 12.81
N GLN A 382 -13.07 34.10 11.77
CA GLN A 382 -12.12 34.91 11.03
C GLN A 382 -11.88 36.19 11.82
N ILE A 383 -10.68 36.33 12.39
CA ILE A 383 -10.37 37.46 13.26
C ILE A 383 -9.62 38.57 12.54
N PHE A 384 -9.16 38.35 11.32
CA PHE A 384 -8.53 39.42 10.55
C PHE A 384 -8.35 38.96 9.11
N PHE A 385 -8.62 39.85 8.16
CA PHE A 385 -8.30 39.65 6.77
C PHE A 385 -7.80 40.95 6.17
N GLY A 386 -6.66 40.90 5.49
CA GLY A 386 -6.11 42.10 4.89
C GLY A 386 -4.69 41.85 4.43
N LYS A 387 -3.98 42.95 4.15
CA LYS A 387 -2.61 42.86 3.68
C LYS A 387 -1.74 42.19 4.74
N ALA A 388 -0.80 41.36 4.29
CA ALA A 388 0.06 40.63 5.21
C ALA A 388 1.00 41.57 5.98
N THR A 389 1.22 42.79 5.48
CA THR A 389 2.10 43.74 6.13
C THR A 389 1.40 44.60 7.17
N LYS A 390 0.09 44.42 7.36
CA LYS A 390 -0.67 45.22 8.31
C LYS A 390 -1.28 44.40 9.44
N ALA A 391 -1.20 43.07 9.39
CA ALA A 391 -1.78 42.26 10.46
C ALA A 391 -1.07 42.52 11.78
N LYS A 392 0.26 42.62 11.76
CA LYS A 392 1.02 42.83 12.99
C LYS A 392 0.64 44.14 13.65
N GLU A 393 0.56 45.21 12.88
CA GLU A 393 0.18 46.51 13.45
C GLU A 393 -1.24 46.46 13.99
N TYR A 394 -2.15 45.82 13.25
CA TYR A 394 -3.55 45.73 13.69
C TYR A 394 -3.65 45.01 15.03
N PHE A 395 -2.91 43.90 15.18
CA PHE A 395 -2.99 43.14 16.42
C PHE A 395 -2.20 43.81 17.56
N GLU A 396 -1.18 44.60 17.23
CA GLU A 396 -0.48 45.34 18.28
C GLU A 396 -1.35 46.48 18.81
N LYS A 397 -2.08 47.16 17.92
CA LYS A 397 -3.03 48.16 18.37
C LYS A 397 -4.12 47.54 19.24
N MET A 398 -4.42 46.26 19.02
CA MET A 398 -5.41 45.58 19.84
C MET A 398 -4.98 45.51 21.30
N GLY A 399 -3.67 45.54 21.55
CA GLY A 399 -3.15 45.51 22.90
C GLY A 399 -2.33 44.27 23.21
N TRP A 400 -1.65 43.72 22.21
CA TRP A 400 -0.82 42.55 22.36
C TRP A 400 0.64 42.90 22.13
N LYS A 401 1.53 42.27 22.89
CA LYS A 401 2.96 42.50 22.79
C LYS A 401 3.60 41.36 22.03
N CYS A 402 4.30 41.68 20.95
CA CYS A 402 5.03 40.66 20.19
C CYS A 402 6.40 40.44 20.81
N PRO A 403 6.71 39.24 21.29
CA PRO A 403 8.05 39.02 21.85
C PRO A 403 9.14 39.20 20.81
N GLN A 404 10.29 39.66 21.27
CA GLN A 404 11.41 39.91 20.38
C GLN A 404 11.87 38.62 19.73
N ARG A 405 12.41 38.75 18.51
CA ARG A 405 12.94 37.61 17.75
C ARG A 405 11.85 36.61 17.39
N GLN A 406 10.61 37.07 17.26
CA GLN A 406 9.49 36.21 16.90
C GLN A 406 8.97 36.60 15.52
N THR A 407 8.87 35.63 14.63
CA THR A 407 8.33 35.87 13.30
C THR A 407 6.85 36.25 13.39
N THR A 408 6.43 37.12 12.46
CA THR A 408 5.06 37.61 12.51
C THR A 408 4.04 36.48 12.34
N ALA A 409 4.36 35.47 11.52
CA ALA A 409 3.44 34.34 11.39
C ALA A 409 3.26 33.62 12.72
N ASP A 410 4.36 33.38 13.43
CA ASP A 410 4.26 32.74 14.73
C ASP A 410 3.53 33.63 15.72
N PHE A 411 3.74 34.95 15.64
CA PHE A 411 3.03 35.87 16.52
C PHE A 411 1.51 35.78 16.30
N LEU A 412 1.08 35.82 15.04
CA LEU A 412 -0.34 35.72 14.74
C LEU A 412 -0.90 34.37 15.19
N THR A 413 -0.17 33.28 14.94
CA THR A 413 -0.65 31.97 15.35
C THR A 413 -0.75 31.86 16.86
N SER A 414 0.23 32.39 17.59
CA SER A 414 0.23 32.29 19.05
C SER A 414 -0.77 33.23 19.67
N LEU A 415 -1.23 34.26 18.95
CA LEU A 415 -2.29 35.11 19.50
C LEU A 415 -3.59 34.35 19.74
N THR A 416 -3.65 33.06 19.43
CA THR A 416 -4.79 32.22 19.77
C THR A 416 -4.45 31.20 20.85
N ASN A 417 -3.24 31.26 21.43
CA ASN A 417 -2.82 30.30 22.44
C ASN A 417 -2.82 30.96 23.81
N PRO A 418 -3.70 30.58 24.72
CA PRO A 418 -3.68 31.22 26.05
C PRO A 418 -2.34 31.15 26.76
N ALA A 419 -1.61 30.04 26.62
CA ALA A 419 -0.31 29.94 27.26
C ALA A 419 0.63 31.04 26.77
N GLU A 420 0.66 31.26 25.47
CA GLU A 420 1.34 32.39 24.86
C GLU A 420 0.39 33.58 24.87
N ARG A 421 0.66 34.60 24.05
CA ARG A 421 -0.21 35.77 23.94
C ARG A 421 -0.26 36.53 25.27
N GLU A 422 0.90 37.09 25.61
CA GLU A 422 1.01 37.97 26.78
C GLU A 422 0.55 39.37 26.39
N PRO A 423 -0.42 39.95 27.11
CA PRO A 423 -0.87 41.31 26.76
C PRO A 423 0.17 42.35 27.06
N LEU A 424 0.01 43.51 26.41
CA LEU A 424 0.91 44.63 26.64
C LEU A 424 0.71 45.19 28.04
N PRO A 425 1.70 45.88 28.59
CA PRO A 425 1.51 46.54 29.90
C PRO A 425 0.54 47.70 29.77
N GLY A 426 -0.51 47.67 30.58
CA GLY A 426 -1.56 48.66 30.52
C GLY A 426 -2.77 48.25 29.71
N TYR A 427 -2.64 47.24 28.86
CA TYR A 427 -3.75 46.70 28.09
C TYR A 427 -4.27 45.39 28.67
N GLU A 428 -3.75 44.97 29.82
CA GLU A 428 -4.11 43.65 30.37
C GLU A 428 -5.59 43.55 30.72
N ASP A 429 -6.27 44.68 30.92
CA ASP A 429 -7.68 44.65 31.29
C ASP A 429 -8.61 44.66 30.08
N LYS A 430 -8.21 45.34 28.99
CA LYS A 430 -9.05 45.49 27.80
C LYS A 430 -8.36 44.81 26.63
N VAL A 431 -8.58 43.51 26.50
CA VAL A 431 -8.07 42.74 25.36
C VAL A 431 -9.01 41.54 25.16
N PRO A 432 -9.39 41.22 23.93
CA PRO A 432 -10.19 40.00 23.72
C PRO A 432 -9.45 38.78 24.22
N ARG A 433 -10.20 37.86 24.85
CA ARG A 433 -9.63 36.65 25.42
C ARG A 433 -10.21 35.38 24.82
N THR A 434 -11.45 35.40 24.35
CA THR A 434 -12.08 34.28 23.69
C THR A 434 -12.37 34.63 22.23
N ALA A 435 -12.61 33.59 21.43
CA ALA A 435 -12.79 33.79 20.00
C ALA A 435 -13.93 34.77 19.70
N GLN A 436 -15.00 34.72 20.49
CA GLN A 436 -16.12 35.62 20.25
C GLN A 436 -15.70 37.08 20.42
N GLU A 437 -14.91 37.38 21.45
CA GLU A 437 -14.44 38.74 21.64
C GLU A 437 -13.55 39.19 20.49
N PHE A 438 -12.66 38.30 20.03
CA PHE A 438 -11.82 38.63 18.88
C PHE A 438 -12.67 38.94 17.65
N GLU A 439 -13.68 38.12 17.39
CA GLU A 439 -14.53 38.34 16.23
C GLU A 439 -15.30 39.65 16.36
N THR A 440 -15.80 39.96 17.56
CA THR A 440 -16.51 41.22 17.75
C THR A 440 -15.59 42.41 17.52
N TYR A 441 -14.36 42.34 18.03
CA TYR A 441 -13.39 43.42 17.77
C TYR A 441 -13.15 43.56 16.28
N TRP A 442 -12.93 42.44 15.58
CA TRP A 442 -12.66 42.50 14.15
C TRP A 442 -13.83 43.14 13.41
N LYS A 443 -15.06 42.74 13.76
CA LYS A 443 -16.24 43.30 13.10
C LYS A 443 -16.37 44.79 13.37
N ASN A 444 -16.08 45.22 14.60
CA ASN A 444 -16.24 46.63 14.95
C ASN A 444 -15.14 47.51 14.36
N SER A 445 -14.01 46.93 13.98
CA SER A 445 -12.89 47.74 13.53
C SER A 445 -13.19 48.37 12.17
N PRO A 446 -12.57 49.52 11.87
CA PRO A 446 -12.77 50.14 10.55
C PRO A 446 -12.28 49.28 9.40
N GLU A 447 -11.30 48.41 9.63
CA GLU A 447 -10.81 47.54 8.57
C GLU A 447 -11.93 46.64 8.05
N TYR A 448 -12.75 46.11 8.96
CA TYR A 448 -13.88 45.29 8.54
C TYR A 448 -14.87 46.10 7.71
N ALA A 449 -15.13 47.35 8.10
CA ALA A 449 -16.03 48.19 7.33
C ALA A 449 -15.50 48.41 5.92
N GLU A 450 -14.21 48.72 5.80
CA GLU A 450 -13.63 48.92 4.47
C GLU A 450 -13.68 47.65 3.65
N LEU A 451 -13.38 46.51 4.27
CA LEU A 451 -13.43 45.23 3.55
C LEU A 451 -14.84 44.93 3.06
N THR A 452 -15.85 45.16 3.91
CA THR A 452 -17.22 44.92 3.50
C THR A 452 -17.63 45.84 2.35
N LYS A 453 -17.22 47.11 2.43
CA LYS A 453 -17.53 48.03 1.33
C LYS A 453 -16.90 47.56 0.03
N GLU A 454 -15.64 47.14 0.09
CA GLU A 454 -14.98 46.68 -1.13
C GLU A 454 -15.64 45.42 -1.69
N ILE A 455 -16.01 44.50 -0.81
CA ILE A 455 -16.65 43.25 -1.27
C ILE A 455 -18.01 43.56 -1.88
N ASP A 456 -18.77 44.48 -1.28
CA ASP A 456 -20.06 44.84 -1.85
C ASP A 456 -19.90 45.49 -3.22
N GLU A 457 -18.90 46.38 -3.36
CA GLU A 457 -18.65 46.99 -4.66
C GLU A 457 -18.26 45.93 -5.69
N TYR A 458 -17.43 44.97 -5.29
CA TYR A 458 -17.04 43.89 -6.20
C TYR A 458 -18.23 43.06 -6.62
N PHE A 459 -19.12 42.74 -5.67
CA PHE A 459 -20.33 41.99 -5.99
C PHE A 459 -21.20 42.77 -6.98
N VAL A 460 -21.36 44.07 -6.76
CA VAL A 460 -22.18 44.87 -7.66
C VAL A 460 -21.58 44.89 -9.05
N GLU A 461 -20.25 45.08 -9.14
CA GLU A 461 -19.60 45.10 -10.44
C GLU A 461 -19.77 43.77 -11.16
N CYS A 462 -19.58 42.67 -10.44
CA CYS A 462 -19.73 41.35 -11.05
C CYS A 462 -21.16 41.13 -11.55
N GLU A 463 -22.15 41.53 -10.74
CA GLU A 463 -23.54 41.34 -11.15
C GLU A 463 -23.87 42.20 -12.38
N ARG A 464 -23.34 43.42 -12.43
CA ARG A 464 -23.68 44.32 -13.54
C ARG A 464 -23.25 43.72 -14.87
N SER A 465 -22.05 43.15 -14.94
CA SER A 465 -21.55 42.55 -16.17
C SER A 465 -21.52 41.03 -16.06
N PRO A 485 -20.35 26.03 -21.66
CA PRO A 485 -19.65 24.76 -21.87
C PRO A 485 -20.22 23.61 -21.03
N ALA A 486 -20.90 22.68 -21.68
CA ALA A 486 -21.45 21.54 -20.97
C ALA A 486 -20.36 20.59 -20.47
N SER A 487 -19.30 20.40 -21.26
CA SER A 487 -18.22 19.49 -20.90
C SER A 487 -17.01 20.29 -20.45
N PRO A 488 -16.57 20.18 -19.19
CA PRO A 488 -15.36 20.90 -18.78
C PRO A 488 -14.11 20.46 -19.51
N TYR A 489 -14.12 19.28 -20.13
CA TYR A 489 -12.95 18.77 -20.83
C TYR A 489 -12.76 19.50 -22.14
N THR A 490 -11.52 19.48 -22.64
CA THR A 490 -11.14 20.25 -23.83
C THR A 490 -11.13 19.41 -25.10
N VAL A 491 -10.53 18.23 -25.06
CA VAL A 491 -10.40 17.39 -26.24
C VAL A 491 -11.54 16.38 -26.26
N SER A 492 -11.77 15.81 -27.43
CA SER A 492 -12.85 14.85 -27.62
C SER A 492 -12.48 13.50 -26.99
N PHE A 493 -13.50 12.65 -26.83
CA PHE A 493 -13.31 11.37 -26.17
C PHE A 493 -12.27 10.52 -26.90
N PHE A 494 -12.31 10.51 -28.22
CA PHE A 494 -11.33 9.75 -28.98
C PHE A 494 -9.92 10.23 -28.70
N MET A 495 -9.72 11.54 -28.64
CA MET A 495 -8.40 12.10 -28.34
C MET A 495 -7.96 11.72 -26.93
N GLN A 496 -8.88 11.74 -25.97
CA GLN A 496 -8.53 11.33 -24.61
C GLN A 496 -8.09 9.87 -24.59
N VAL A 497 -8.81 9.00 -25.30
CA VAL A 497 -8.43 7.59 -25.34
C VAL A 497 -7.06 7.42 -25.99
N ARG A 498 -6.81 8.15 -27.09
CA ARG A 498 -5.54 8.04 -27.77
C ARG A 498 -4.38 8.46 -26.87
N TYR A 499 -4.55 9.59 -26.18
CA TYR A 499 -3.47 10.07 -25.30
C TYR A 499 -3.29 9.13 -24.10
N GLY A 500 -4.38 8.57 -23.57
CA GLY A 500 -4.25 7.59 -22.51
C GLY A 500 -3.48 6.36 -22.97
N VAL A 501 -3.76 5.89 -24.18
CA VAL A 501 -3.04 4.73 -24.72
C VAL A 501 -1.56 5.06 -24.87
N ALA A 502 -1.25 6.24 -25.41
CA ALA A 502 0.14 6.62 -25.56
C ALA A 502 0.85 6.70 -24.22
N ARG A 503 0.20 7.30 -23.22
CA ARG A 503 0.82 7.40 -21.90
C ARG A 503 1.02 6.02 -21.28
N ASN A 504 0.06 5.11 -21.48
CA ASN A 504 0.21 3.77 -20.93
C ASN A 504 1.35 3.02 -21.61
N PHE A 505 1.52 3.20 -22.92
CA PHE A 505 2.67 2.61 -23.59
C PHE A 505 3.97 3.18 -23.05
N LEU A 506 4.02 4.50 -22.82
CA LEU A 506 5.22 5.11 -22.25
C LEU A 506 5.49 4.56 -20.84
N ARG A 507 4.44 4.39 -20.05
CA ARG A 507 4.60 3.84 -18.70
C ARG A 507 5.12 2.41 -18.76
N MET A 508 4.60 1.60 -19.69
CA MET A 508 5.12 0.24 -19.84
C MET A 508 6.59 0.26 -20.25
N LYS A 509 6.95 1.17 -21.15
CA LYS A 509 8.35 1.28 -21.57
C LYS A 509 9.24 1.66 -20.38
N GLY A 510 8.76 2.57 -19.52
CA GLY A 510 9.55 2.98 -18.37
C GLY A 510 9.78 1.84 -17.39
N ASP A 511 8.77 0.98 -17.20
CA ASP A 511 8.86 -0.15 -16.28
C ASP A 511 8.41 -1.40 -17.02
N PRO A 512 9.26 -1.95 -17.89
CA PRO A 512 8.90 -3.14 -18.66
C PRO A 512 9.07 -4.45 -17.89
N SER A 513 9.21 -4.40 -16.57
CA SER A 513 9.40 -5.63 -15.80
C SER A 513 8.12 -6.46 -15.76
N ILE A 514 6.97 -5.81 -15.56
CA ILE A 514 5.73 -6.55 -15.37
C ILE A 514 5.34 -7.35 -16.61
N PRO A 515 5.31 -6.77 -17.81
CA PRO A 515 4.93 -7.58 -18.98
C PRO A 515 5.89 -8.72 -19.25
N ILE A 516 7.19 -8.46 -19.14
CA ILE A 516 8.18 -9.52 -19.38
C ILE A 516 8.01 -10.64 -18.38
N PHE A 517 7.86 -10.30 -17.10
CA PHE A 517 7.67 -11.31 -16.08
C PHE A 517 6.41 -12.12 -16.33
N SER A 518 5.31 -11.44 -16.69
CA SER A 518 4.06 -12.16 -16.92
C SER A 518 4.19 -13.12 -18.09
N VAL A 519 4.80 -12.66 -19.19
CA VAL A 519 4.94 -13.52 -20.37
C VAL A 519 5.83 -14.71 -20.07
N PHE A 520 6.97 -14.47 -19.41
CA PHE A 520 7.88 -15.56 -19.11
C PHE A 520 7.26 -16.56 -18.15
N GLY A 521 6.53 -16.07 -17.13
CA GLY A 521 5.84 -16.98 -16.23
C GLY A 521 4.80 -17.80 -16.95
N GLN A 522 4.01 -17.17 -17.83
CA GLN A 522 3.03 -17.92 -18.60
C GLN A 522 3.70 -19.01 -19.43
N LEU A 523 4.79 -18.66 -20.12
CA LEU A 523 5.48 -19.64 -20.95
C LEU A 523 6.00 -20.80 -20.11
N VAL A 524 6.69 -20.50 -19.00
CA VAL A 524 7.32 -21.54 -18.20
C VAL A 524 6.26 -22.45 -17.58
N MET A 525 5.21 -21.86 -17.00
CA MET A 525 4.19 -22.66 -16.36
C MET A 525 3.37 -23.45 -17.36
N GLY A 526 3.11 -22.90 -18.55
CA GLY A 526 2.46 -23.69 -19.59
C GLY A 526 3.32 -24.86 -20.04
N LEU A 527 4.62 -24.65 -20.15
CA LEU A 527 5.53 -25.75 -20.50
C LEU A 527 5.48 -26.84 -19.42
N ILE A 528 5.55 -26.43 -18.16
CA ILE A 528 5.52 -27.41 -17.07
C ILE A 528 4.19 -28.16 -17.05
N LEU A 529 3.09 -27.45 -17.24
CA LEU A 529 1.78 -28.10 -17.23
C LEU A 529 1.62 -29.05 -18.40
N SER A 530 2.10 -28.68 -19.59
CA SER A 530 2.05 -29.59 -20.73
C SER A 530 2.99 -30.77 -20.56
N SER A 531 4.02 -30.64 -19.73
CA SER A 531 4.92 -31.76 -19.50
C SER A 531 4.18 -32.95 -18.90
N VAL A 532 3.31 -32.72 -17.92
CA VAL A 532 2.59 -33.82 -17.28
C VAL A 532 1.60 -34.45 -18.27
N PHE A 533 0.99 -33.65 -19.13
CA PHE A 533 0.04 -34.13 -20.13
C PHE A 533 0.71 -34.40 -21.47
N TYR A 534 1.98 -34.74 -21.48
CA TYR A 534 2.73 -34.79 -22.73
C TYR A 534 2.26 -35.95 -23.61
N ASN A 535 1.96 -35.64 -24.87
CA ASN A 535 1.71 -36.64 -25.91
C ASN A 535 0.61 -37.63 -25.49
N LEU A 536 -0.59 -37.08 -25.33
CA LEU A 536 -1.75 -37.91 -25.03
C LEU A 536 -1.99 -38.92 -26.14
N SER A 537 -2.25 -40.16 -25.77
CA SER A 537 -2.41 -41.23 -26.74
C SER A 537 -3.73 -41.09 -27.48
N GLN A 538 -3.87 -41.87 -28.56
CA GLN A 538 -5.04 -41.82 -29.42
C GLN A 538 -6.10 -42.85 -29.05
N THR A 539 -5.88 -43.64 -28.01
CA THR A 539 -6.86 -44.64 -27.60
C THR A 539 -7.82 -44.05 -26.58
N THR A 540 -8.71 -44.89 -26.05
CA THR A 540 -9.68 -44.42 -25.06
C THR A 540 -9.04 -44.17 -23.70
N GLY A 541 -7.82 -44.68 -23.47
CA GLY A 541 -7.16 -44.44 -22.21
C GLY A 541 -6.93 -42.97 -21.93
N SER A 542 -6.88 -42.14 -22.98
CA SER A 542 -6.69 -40.71 -22.84
C SER A 542 -7.99 -39.95 -22.63
N PHE A 543 -9.14 -40.64 -22.70
CA PHE A 543 -10.42 -39.95 -22.58
C PHE A 543 -10.46 -39.08 -21.33
N TYR A 544 -9.98 -39.61 -20.20
CA TYR A 544 -9.93 -38.80 -18.99
C TYR A 544 -8.94 -37.66 -19.14
N TYR A 545 -7.72 -37.96 -19.57
CA TYR A 545 -6.68 -36.94 -19.62
C TYR A 545 -7.04 -35.84 -20.62
N ARG A 546 -7.54 -36.20 -21.79
CA ARG A 546 -7.99 -35.19 -22.74
C ARG A 546 -9.06 -34.30 -22.10
N GLY A 547 -9.89 -34.87 -21.22
CA GLY A 547 -10.84 -34.05 -20.49
C GLY A 547 -10.17 -33.11 -19.51
N ALA A 548 -9.14 -33.60 -18.81
CA ALA A 548 -8.47 -32.77 -17.82
C ALA A 548 -7.65 -31.67 -18.49
N ALA A 549 -6.89 -32.00 -19.53
CA ALA A 549 -6.07 -31.01 -20.20
C ALA A 549 -6.91 -29.83 -20.67
N MET A 550 -7.99 -30.12 -21.42
CA MET A 550 -8.86 -29.04 -21.88
C MET A 550 -9.49 -28.29 -20.74
N PHE A 551 -9.66 -28.94 -19.58
CA PHE A 551 -10.17 -28.22 -18.41
C PHE A 551 -9.11 -27.29 -17.83
N PHE A 552 -7.83 -27.67 -17.92
CA PHE A 552 -6.77 -26.85 -17.37
C PHE A 552 -6.18 -25.88 -18.37
N ALA A 553 -6.43 -26.07 -19.66
CA ALA A 553 -6.11 -25.04 -20.63
C ALA A 553 -6.99 -23.81 -20.43
N VAL A 554 -8.30 -24.02 -20.36
CA VAL A 554 -9.23 -22.91 -20.21
C VAL A 554 -8.92 -22.15 -18.93
N LEU A 555 -8.72 -22.86 -17.82
CA LEU A 555 -8.34 -22.21 -16.58
C LEU A 555 -7.09 -21.36 -16.77
N PHE A 556 -6.08 -21.92 -17.46
CA PHE A 556 -4.87 -21.17 -17.69
C PHE A 556 -5.14 -19.91 -18.51
N ASN A 557 -6.09 -19.96 -19.42
CA ASN A 557 -6.48 -18.78 -20.16
C ASN A 557 -7.42 -17.88 -19.37
N ALA A 558 -8.12 -18.44 -18.37
CA ALA A 558 -9.07 -17.64 -17.60
C ALA A 558 -8.36 -16.65 -16.69
N PHE A 559 -7.35 -17.12 -15.96
CA PHE A 559 -6.69 -16.32 -14.94
C PHE A 559 -5.35 -15.74 -15.39
N SER A 560 -5.02 -15.86 -16.67
CA SER A 560 -3.77 -15.31 -17.17
C SER A 560 -3.71 -13.79 -17.02
N SER A 561 -4.86 -13.12 -16.97
CA SER A 561 -4.93 -11.67 -16.87
C SER A 561 -5.41 -11.21 -15.50
N LEU A 562 -5.11 -11.98 -14.45
CA LEU A 562 -5.55 -11.60 -13.11
C LEU A 562 -4.69 -10.48 -12.53
N LEU A 563 -3.40 -10.44 -12.87
CA LEU A 563 -2.50 -9.47 -12.27
C LEU A 563 -2.68 -8.07 -12.84
N GLU A 564 -3.29 -7.94 -14.02
CA GLU A 564 -3.52 -6.62 -14.58
C GLU A 564 -4.36 -5.75 -13.66
N ILE A 565 -5.16 -6.38 -12.78
CA ILE A 565 -5.97 -5.62 -11.84
C ILE A 565 -5.09 -4.71 -10.99
N MET A 566 -3.84 -5.11 -10.75
CA MET A 566 -2.93 -4.26 -9.98
C MET A 566 -2.78 -2.90 -10.65
N SER A 567 -2.64 -2.89 -11.98
CA SER A 567 -2.52 -1.62 -12.69
C SER A 567 -3.71 -0.71 -12.45
N LEU A 568 -4.88 -1.28 -12.13
CA LEU A 568 -6.04 -0.44 -11.83
C LEU A 568 -5.85 0.31 -10.52
N PHE A 569 -5.29 -0.35 -9.51
CA PHE A 569 -5.17 0.25 -8.20
C PHE A 569 -4.03 1.26 -8.13
N GLU A 570 -2.94 1.02 -8.86
CA GLU A 570 -1.82 1.95 -8.83
C GLU A 570 -2.21 3.29 -9.47
N ALA A 571 -2.92 3.25 -10.59
CA ALA A 571 -3.23 4.45 -11.35
C ALA A 571 -4.54 5.10 -10.94
N ARG A 572 -5.24 4.57 -9.94
CA ARG A 572 -6.52 5.15 -9.56
C ARG A 572 -6.39 6.57 -9.05
N PRO A 573 -5.53 6.88 -8.07
CA PRO A 573 -5.47 8.26 -7.56
C PRO A 573 -5.14 9.28 -8.63
N ILE A 574 -4.24 8.94 -9.55
CA ILE A 574 -3.89 9.85 -10.62
C ILE A 574 -5.09 10.08 -11.53
N VAL A 575 -5.87 9.04 -11.80
CA VAL A 575 -7.05 9.19 -12.62
C VAL A 575 -8.07 10.10 -11.94
N GLU A 576 -8.26 9.92 -10.63
CA GLU A 576 -9.19 10.81 -9.92
C GLU A 576 -8.71 12.25 -9.97
N LYS A 577 -7.40 12.46 -9.77
CA LYS A 577 -6.87 13.82 -9.81
C LYS A 577 -7.09 14.45 -11.17
N HIS A 578 -6.80 13.71 -12.24
CA HIS A 578 -6.95 14.26 -13.58
C HIS A 578 -8.41 14.46 -13.95
N LYS A 579 -9.31 13.67 -13.37
CA LYS A 579 -10.73 13.95 -13.51
C LYS A 579 -11.08 15.26 -12.82
N LYS A 580 -10.54 15.49 -11.62
CA LYS A 580 -10.78 16.74 -10.92
C LYS A 580 -10.11 17.93 -11.61
N TYR A 581 -9.08 17.69 -12.41
CA TYR A 581 -8.45 18.73 -13.21
C TYR A 581 -9.20 19.00 -14.51
N ALA A 582 -10.25 18.24 -14.80
CA ALA A 582 -10.97 18.37 -16.07
C ALA A 582 -10.05 18.14 -17.26
N LEU A 583 -9.32 17.01 -17.21
CA LEU A 583 -8.43 16.60 -18.29
C LEU A 583 -9.04 15.48 -19.12
N TYR A 584 -9.48 14.39 -18.49
CA TYR A 584 -10.14 13.31 -19.20
C TYR A 584 -11.06 12.57 -18.24
N ARG A 585 -12.01 11.83 -18.81
CA ARG A 585 -12.98 11.11 -18.00
C ARG A 585 -12.39 9.76 -17.55
N PRO A 586 -12.89 9.22 -16.44
CA PRO A 586 -12.45 7.87 -16.04
C PRO A 586 -12.76 6.81 -17.07
N SER A 587 -13.86 6.96 -17.81
CA SER A 587 -14.20 5.98 -18.84
C SER A 587 -13.15 5.96 -19.95
N ALA A 588 -12.65 7.13 -20.34
CA ALA A 588 -11.61 7.18 -21.35
C ALA A 588 -10.35 6.48 -20.87
N ASP A 589 -9.99 6.67 -19.60
CA ASP A 589 -8.82 5.98 -19.06
C ASP A 589 -9.05 4.48 -19.01
N ALA A 590 -10.26 4.04 -18.66
CA ALA A 590 -10.55 2.61 -18.65
C ALA A 590 -10.40 2.02 -20.05
N LEU A 591 -10.95 2.69 -21.05
CA LEU A 591 -10.84 2.19 -22.42
C LEU A 591 -9.39 2.17 -22.87
N ALA A 592 -8.62 3.21 -22.53
CA ALA A 592 -7.21 3.24 -22.89
C ALA A 592 -6.44 2.11 -22.21
N SER A 593 -6.74 1.85 -20.94
CA SER A 593 -6.09 0.75 -20.24
C SER A 593 -6.42 -0.59 -20.88
N ILE A 594 -7.67 -0.77 -21.29
CA ILE A 594 -8.05 -2.01 -21.96
C ILE A 594 -7.28 -2.15 -23.27
N ILE A 595 -7.19 -1.08 -24.05
CA ILE A 595 -6.55 -1.16 -25.35
C ILE A 595 -5.04 -1.37 -25.21
N SER A 596 -4.43 -0.77 -24.19
CA SER A 596 -2.97 -0.72 -24.12
C SER A 596 -2.37 -2.10 -23.90
N GLU A 597 -3.05 -2.97 -23.16
CA GLU A 597 -2.51 -4.28 -22.82
C GLU A 597 -2.88 -5.36 -23.83
N LEU A 598 -3.55 -5.00 -24.92
CA LEU A 598 -3.85 -5.99 -25.94
C LEU A 598 -2.59 -6.67 -26.46
N PRO A 599 -1.50 -5.96 -26.75
CA PRO A 599 -0.27 -6.67 -27.14
C PRO A 599 0.20 -7.67 -26.09
N VAL A 600 0.11 -7.32 -24.82
CA VAL A 600 0.52 -8.25 -23.76
C VAL A 600 -0.38 -9.47 -23.73
N LYS A 601 -1.70 -9.25 -23.87
CA LYS A 601 -2.62 -10.38 -23.92
C LYS A 601 -2.31 -11.30 -25.09
N LEU A 602 -2.05 -10.72 -26.27
CA LEU A 602 -1.72 -11.53 -27.43
C LEU A 602 -0.44 -12.31 -27.21
N ALA A 603 0.58 -11.66 -26.66
CA ALA A 603 1.84 -12.35 -26.41
C ALA A 603 1.66 -13.52 -25.45
N MET A 604 0.93 -13.30 -24.35
CA MET A 604 0.69 -14.38 -23.40
C MET A 604 -0.11 -15.51 -24.03
N SER A 605 -1.15 -15.18 -24.78
CA SER A 605 -1.98 -16.20 -25.41
C SER A 605 -1.15 -17.04 -26.37
N MET A 606 -0.35 -16.40 -27.22
CA MET A 606 0.49 -17.15 -28.13
C MET A 606 1.46 -18.04 -27.36
N SER A 607 2.22 -17.44 -26.45
CA SER A 607 3.28 -18.17 -25.76
C SER A 607 2.73 -19.38 -25.02
N PHE A 608 1.53 -19.30 -24.46
CA PHE A 608 0.98 -20.45 -23.77
C PHE A 608 0.33 -21.44 -24.73
N ASN A 609 -0.63 -20.98 -25.54
CA ASN A 609 -1.43 -21.88 -26.35
C ASN A 609 -0.59 -22.63 -27.38
N PHE A 610 0.33 -21.93 -28.06
CA PHE A 610 1.10 -22.60 -29.10
C PHE A 610 1.90 -23.76 -28.55
N VAL A 611 2.47 -23.59 -27.35
CA VAL A 611 3.20 -24.69 -26.72
C VAL A 611 2.23 -25.77 -26.24
N PHE A 612 1.14 -25.37 -25.59
CA PHE A 612 0.29 -26.36 -24.93
C PHE A 612 -0.46 -27.23 -25.93
N TYR A 613 -1.08 -26.63 -26.94
CA TYR A 613 -1.89 -27.40 -27.88
C TYR A 613 -1.09 -28.45 -28.62
N PHE A 614 0.22 -28.26 -28.77
CA PHE A 614 1.05 -29.18 -29.53
C PHE A 614 1.86 -30.13 -28.66
N MET A 615 2.34 -29.69 -27.49
CA MET A 615 2.98 -30.64 -26.59
C MET A 615 1.98 -31.67 -26.09
N VAL A 616 0.78 -31.23 -25.71
CA VAL A 616 -0.32 -32.12 -25.41
C VAL A 616 -1.02 -32.44 -26.73
N ASN A 617 -0.99 -33.72 -27.11
CA ASN A 617 -1.43 -34.10 -28.45
C ASN A 617 -2.94 -33.94 -28.56
N PHE A 618 -3.36 -32.82 -29.13
CA PHE A 618 -4.76 -32.58 -29.48
C PHE A 618 -4.92 -32.80 -30.97
N ARG A 619 -6.10 -32.49 -31.50
CA ARG A 619 -6.32 -32.61 -32.94
C ARG A 619 -5.31 -31.76 -33.69
N ARG A 620 -4.68 -32.35 -34.71
CA ARG A 620 -3.63 -31.68 -35.46
C ARG A 620 -4.15 -30.86 -36.62
N ASN A 621 -5.45 -30.84 -36.87
CA ASN A 621 -6.00 -30.06 -37.96
C ASN A 621 -5.71 -28.57 -37.72
N PRO A 622 -5.21 -27.83 -38.71
CA PRO A 622 -5.01 -26.39 -38.50
C PRO A 622 -6.30 -25.67 -38.11
N GLY A 623 -7.42 -26.03 -38.74
CA GLY A 623 -8.67 -25.38 -38.39
C GLY A 623 -9.08 -25.63 -36.96
N ARG A 624 -8.90 -26.86 -36.47
CA ARG A 624 -9.21 -27.16 -35.08
C ARG A 624 -8.37 -26.32 -34.14
N PHE A 625 -7.07 -26.20 -34.43
CA PHE A 625 -6.21 -25.39 -33.58
C PHE A 625 -6.63 -23.93 -33.59
N PHE A 626 -6.99 -23.41 -34.76
CA PHE A 626 -7.37 -22.00 -34.84
C PHE A 626 -8.68 -21.74 -34.12
N PHE A 627 -9.65 -22.67 -34.21
CA PHE A 627 -10.88 -22.52 -33.44
C PHE A 627 -10.60 -22.57 -31.94
N TYR A 628 -9.72 -23.48 -31.52
CA TYR A 628 -9.36 -23.54 -30.11
C TYR A 628 -8.73 -22.24 -29.65
N TRP A 629 -7.84 -21.67 -30.47
CA TRP A 629 -7.21 -20.41 -30.12
C TRP A 629 -8.22 -19.28 -30.04
N LEU A 630 -9.18 -19.24 -30.97
CA LEU A 630 -10.20 -18.20 -30.93
C LEU A 630 -11.04 -18.31 -29.66
N MET A 631 -11.43 -19.53 -29.30
CA MET A 631 -12.22 -19.72 -28.08
C MET A 631 -11.42 -19.29 -26.86
N CYS A 632 -10.13 -19.63 -26.81
CA CYS A 632 -9.30 -19.22 -25.67
C CYS A 632 -9.18 -17.70 -25.60
N ILE A 633 -9.04 -17.04 -26.76
CA ILE A 633 -8.93 -15.59 -26.79
C ILE A 633 -10.20 -14.96 -26.22
N TRP A 634 -11.37 -15.45 -26.66
CA TRP A 634 -12.60 -14.86 -26.16
C TRP A 634 -12.80 -15.16 -24.69
N CYS A 635 -12.38 -16.35 -24.23
CA CYS A 635 -12.45 -16.65 -22.80
C CYS A 635 -11.60 -15.68 -21.99
N THR A 636 -10.38 -15.40 -22.45
CA THR A 636 -9.52 -14.50 -21.68
C THR A 636 -10.06 -13.08 -21.70
N PHE A 637 -10.67 -12.66 -22.81
CA PHE A 637 -11.32 -11.35 -22.82
C PHE A 637 -12.45 -11.28 -21.80
N VAL A 638 -13.30 -12.32 -21.77
CA VAL A 638 -14.41 -12.34 -20.82
C VAL A 638 -13.88 -12.25 -19.40
N MET A 639 -12.87 -13.06 -19.09
CA MET A 639 -12.34 -13.09 -17.72
C MET A 639 -11.67 -11.77 -17.35
N SER A 640 -10.93 -11.17 -18.29
CA SER A 640 -10.29 -9.89 -18.01
C SER A 640 -11.33 -8.83 -17.71
N HIS A 641 -12.40 -8.77 -18.51
CA HIS A 641 -13.45 -7.78 -18.25
C HIS A 641 -14.14 -8.04 -16.92
N LEU A 642 -14.38 -9.30 -16.58
CA LEU A 642 -15.00 -9.60 -15.28
C LEU A 642 -14.10 -9.17 -14.13
N PHE A 643 -12.80 -9.45 -14.22
CA PHE A 643 -11.88 -9.04 -13.17
C PHE A 643 -11.83 -7.53 -13.04
N ARG A 644 -11.81 -6.82 -14.17
CA ARG A 644 -11.81 -5.36 -14.13
C ARG A 644 -13.09 -4.83 -13.49
N SER A 645 -14.24 -5.43 -13.81
CA SER A 645 -15.48 -5.01 -13.18
C SER A 645 -15.43 -5.22 -11.68
N ILE A 646 -14.90 -6.37 -11.24
CA ILE A 646 -14.82 -6.64 -9.81
C ILE A 646 -13.90 -5.62 -9.14
N GLY A 647 -12.76 -5.32 -9.76
CA GLY A 647 -11.80 -4.42 -9.16
C GLY A 647 -12.20 -2.95 -9.21
N ALA A 648 -13.11 -2.58 -10.10
CA ALA A 648 -13.53 -1.19 -10.19
C ALA A 648 -14.24 -0.73 -8.92
N VAL A 649 -14.82 -1.66 -8.17
CA VAL A 649 -15.54 -1.32 -6.94
C VAL A 649 -14.80 -1.81 -5.70
N SER A 650 -13.50 -2.02 -5.80
CA SER A 650 -12.68 -2.50 -4.69
C SER A 650 -11.64 -1.44 -4.33
N THR A 651 -10.84 -1.76 -3.31
CA THR A 651 -9.77 -0.89 -2.86
C THR A 651 -8.44 -1.61 -2.64
N SER A 652 -8.43 -2.94 -2.51
CA SER A 652 -7.20 -3.68 -2.30
C SER A 652 -7.33 -5.05 -2.93
N ILE A 653 -6.19 -5.67 -3.21
CA ILE A 653 -6.19 -6.98 -3.85
C ILE A 653 -6.86 -8.01 -2.95
N SER A 654 -6.51 -8.01 -1.65
CA SER A 654 -7.13 -8.95 -0.73
C SER A 654 -8.59 -8.62 -0.48
N GLY A 655 -8.92 -7.33 -0.41
CA GLY A 655 -10.31 -6.94 -0.24
C GLY A 655 -11.20 -7.38 -1.38
N ALA A 656 -10.67 -7.32 -2.61
CA ALA A 656 -11.43 -7.81 -3.75
C ALA A 656 -11.43 -9.34 -3.82
N MET A 657 -10.34 -9.97 -3.37
CA MET A 657 -10.24 -11.42 -3.50
C MET A 657 -11.10 -12.15 -2.48
N THR A 658 -11.32 -11.55 -1.31
CA THR A 658 -12.11 -12.23 -0.28
C THR A 658 -13.51 -12.57 -0.74
N PRO A 659 -14.29 -11.65 -1.33
CA PRO A 659 -15.63 -12.02 -1.80
C PRO A 659 -15.63 -12.62 -3.20
N ALA A 660 -14.66 -12.24 -4.03
CA ALA A 660 -14.60 -12.75 -5.39
C ALA A 660 -14.08 -14.17 -5.48
N THR A 661 -13.40 -14.65 -4.44
CA THR A 661 -12.88 -16.02 -4.46
C THR A 661 -14.02 -17.03 -4.53
N VAL A 662 -15.11 -16.77 -3.82
CA VAL A 662 -16.24 -17.69 -3.85
C VAL A 662 -16.82 -17.77 -5.24
N LEU A 663 -17.00 -16.62 -5.89
CA LEU A 663 -17.55 -16.60 -7.24
C LEU A 663 -16.63 -17.32 -8.22
N LEU A 664 -15.33 -17.07 -8.13
CA LEU A 664 -14.40 -17.71 -9.05
C LEU A 664 -14.36 -19.21 -8.82
N LEU A 665 -14.41 -19.65 -7.55
CA LEU A 665 -14.45 -21.08 -7.27
C LEU A 665 -15.72 -21.72 -7.80
N ALA A 666 -16.86 -21.03 -7.66
CA ALA A 666 -18.10 -21.56 -8.20
C ALA A 666 -18.02 -21.73 -9.71
N MET A 667 -17.48 -20.72 -10.40
CA MET A 667 -17.35 -20.81 -11.85
C MET A 667 -16.40 -21.94 -12.24
N VAL A 668 -15.30 -22.09 -11.52
CA VAL A 668 -14.35 -23.16 -11.83
C VAL A 668 -15.00 -24.52 -11.63
N ILE A 669 -15.75 -24.69 -10.54
CA ILE A 669 -16.40 -25.96 -10.27
C ILE A 669 -17.43 -26.27 -11.35
N TYR A 670 -18.24 -25.29 -11.74
CA TYR A 670 -19.30 -25.50 -12.70
C TYR A 670 -18.87 -25.21 -14.13
N THR A 671 -17.57 -25.19 -14.40
CA THR A 671 -17.11 -25.14 -15.79
C THR A 671 -17.67 -26.30 -16.59
N GLY A 672 -17.67 -27.50 -16.01
CA GLY A 672 -18.29 -28.64 -16.66
C GLY A 672 -17.48 -29.91 -16.59
N PHE A 673 -16.30 -29.85 -15.98
CA PHE A 673 -15.44 -31.02 -15.84
C PHE A 673 -15.47 -31.63 -14.46
N VAL A 674 -15.38 -30.80 -13.40
CA VAL A 674 -15.41 -31.34 -12.04
C VAL A 674 -16.74 -32.04 -11.80
N ILE A 675 -17.84 -31.41 -12.19
CA ILE A 675 -19.17 -31.97 -12.08
C ILE A 675 -19.82 -31.95 -13.45
N PRO A 676 -19.73 -33.03 -14.22
CA PRO A 676 -20.38 -33.06 -15.53
C PRO A 676 -21.88 -32.89 -15.39
N THR A 677 -22.49 -32.39 -16.47
CA THR A 677 -23.92 -32.06 -16.45
C THR A 677 -24.78 -33.21 -15.93
N PRO A 678 -24.58 -34.47 -16.32
CA PRO A 678 -25.39 -35.54 -15.74
C PRO A 678 -25.29 -35.64 -14.23
N SER A 679 -24.14 -35.28 -13.66
CA SER A 679 -23.91 -35.39 -12.23
C SER A 679 -24.31 -34.13 -11.46
N MET A 680 -24.69 -33.07 -12.15
CA MET A 680 -25.05 -31.83 -11.48
C MET A 680 -26.40 -31.97 -10.77
N LEU A 681 -26.50 -31.38 -9.58
CA LEU A 681 -27.73 -31.43 -8.81
C LEU A 681 -28.76 -30.46 -9.39
N GLY A 682 -30.01 -30.65 -8.96
CA GLY A 682 -31.08 -29.80 -9.45
C GLY A 682 -30.94 -28.36 -9.02
N TRP A 683 -30.50 -28.13 -7.77
CA TRP A 683 -30.40 -26.78 -7.24
C TRP A 683 -29.29 -25.97 -7.90
N SER A 684 -28.35 -26.62 -8.59
CA SER A 684 -27.19 -25.94 -9.15
C SER A 684 -27.12 -26.01 -10.66
N ARG A 685 -28.09 -26.64 -11.33
CA ARG A 685 -28.06 -26.70 -12.78
C ARG A 685 -28.24 -25.32 -13.41
N TRP A 686 -28.81 -24.37 -12.68
CA TRP A 686 -28.98 -23.04 -13.23
C TRP A 686 -27.66 -22.27 -13.27
N ILE A 687 -26.73 -22.60 -12.36
CA ILE A 687 -25.44 -21.90 -12.35
C ILE A 687 -24.71 -22.13 -13.67
N ASN A 688 -24.75 -23.36 -14.18
CA ASN A 688 -24.07 -23.66 -15.43
C ASN A 688 -24.63 -22.83 -16.59
N TYR A 689 -25.89 -22.44 -16.50
CA TYR A 689 -26.48 -21.65 -17.58
C TYR A 689 -25.88 -20.25 -17.66
N ILE A 690 -25.59 -19.65 -16.52
CA ILE A 690 -25.04 -18.30 -16.46
C ILE A 690 -23.53 -18.31 -16.25
N ASN A 691 -22.87 -19.43 -16.56
CA ASN A 691 -21.42 -19.53 -16.39
C ASN A 691 -20.74 -19.24 -17.72
N PRO A 692 -20.02 -18.12 -17.87
CA PRO A 692 -19.39 -17.83 -19.16
C PRO A 692 -18.32 -18.84 -19.57
N VAL A 693 -17.78 -19.62 -18.62
CA VAL A 693 -16.72 -20.58 -18.95
C VAL A 693 -17.27 -21.94 -19.35
N GLY A 694 -18.48 -22.29 -18.92
CA GLY A 694 -19.06 -23.57 -19.31
C GLY A 694 -19.24 -23.68 -20.81
N TYR A 695 -19.67 -22.58 -21.45
CA TYR A 695 -19.83 -22.59 -22.89
C TYR A 695 -18.49 -22.74 -23.60
N VAL A 696 -17.45 -22.08 -23.09
CA VAL A 696 -16.12 -22.23 -23.66
C VAL A 696 -15.67 -23.68 -23.58
N PHE A 697 -15.85 -24.29 -22.40
CA PHE A 697 -15.43 -25.67 -22.23
C PHE A 697 -16.21 -26.60 -23.15
N GLU A 698 -17.53 -26.38 -23.27
CA GLU A 698 -18.32 -27.22 -24.17
C GLU A 698 -17.85 -27.08 -25.61
N SER A 699 -17.58 -25.85 -26.05
CA SER A 699 -17.11 -25.66 -27.42
C SER A 699 -15.78 -26.35 -27.66
N LEU A 700 -14.85 -26.23 -26.71
CA LEU A 700 -13.55 -26.87 -26.89
C LEU A 700 -13.66 -28.39 -26.91
N MET A 701 -14.46 -28.96 -26.00
CA MET A 701 -14.62 -30.41 -25.99
C MET A 701 -15.29 -30.90 -27.26
N VAL A 702 -16.31 -30.18 -27.74
CA VAL A 702 -16.95 -30.54 -29.00
C VAL A 702 -15.94 -30.49 -30.14
N ASN A 703 -15.11 -29.45 -30.17
CA ASN A 703 -14.11 -29.34 -31.22
C ASN A 703 -13.16 -30.53 -31.20
N GLU A 704 -12.70 -30.93 -30.02
CA GLU A 704 -11.72 -32.01 -29.96
C GLU A 704 -12.34 -33.37 -30.27
N PHE A 705 -13.51 -33.65 -29.71
CA PHE A 705 -14.01 -35.03 -29.70
C PHE A 705 -14.95 -35.35 -30.85
N HIS A 706 -15.78 -34.40 -31.30
CA HIS A 706 -16.83 -34.72 -32.26
C HIS A 706 -16.25 -35.27 -33.56
N GLY A 707 -16.92 -36.27 -34.13
CA GLY A 707 -16.51 -36.84 -35.39
C GLY A 707 -15.14 -37.48 -35.34
N ARG A 708 -14.83 -38.20 -34.28
CA ARG A 708 -13.52 -38.81 -34.10
C ARG A 708 -13.70 -40.23 -33.58
N GLU A 709 -12.88 -41.14 -34.10
CA GLU A 709 -12.88 -42.54 -33.69
C GLU A 709 -11.61 -42.82 -32.89
N PHE A 710 -11.78 -43.42 -31.71
CA PHE A 710 -10.67 -43.77 -30.85
C PHE A 710 -10.58 -45.28 -30.75
N GLN A 711 -9.37 -45.81 -30.95
CA GLN A 711 -9.16 -47.25 -30.84
C GLN A 711 -9.41 -47.70 -29.40
N CYS A 712 -10.15 -48.78 -29.25
CA CYS A 712 -10.43 -49.32 -27.93
C CYS A 712 -9.16 -49.85 -27.30
N ALA A 713 -9.01 -49.61 -25.98
CA ALA A 713 -7.82 -50.01 -25.25
C ALA A 713 -8.04 -51.13 -24.26
N GLN A 714 -9.29 -51.40 -23.87
CA GLN A 714 -9.57 -52.43 -22.87
C GLN A 714 -10.99 -52.94 -23.09
N TYR A 715 -11.10 -54.12 -23.69
CA TYR A 715 -12.39 -54.79 -23.84
C TYR A 715 -12.71 -55.53 -22.55
N VAL A 716 -13.94 -55.37 -22.05
CA VAL A 716 -14.24 -55.77 -20.68
C VAL A 716 -14.04 -57.27 -20.47
N PRO A 717 -14.49 -58.17 -21.36
CA PRO A 717 -14.22 -59.60 -21.14
C PRO A 717 -12.85 -59.96 -21.70
N SER A 718 -11.90 -60.20 -20.81
CA SER A 718 -10.54 -60.52 -21.22
C SER A 718 -9.76 -61.00 -20.00
N GLY A 719 -8.64 -61.66 -20.27
CA GLY A 719 -7.79 -62.18 -19.22
C GLY A 719 -7.39 -63.61 -19.46
N PRO A 720 -6.80 -64.25 -18.45
CA PRO A 720 -6.37 -65.65 -18.62
C PRO A 720 -7.50 -66.58 -19.04
N GLY A 721 -8.71 -66.37 -18.53
CA GLY A 721 -9.83 -67.22 -18.88
C GLY A 721 -10.46 -66.93 -20.23
N TYR A 722 -10.07 -65.82 -20.87
CA TYR A 722 -10.61 -65.42 -22.16
C TYR A 722 -9.42 -65.11 -23.07
N GLU A 723 -8.93 -66.13 -23.77
CA GLU A 723 -7.76 -66.00 -24.63
C GLU A 723 -8.14 -65.84 -26.10
N ASN A 724 -9.10 -66.63 -26.59
CA ASN A 724 -9.51 -66.62 -27.98
C ASN A 724 -11.04 -66.59 -28.03
N ILE A 725 -11.60 -65.38 -28.07
CA ILE A 725 -13.04 -65.18 -28.20
C ILE A 725 -13.29 -64.17 -29.31
N SER A 726 -14.47 -64.26 -29.91
CA SER A 726 -14.84 -63.35 -30.98
C SER A 726 -15.03 -61.95 -30.44
N ARG A 727 -14.69 -60.95 -31.26
CA ARG A 727 -14.85 -59.56 -30.88
C ARG A 727 -16.32 -59.15 -30.80
N SER A 728 -17.23 -59.95 -31.35
CA SER A 728 -18.65 -59.61 -31.28
C SER A 728 -19.16 -59.67 -29.85
N ASN A 729 -18.64 -60.59 -29.03
CA ASN A 729 -19.08 -60.71 -27.66
C ASN A 729 -18.50 -59.61 -26.78
N GLN A 730 -17.32 -59.10 -27.12
CA GLN A 730 -16.65 -58.11 -26.28
C GLN A 730 -17.25 -56.73 -26.48
N VAL A 731 -16.87 -55.81 -25.59
CA VAL A 731 -17.31 -54.42 -25.66
C VAL A 731 -16.27 -53.55 -24.98
N CYS A 732 -16.11 -52.34 -25.48
CA CYS A 732 -15.14 -51.41 -24.90
C CYS A 732 -15.62 -50.89 -23.56
N THR A 733 -14.67 -50.46 -22.74
CA THR A 733 -14.96 -49.90 -21.42
C THR A 733 -14.97 -48.38 -21.52
N ALA A 734 -16.05 -47.86 -22.10
CA ALA A 734 -16.24 -46.43 -22.25
C ALA A 734 -17.73 -46.13 -22.20
N VAL A 735 -18.05 -44.85 -21.96
CA VAL A 735 -19.44 -44.47 -21.80
C VAL A 735 -20.24 -44.73 -23.07
N GLY A 736 -19.69 -44.36 -24.22
CA GLY A 736 -20.40 -44.49 -25.48
C GLY A 736 -20.06 -45.75 -26.25
N SER A 737 -19.43 -46.72 -25.57
CA SER A 737 -19.00 -47.93 -26.25
C SER A 737 -20.21 -48.71 -26.79
N VAL A 738 -20.01 -49.34 -27.95
CA VAL A 738 -21.03 -50.13 -28.61
C VAL A 738 -20.55 -51.58 -28.61
N PRO A 739 -21.38 -52.56 -28.24
CA PRO A 739 -20.91 -53.95 -28.26
C PRO A 739 -20.47 -54.39 -29.64
N GLY A 740 -19.37 -55.14 -29.69
CA GLY A 740 -18.86 -55.65 -30.93
C GLY A 740 -18.07 -54.67 -31.77
N ASN A 741 -17.84 -53.46 -31.27
CA ASN A 741 -17.14 -52.41 -32.02
C ASN A 741 -15.72 -52.28 -31.51
N GLU A 742 -14.76 -52.23 -32.44
CA GLU A 742 -13.36 -52.07 -32.09
C GLU A 742 -12.94 -50.62 -31.92
N MET A 743 -13.83 -49.68 -32.21
CA MET A 743 -13.54 -48.25 -32.05
C MET A 743 -14.73 -47.57 -31.42
N VAL A 744 -14.46 -46.54 -30.63
CA VAL A 744 -15.48 -45.76 -29.95
C VAL A 744 -15.52 -44.36 -30.54
N SER A 745 -16.71 -43.90 -30.91
CA SER A 745 -16.85 -42.58 -31.53
C SER A 745 -16.85 -41.50 -30.46
N GLY A 746 -16.21 -40.37 -30.79
CA GLY A 746 -16.19 -39.25 -29.86
C GLY A 746 -17.56 -38.65 -29.62
N THR A 747 -18.42 -38.65 -30.63
CA THR A 747 -19.75 -38.07 -30.48
C THR A 747 -20.55 -38.80 -29.40
N ASN A 748 -20.52 -40.13 -29.41
CA ASN A 748 -21.26 -40.89 -28.40
C ASN A 748 -20.70 -40.63 -27.01
N TYR A 749 -19.38 -40.59 -26.87
CA TYR A 749 -18.79 -40.31 -25.57
C TYR A 749 -19.20 -38.93 -25.07
N LEU A 750 -19.16 -37.92 -25.93
CA LEU A 750 -19.57 -36.59 -25.53
C LEU A 750 -21.03 -36.56 -25.12
N ALA A 751 -21.89 -37.21 -25.90
CA ALA A 751 -23.32 -37.19 -25.59
C ALA A 751 -23.64 -37.92 -24.30
N GLY A 752 -22.88 -38.98 -23.99
CA GLY A 752 -23.18 -39.78 -22.82
C GLY A 752 -22.57 -39.26 -21.54
N ALA A 753 -21.29 -38.86 -21.59
CA ALA A 753 -20.58 -38.46 -20.38
C ALA A 753 -20.86 -37.01 -19.99
N TYR A 754 -20.77 -36.09 -20.95
CA TYR A 754 -20.92 -34.67 -20.68
C TYR A 754 -22.20 -34.08 -21.22
N GLN A 755 -22.90 -34.78 -22.12
CA GLN A 755 -24.09 -34.25 -22.78
C GLN A 755 -23.76 -32.99 -23.57
N TYR A 756 -22.66 -33.04 -24.32
CA TYR A 756 -22.27 -31.98 -25.24
C TYR A 756 -22.59 -32.42 -26.67
N TYR A 757 -23.00 -31.46 -27.49
CA TYR A 757 -23.41 -31.74 -28.86
C TYR A 757 -22.78 -30.71 -29.79
N ASN A 758 -22.61 -31.10 -31.05
CA ASN A 758 -21.91 -30.25 -32.01
C ASN A 758 -22.76 -29.08 -32.47
N SER A 759 -24.07 -29.11 -32.25
CA SER A 759 -24.92 -27.98 -32.62
C SER A 759 -24.63 -26.76 -31.76
N HIS A 760 -23.93 -26.91 -30.65
CA HIS A 760 -23.58 -25.82 -29.76
C HIS A 760 -22.16 -25.31 -29.98
N LYS A 761 -21.48 -25.78 -31.03
CA LYS A 761 -20.08 -25.39 -31.23
C LYS A 761 -19.95 -23.89 -31.47
N TRP A 762 -20.84 -23.32 -32.28
CA TRP A 762 -20.75 -21.90 -32.64
C TRP A 762 -21.68 -21.02 -31.83
N ARG A 763 -22.78 -21.56 -31.31
CA ARG A 763 -23.66 -20.77 -30.44
C ARG A 763 -22.92 -20.33 -29.19
N ASN A 764 -22.09 -21.21 -28.62
CA ASN A 764 -21.33 -20.87 -27.44
C ASN A 764 -20.37 -19.71 -27.69
N LEU A 765 -19.83 -19.62 -28.90
CA LEU A 765 -18.98 -18.48 -29.24
C LEU A 765 -19.77 -17.18 -29.15
N GLY A 766 -20.98 -17.16 -29.70
CA GLY A 766 -21.81 -15.97 -29.58
C GLY A 766 -22.14 -15.65 -28.14
N ILE A 767 -22.43 -16.67 -27.34
CA ILE A 767 -22.74 -16.43 -25.93
C ILE A 767 -21.55 -15.82 -25.21
N THR A 768 -20.35 -16.34 -25.48
CA THR A 768 -19.16 -15.79 -24.84
C THR A 768 -18.88 -14.37 -25.28
N ILE A 769 -19.10 -14.08 -26.57
CA ILE A 769 -18.93 -12.70 -27.04
C ILE A 769 -19.91 -11.77 -26.34
N GLY A 770 -21.15 -12.21 -26.21
CA GLY A 770 -22.13 -11.39 -25.49
C GLY A 770 -21.73 -11.17 -24.04
N PHE A 771 -21.22 -12.21 -23.38
CA PHE A 771 -20.76 -12.06 -22.00
C PHE A 771 -19.61 -11.05 -21.92
N ALA A 772 -18.68 -11.12 -22.86
CA ALA A 772 -17.57 -10.17 -22.86
C ALA A 772 -18.07 -8.74 -23.02
N VAL A 773 -19.00 -8.53 -23.96
CA VAL A 773 -19.53 -7.17 -24.17
C VAL A 773 -20.26 -6.69 -22.92
N PHE A 774 -21.06 -7.57 -22.31
CA PHE A 774 -21.80 -7.19 -21.11
C PHE A 774 -20.86 -6.79 -19.98
N PHE A 775 -19.81 -7.59 -19.77
CA PHE A 775 -18.88 -7.28 -18.68
C PHE A 775 -18.08 -6.01 -18.97
N LEU A 776 -17.73 -5.78 -20.24
CA LEU A 776 -17.05 -4.54 -20.59
C LEU A 776 -17.93 -3.33 -20.31
N ALA A 777 -19.21 -3.42 -20.68
CA ALA A 777 -20.13 -2.32 -20.40
C ALA A 777 -20.26 -2.10 -18.90
N ILE A 778 -20.37 -3.17 -18.13
CA ILE A 778 -20.48 -3.03 -16.67
C ILE A 778 -19.23 -2.37 -16.11
N TYR A 779 -18.06 -2.78 -16.59
CA TYR A 779 -16.81 -2.21 -16.08
C TYR A 779 -16.73 -0.73 -16.38
N ILE A 780 -17.08 -0.32 -17.61
CA ILE A 780 -17.01 1.10 -17.95
C ILE A 780 -18.02 1.89 -17.12
N ALA A 781 -19.23 1.35 -16.95
CA ALA A 781 -20.24 2.06 -16.16
C ALA A 781 -19.78 2.21 -14.72
N LEU A 782 -19.20 1.16 -14.13
CA LEU A 782 -18.73 1.25 -12.76
C LEU A 782 -17.58 2.25 -12.63
N THR A 783 -16.67 2.26 -13.61
CA THR A 783 -15.58 3.23 -13.59
C THR A 783 -16.10 4.65 -13.66
N GLU A 784 -17.13 4.88 -14.47
CA GLU A 784 -17.66 6.24 -14.62
C GLU A 784 -18.43 6.68 -13.38
N PHE A 785 -19.29 5.81 -12.85
CA PHE A 785 -20.22 6.20 -11.79
C PHE A 785 -19.67 5.92 -10.39
N ASN A 786 -19.35 4.65 -10.11
CA ASN A 786 -18.92 4.24 -8.77
C ASN A 786 -17.49 4.71 -8.57
N LYS A 787 -17.34 6.00 -8.30
CA LYS A 787 -16.03 6.59 -8.05
C LYS A 787 -16.20 7.80 -7.14
N GLY A 788 -15.11 8.16 -6.47
CA GLY A 788 -15.12 9.28 -5.55
C GLY A 788 -14.59 8.90 -4.19
N ASN A 855 19.73 10.19 37.78
CA ASN A 855 20.83 9.71 36.96
C ASN A 855 22.16 10.23 37.49
N ARG A 856 22.70 9.54 38.50
CA ARG A 856 23.96 9.99 39.10
C ARG A 856 25.12 9.89 38.12
N GLU A 857 25.14 8.85 37.28
CA GLU A 857 26.25 8.66 36.37
C GLU A 857 26.28 9.75 35.30
N ILE A 858 27.48 10.13 34.89
CA ILE A 858 27.70 11.18 33.89
C ILE A 858 28.45 10.57 32.72
N PHE A 859 27.96 10.80 31.52
CA PHE A 859 28.51 10.22 30.31
C PHE A 859 29.08 11.32 29.43
N PHE A 860 30.36 11.19 29.06
CA PHE A 860 31.02 12.17 28.20
C PHE A 860 31.90 11.43 27.21
N TRP A 861 32.55 12.19 26.32
CA TRP A 861 33.41 11.61 25.31
C TRP A 861 34.52 12.60 24.98
N ARG A 862 35.61 12.06 24.43
CA ARG A 862 36.81 12.85 24.16
C ARG A 862 37.39 12.48 22.81
N ASP A 863 37.66 13.49 21.99
CA ASP A 863 38.37 13.31 20.71
C ASP A 863 37.69 12.28 19.82
N LEU A 864 36.36 12.23 19.84
CA LEU A 864 35.63 11.26 19.03
C LEU A 864 35.86 11.51 17.55
N THR A 865 36.59 10.60 16.90
CA THR A 865 36.81 10.64 15.46
C THR A 865 36.15 9.43 14.83
N TYR A 866 35.42 9.65 13.74
CA TYR A 866 34.65 8.59 13.11
C TYR A 866 34.74 8.73 11.60
N GLN A 867 35.15 7.65 10.93
CA GLN A 867 35.34 7.64 9.49
C GLN A 867 34.56 6.49 8.88
N VAL A 868 34.15 6.66 7.62
CA VAL A 868 33.43 5.65 6.86
C VAL A 868 34.11 5.48 5.51
N LYS A 869 33.83 4.35 4.86
CA LYS A 869 34.40 4.00 3.57
C LYS A 869 33.40 4.32 2.48
N ILE A 870 33.74 5.26 1.61
CA ILE A 870 32.89 5.67 0.50
C ILE A 870 33.71 5.60 -0.78
N LYS A 871 33.17 4.90 -1.79
CA LYS A 871 33.85 4.72 -3.07
C LYS A 871 35.27 4.21 -2.86
N LYS A 872 35.41 3.25 -1.95
CA LYS A 872 36.72 2.65 -1.64
C LYS A 872 37.73 3.70 -1.20
N GLU A 873 37.24 4.77 -0.54
CA GLU A 873 38.08 5.80 0.02
C GLU A 873 37.57 6.17 1.40
N ASP A 874 38.49 6.27 2.36
CA ASP A 874 38.11 6.62 3.72
C ASP A 874 37.75 8.10 3.81
N ARG A 875 36.64 8.39 4.48
CA ARG A 875 36.17 9.76 4.67
C ARG A 875 35.94 10.00 6.15
N VAL A 876 36.42 11.13 6.65
CA VAL A 876 36.24 11.50 8.05
C VAL A 876 34.88 12.17 8.20
N ILE A 877 34.00 11.56 8.98
CA ILE A 877 32.68 12.12 9.25
C ILE A 877 32.67 12.93 10.53
N LEU A 878 33.34 12.45 11.57
CA LEU A 878 33.47 13.16 12.83
C LEU A 878 34.96 13.40 13.10
N ASP A 879 35.30 14.64 13.43
CA ASP A 879 36.69 15.07 13.57
C ASP A 879 36.93 15.58 14.99
N HIS A 880 37.40 14.69 15.87
CA HIS A 880 37.84 15.06 17.21
C HIS A 880 36.78 15.86 17.96
N VAL A 881 35.58 15.30 18.03
CA VAL A 881 34.50 15.91 18.80
C VAL A 881 34.66 15.55 20.27
N ASP A 882 34.21 16.45 21.14
CA ASP A 882 34.22 16.19 22.58
C ASP A 882 33.10 16.98 23.22
N GLY A 883 32.68 16.52 24.39
CA GLY A 883 31.59 17.16 25.11
C GLY A 883 31.16 16.30 26.28
N TRP A 884 30.01 16.66 26.85
CA TRP A 884 29.47 15.93 27.98
C TRP A 884 28.00 16.28 28.14
N VAL A 885 27.31 15.51 28.97
CA VAL A 885 25.97 15.82 29.44
C VAL A 885 25.96 15.68 30.95
N LYS A 886 25.04 16.38 31.58
CA LYS A 886 24.89 16.32 33.04
C LYS A 886 23.41 16.28 33.38
N PRO A 887 23.05 15.66 34.50
CA PRO A 887 21.63 15.61 34.87
C PRO A 887 21.05 17.01 35.04
N GLY A 888 19.80 17.16 34.60
CA GLY A 888 19.12 18.43 34.71
C GLY A 888 19.45 19.43 33.63
N GLN A 889 20.22 19.05 32.62
CA GLN A 889 20.62 19.95 31.55
C GLN A 889 20.20 19.38 30.20
N ILE A 890 19.74 20.24 29.32
CA ILE A 890 19.39 19.89 27.95
C ILE A 890 20.48 20.42 27.03
N THR A 891 21.06 19.54 26.22
CA THR A 891 22.17 19.87 25.33
C THR A 891 21.69 19.71 23.89
N ALA A 892 21.35 20.82 23.25
CA ALA A 892 21.01 20.80 21.84
C ALA A 892 22.24 20.46 21.00
N LEU A 893 22.02 19.75 19.92
CA LEU A 893 23.09 19.31 19.02
C LEU A 893 22.68 19.73 17.61
N MET A 894 23.32 20.76 17.07
CA MET A 894 22.91 21.33 15.80
C MET A 894 24.09 21.47 14.85
N GLY A 895 23.76 21.62 13.57
CA GLY A 895 24.76 21.78 12.54
C GLY A 895 24.10 21.90 11.19
N ALA A 896 24.93 22.03 10.17
CA ALA A 896 24.45 22.14 8.80
C ALA A 896 24.00 20.76 8.33
N SER A 897 23.61 20.66 7.05
CA SER A 897 23.18 19.37 6.51
C SER A 897 24.32 18.35 6.55
N GLY A 898 25.53 18.78 6.19
CA GLY A 898 26.69 17.93 6.18
C GLY A 898 27.49 17.90 7.46
N ALA A 899 26.97 18.51 8.54
CA ALA A 899 27.72 18.56 9.79
C ALA A 899 27.76 17.21 10.49
N GLY A 900 26.91 16.26 10.08
CA GLY A 900 26.90 14.95 10.71
C GLY A 900 26.44 14.95 12.15
N LYS A 901 25.48 15.80 12.50
CA LYS A 901 24.92 15.78 13.85
C LYS A 901 24.17 14.47 14.10
N THR A 902 23.40 14.02 13.12
CA THR A 902 22.73 12.73 13.26
C THR A 902 23.73 11.59 13.38
N THR A 903 24.82 11.66 12.61
CA THR A 903 25.86 10.65 12.72
C THR A 903 26.48 10.65 14.11
N LEU A 904 26.72 11.83 14.68
CA LEU A 904 27.26 11.89 16.04
C LEU A 904 26.28 11.31 17.04
N LEU A 905 25.00 11.63 16.90
CA LEU A 905 24.00 11.07 17.82
C LEU A 905 23.97 9.55 17.73
N ASN A 906 24.00 9.01 16.51
CA ASN A 906 23.95 7.56 16.35
C ASN A 906 25.22 6.89 16.87
N CYS A 907 26.37 7.50 16.62
CA CYS A 907 27.63 6.92 17.08
C CYS A 907 27.74 6.94 18.59
N LEU A 908 27.22 7.99 19.24
CA LEU A 908 27.28 8.07 20.70
C LEU A 908 26.48 6.94 21.33
N SER A 909 25.32 6.62 20.76
CA SER A 909 24.41 5.62 21.30
C SER A 909 24.65 4.23 20.71
N GLU A 910 25.67 4.07 19.86
CA GLU A 910 25.97 2.79 19.24
C GLU A 910 24.78 2.29 18.40
N ARG A 911 24.41 3.09 17.41
CA ARG A 911 23.38 2.73 16.46
C ARG A 911 23.85 2.86 15.01
N VAL A 912 25.15 3.03 14.80
CA VAL A 912 25.71 3.08 13.45
C VAL A 912 26.08 1.68 13.03
N THR A 913 25.66 1.27 11.83
CA THR A 913 25.90 -0.07 11.32
C THR A 913 27.20 -0.19 10.55
N THR A 914 27.99 0.88 10.46
CA THR A 914 29.24 0.85 9.71
C THR A 914 30.19 1.88 10.32
N GLY A 915 31.40 1.93 9.77
CA GLY A 915 32.41 2.86 10.22
C GLY A 915 33.16 2.37 11.45
N ILE A 916 34.23 3.08 11.77
CA ILE A 916 35.08 2.75 12.91
C ILE A 916 35.44 4.04 13.65
N ILE A 917 35.80 3.87 14.92
CA ILE A 917 36.27 4.97 15.76
C ILE A 917 37.79 4.92 15.79
N THR A 918 38.43 6.04 15.51
CA THR A 918 39.88 6.09 15.33
C THR A 918 40.61 6.59 16.57
N ASP A 919 40.25 7.76 17.08
CA ASP A 919 41.05 8.44 18.09
C ASP A 919 40.35 8.65 19.43
N GLY A 920 39.03 8.76 19.46
CA GLY A 920 38.34 9.17 20.66
C GLY A 920 38.00 8.03 21.59
N GLU A 921 37.33 8.40 22.67
CA GLU A 921 36.91 7.44 23.69
C GLU A 921 35.71 8.00 24.43
N ARG A 922 34.72 7.14 24.68
CA ARG A 922 33.52 7.51 25.41
C ARG A 922 33.59 6.90 26.81
N LEU A 923 33.33 7.72 27.84
CA LEU A 923 33.51 7.32 29.22
C LEU A 923 32.26 7.65 30.02
N VAL A 924 32.07 6.89 31.10
CA VAL A 924 31.02 7.12 32.08
C VAL A 924 31.70 7.20 33.44
N ASN A 925 31.73 8.39 34.04
CA ASN A 925 32.46 8.62 35.28
C ASN A 925 33.95 8.28 35.13
N GLY A 926 34.46 8.35 33.90
CA GLY A 926 35.83 8.00 33.62
C GLY A 926 36.06 6.54 33.30
N HIS A 927 35.03 5.70 33.40
CA HIS A 927 35.14 4.29 33.08
C HIS A 927 34.64 4.02 31.67
N ALA A 928 35.32 3.13 30.97
CA ALA A 928 34.94 2.80 29.61
C ALA A 928 33.56 2.16 29.59
N LEU A 929 33.01 1.98 28.38
CA LEU A 929 31.68 1.42 28.23
C LEU A 929 31.74 -0.10 28.29
N ASP A 930 30.92 -0.68 29.18
CA ASP A 930 30.77 -2.12 29.29
C ASP A 930 29.55 -2.57 28.50
N SER A 931 29.18 -3.85 28.66
CA SER A 931 28.04 -4.40 27.94
C SER A 931 26.70 -3.86 28.46
N SER A 932 26.68 -3.20 29.61
CA SER A 932 25.45 -2.69 30.19
C SER A 932 25.10 -1.29 29.71
N PHE A 933 25.95 -0.67 28.89
CA PHE A 933 25.67 0.68 28.41
C PHE A 933 24.41 0.73 27.56
N GLN A 934 24.25 -0.23 26.65
CA GLN A 934 23.15 -0.17 25.70
C GLN A 934 21.80 -0.18 26.41
N ARG A 935 21.70 -0.81 27.58
CA ARG A 935 20.47 -0.87 28.33
C ARG A 935 20.30 0.28 29.31
N SER A 936 21.31 1.13 29.46
CA SER A 936 21.26 2.25 30.39
C SER A 936 20.97 3.57 29.72
N ILE A 937 20.54 3.56 28.45
CA ILE A 937 20.20 4.77 27.72
C ILE A 937 18.83 4.58 27.08
N GLY A 938 18.17 5.71 26.84
CA GLY A 938 16.93 5.74 26.09
C GLY A 938 17.15 6.47 24.78
N TYR A 939 16.40 6.07 23.76
CA TYR A 939 16.53 6.67 22.43
C TYR A 939 15.14 6.87 21.84
N VAL A 940 14.79 8.12 21.57
CA VAL A 940 13.49 8.47 21.01
C VAL A 940 13.71 8.83 19.55
N GLN A 941 13.29 7.93 18.66
CA GLN A 941 13.47 8.14 17.23
C GLN A 941 12.56 9.25 16.73
N GLN A 942 12.92 9.81 15.57
CA GLN A 942 12.10 10.86 14.97
C GLN A 942 10.73 10.33 14.60
N GLN A 943 10.66 9.13 14.03
CA GLN A 943 9.41 8.53 13.61
C GLN A 943 8.79 7.74 14.76
N ASP A 944 7.46 7.75 14.82
CA ASP A 944 6.71 7.07 15.87
C ASP A 944 6.23 5.74 15.30
N VAL A 945 6.89 4.66 15.69
CA VAL A 945 6.60 3.32 15.17
C VAL A 945 5.90 2.56 16.28
N HIS A 946 4.57 2.47 16.20
CA HIS A 946 3.76 1.77 17.19
C HIS A 946 2.72 0.92 16.47
N LEU A 947 2.29 -0.15 17.14
CA LEU A 947 1.23 -0.98 16.59
C LEU A 947 -0.09 -0.21 16.61
N GLU A 948 -0.92 -0.47 15.59
CA GLU A 948 -2.13 0.33 15.41
C GLU A 948 -3.28 -0.14 16.29
N THR A 949 -3.13 -1.28 16.96
CA THR A 949 -4.20 -1.84 17.77
C THR A 949 -3.98 -1.69 19.27
N THR A 950 -2.73 -1.68 19.72
CA THR A 950 -2.45 -1.56 21.14
C THR A 950 -2.92 -0.22 21.68
N THR A 951 -3.42 -0.22 22.91
CA THR A 951 -3.76 1.01 23.60
C THR A 951 -2.49 1.65 24.16
N VAL A 952 -2.62 2.91 24.56
CA VAL A 952 -1.47 3.63 25.11
C VAL A 952 -0.95 2.91 26.36
N ARG A 953 -1.87 2.56 27.27
CA ARG A 953 -1.46 1.88 28.50
C ARG A 953 -0.82 0.53 28.19
N GLU A 954 -1.40 -0.23 27.27
CA GLU A 954 -0.81 -1.52 26.89
C GLU A 954 0.54 -1.33 26.22
N ALA A 955 0.67 -0.30 25.38
CA ALA A 955 1.95 -0.04 24.72
C ALA A 955 3.03 0.27 25.74
N LEU A 956 2.71 1.07 26.76
CA LEU A 956 3.70 1.36 27.79
C LEU A 956 3.98 0.13 28.64
N GLN A 957 2.94 -0.66 28.96
CA GLN A 957 3.12 -1.80 29.85
C GLN A 957 3.98 -2.88 29.21
N PHE A 958 3.82 -3.10 27.90
CA PHE A 958 4.66 -4.09 27.22
C PHE A 958 6.13 -3.74 27.38
N SER A 959 6.49 -2.49 27.09
CA SER A 959 7.88 -2.07 27.23
C SER A 959 8.34 -2.14 28.68
N ALA A 960 7.49 -1.73 29.62
CA ALA A 960 7.88 -1.77 31.02
C ALA A 960 8.16 -3.20 31.47
N TYR A 961 7.33 -4.15 31.07
CA TYR A 961 7.54 -5.54 31.44
C TYR A 961 8.79 -6.11 30.80
N LEU A 962 9.02 -5.82 29.52
CA LEU A 962 10.09 -6.49 28.79
C LEU A 962 11.44 -5.79 28.90
N ARG A 963 11.51 -4.59 29.46
CA ARG A 963 12.76 -3.83 29.50
C ARG A 963 13.22 -3.47 30.91
N GLN A 964 12.43 -3.77 31.94
CA GLN A 964 12.84 -3.55 33.31
C GLN A 964 13.37 -4.85 33.91
N SER A 965 14.16 -4.71 34.97
CA SER A 965 14.78 -5.88 35.60
C SER A 965 13.71 -6.84 36.12
N ASN A 966 14.06 -8.12 36.17
CA ASN A 966 13.09 -9.14 36.54
C ASN A 966 12.72 -9.06 38.02
N LYS A 967 13.65 -8.65 38.88
CA LYS A 967 13.35 -8.61 40.31
C LYS A 967 12.21 -7.66 40.63
N ILE A 968 11.90 -6.71 39.75
CA ILE A 968 10.82 -5.77 39.99
C ILE A 968 9.49 -6.49 39.75
N SER A 969 8.60 -6.41 40.74
CA SER A 969 7.31 -7.08 40.64
C SER A 969 6.42 -6.38 39.62
N LYS A 970 5.44 -7.14 39.10
CA LYS A 970 4.54 -6.58 38.11
C LYS A 970 3.79 -5.36 38.65
N LYS A 971 3.47 -5.36 39.94
CA LYS A 971 2.77 -4.22 40.52
C LYS A 971 3.65 -2.97 40.45
N GLU A 972 4.94 -3.11 40.73
CA GLU A 972 5.84 -1.96 40.63
C GLU A 972 5.92 -1.44 39.20
N LYS A 973 5.95 -2.35 38.23
CA LYS A 973 5.98 -1.92 36.83
C LYS A 973 4.71 -1.18 36.47
N ASP A 974 3.55 -1.67 36.91
CA ASP A 974 2.30 -0.97 36.65
C ASP A 974 2.28 0.40 37.33
N ASP A 975 2.80 0.47 38.56
CA ASP A 975 2.85 1.75 39.25
C ASP A 975 3.72 2.74 38.51
N TYR A 976 4.87 2.30 38.01
CA TYR A 976 5.72 3.20 37.23
C TYR A 976 5.07 3.60 35.92
N VAL A 977 4.33 2.69 35.29
CA VAL A 977 3.62 3.06 34.07
C VAL A 977 2.59 4.14 34.37
N ASP A 978 1.86 4.01 35.48
CA ASP A 978 0.90 5.03 35.87
C ASP A 978 1.60 6.35 36.17
N TYR A 979 2.75 6.28 36.84
CA TYR A 979 3.50 7.49 37.14
C TYR A 979 3.95 8.21 35.88
N VAL A 980 4.43 7.44 34.89
CA VAL A 980 4.86 8.04 33.64
C VAL A 980 3.67 8.63 32.88
N ILE A 981 2.53 7.94 32.91
CA ILE A 981 1.34 8.47 32.26
C ILE A 981 0.94 9.80 32.89
N ASP A 982 0.96 9.87 34.23
CA ASP A 982 0.63 11.12 34.90
C ASP A 982 1.65 12.21 34.56
N LEU A 983 2.93 11.86 34.53
CA LEU A 983 3.97 12.85 34.27
C LEU A 983 3.81 13.44 32.87
N LEU A 984 3.50 12.61 31.88
CA LEU A 984 3.38 13.06 30.49
C LEU A 984 1.99 13.58 30.16
N GLU A 985 1.07 13.60 31.11
CA GLU A 985 -0.27 14.12 30.91
C GLU A 985 -1.01 13.34 29.80
N MET A 986 -1.16 12.05 30.03
CA MET A 986 -1.88 11.16 29.12
C MET A 986 -3.07 10.49 29.78
N THR A 987 -3.51 10.99 30.94
CA THR A 987 -4.63 10.35 31.63
C THR A 987 -5.91 10.42 30.82
N ASP A 988 -6.08 11.48 30.02
CA ASP A 988 -7.32 11.63 29.26
C ASP A 988 -7.47 10.53 28.22
N TYR A 989 -6.36 10.14 27.57
CA TYR A 989 -6.37 9.16 26.49
C TYR A 989 -5.45 7.98 26.82
N ALA A 990 -5.46 7.55 28.08
CA ALA A 990 -4.62 6.43 28.47
C ALA A 990 -5.08 5.13 27.84
N ASP A 991 -6.40 4.97 27.65
CA ASP A 991 -6.96 3.75 27.10
C ASP A 991 -7.33 3.88 25.63
N ALA A 992 -6.98 4.99 24.98
CA ALA A 992 -7.32 5.17 23.57
C ALA A 992 -6.41 4.33 22.69
N LEU A 993 -7.00 3.76 21.64
CA LEU A 993 -6.21 2.98 20.70
C LEU A 993 -5.26 3.88 19.92
N VAL A 994 -4.05 3.37 19.68
CA VAL A 994 -3.07 4.14 18.92
C VAL A 994 -3.60 4.42 17.52
N GLY A 995 -4.14 3.41 16.86
CA GLY A 995 -4.73 3.59 15.55
C GLY A 995 -3.74 4.14 14.53
N VAL A 996 -4.26 4.42 13.34
CA VAL A 996 -3.48 4.98 12.26
C VAL A 996 -3.36 6.48 12.47
N ALA A 997 -2.47 7.13 11.72
CA ALA A 997 -2.24 8.55 11.91
C ALA A 997 -3.51 9.36 11.63
N GLY A 998 -4.22 9.03 10.55
CA GLY A 998 -5.42 9.78 10.23
C GLY A 998 -6.51 9.63 11.27
N GLU A 999 -6.75 8.40 11.74
CA GLU A 999 -7.77 8.12 12.75
C GLU A 999 -7.06 7.56 13.97
N GLY A 1000 -6.94 8.37 15.00
CA GLY A 1000 -6.27 7.98 16.22
C GLY A 1000 -5.55 9.16 16.84
N LEU A 1001 -4.50 8.86 17.59
CA LEU A 1001 -3.72 9.89 18.25
C LEU A 1001 -3.09 10.83 17.22
N ASN A 1002 -3.04 12.11 17.55
CA ASN A 1002 -2.43 13.10 16.68
C ASN A 1002 -0.91 13.10 16.88
N VAL A 1003 -0.21 14.01 16.21
CA VAL A 1003 1.25 13.99 16.23
C VAL A 1003 1.78 14.19 17.64
N GLU A 1004 1.22 15.15 18.38
CA GLU A 1004 1.72 15.41 19.72
C GLU A 1004 1.50 14.21 20.64
N GLN A 1005 0.33 13.60 20.57
CA GLN A 1005 0.05 12.42 21.40
C GLN A 1005 0.96 11.26 21.02
N ARG A 1006 1.19 11.06 19.72
CA ARG A 1006 2.07 9.98 19.30
C ARG A 1006 3.49 10.22 19.79
N LYS A 1007 3.98 11.47 19.72
CA LYS A 1007 5.32 11.76 20.20
C LYS A 1007 5.42 11.57 21.70
N ARG A 1008 4.37 11.96 22.44
CA ARG A 1008 4.37 11.74 23.89
C ARG A 1008 4.41 10.26 24.20
N LEU A 1009 3.65 9.45 23.46
CA LEU A 1009 3.69 8.01 23.64
C LEU A 1009 5.08 7.45 23.33
N THR A 1010 5.71 7.94 22.27
CA THR A 1010 7.05 7.48 21.93
C THR A 1010 8.04 7.80 23.04
N ILE A 1011 7.95 8.99 23.62
CA ILE A 1011 8.82 9.34 24.74
C ILE A 1011 8.53 8.45 25.95
N GLY A 1012 7.24 8.24 26.25
CA GLY A 1012 6.88 7.44 27.39
C GLY A 1012 7.35 6.00 27.28
N VAL A 1013 7.32 5.44 26.07
CA VAL A 1013 7.77 4.05 25.88
C VAL A 1013 9.22 3.91 26.33
N GLU A 1014 10.05 4.92 26.05
CA GLU A 1014 11.43 4.89 26.50
C GLU A 1014 11.54 5.21 27.98
N LEU A 1015 10.71 6.11 28.49
CA LEU A 1015 10.81 6.50 29.90
C LEU A 1015 10.49 5.32 30.81
N VAL A 1016 9.47 4.53 30.48
CA VAL A 1016 9.05 3.44 31.35
C VAL A 1016 10.13 2.37 31.48
N ALA A 1017 11.05 2.28 30.52
CA ALA A 1017 12.16 1.35 30.63
C ALA A 1017 13.17 1.77 31.70
N LYS A 1018 13.02 2.97 32.25
CA LYS A 1018 13.90 3.49 33.29
C LYS A 1018 15.33 3.58 32.80
N PRO A 1019 15.63 4.45 31.83
CA PRO A 1019 17.04 4.70 31.50
C PRO A 1019 17.78 5.28 32.69
N LYS A 1020 19.03 4.86 32.85
CA LYS A 1020 19.83 5.27 33.99
C LYS A 1020 20.92 6.27 33.66
N LEU A 1021 21.26 6.44 32.38
CA LEU A 1021 22.38 7.29 31.99
C LEU A 1021 21.95 8.50 31.17
N LEU A 1022 21.22 8.30 30.06
CA LEU A 1022 21.01 9.37 29.10
C LEU A 1022 19.72 9.12 28.34
N LEU A 1023 19.21 10.19 27.72
CA LEU A 1023 17.99 10.13 26.91
C LEU A 1023 18.24 10.86 25.60
N PHE A 1024 18.70 10.14 24.59
CA PHE A 1024 18.85 10.71 23.25
C PHE A 1024 17.49 10.93 22.62
N LEU A 1025 17.33 12.07 21.94
CA LEU A 1025 16.12 12.39 21.19
C LEU A 1025 16.55 12.83 19.80
N ASP A 1026 16.04 12.15 18.77
CA ASP A 1026 16.41 12.44 17.39
C ASP A 1026 15.39 13.41 16.81
N GLU A 1027 15.73 14.70 16.80
CA GLU A 1027 14.88 15.74 16.24
C GLU A 1027 13.46 15.67 16.82
N PRO A 1028 13.30 15.89 18.13
CA PRO A 1028 11.96 15.84 18.71
C PRO A 1028 11.00 16.88 18.15
N THR A 1029 11.49 18.07 17.80
CA THR A 1029 10.63 19.16 17.36
C THR A 1029 10.45 19.20 15.84
N SER A 1030 11.19 18.41 15.09
CA SER A 1030 11.09 18.46 13.64
C SER A 1030 9.77 17.87 13.17
N GLY A 1031 9.21 18.47 12.13
CA GLY A 1031 7.96 17.99 11.56
C GLY A 1031 6.72 18.33 12.35
N LEU A 1032 6.78 19.35 13.21
CA LEU A 1032 5.65 19.74 14.04
C LEU A 1032 5.43 21.24 13.91
N ASP A 1033 4.18 21.65 14.13
CA ASP A 1033 3.86 23.07 14.13
C ASP A 1033 4.51 23.75 15.33
N SER A 1034 4.39 25.08 15.37
CA SER A 1034 5.06 25.84 16.41
C SER A 1034 4.53 25.48 17.79
N GLN A 1035 3.21 25.33 17.92
CA GLN A 1035 2.63 25.08 19.24
C GLN A 1035 2.98 23.70 19.76
N THR A 1036 2.91 22.68 18.91
CA THR A 1036 3.27 21.34 19.34
C THR A 1036 4.76 21.25 19.66
N ALA A 1037 5.60 21.92 18.88
CA ALA A 1037 7.03 21.97 19.20
C ALA A 1037 7.26 22.65 20.55
N TRP A 1038 6.52 23.73 20.82
CA TRP A 1038 6.63 24.39 22.10
C TRP A 1038 6.24 23.45 23.24
N SER A 1039 5.15 22.70 23.04
CA SER A 1039 4.71 21.76 24.07
C SER A 1039 5.75 20.68 24.31
N ILE A 1040 6.35 20.15 23.25
CA ILE A 1040 7.38 19.13 23.39
C ILE A 1040 8.59 19.69 24.12
N CYS A 1041 8.96 20.93 23.80
CA CYS A 1041 10.08 21.57 24.49
C CYS A 1041 9.79 21.73 25.98
N LYS A 1042 8.56 22.14 26.31
CA LYS A 1042 8.20 22.26 27.73
C LYS A 1042 8.24 20.90 28.42
N LEU A 1043 7.78 19.86 27.73
CA LEU A 1043 7.85 18.51 28.30
C LEU A 1043 9.29 18.10 28.56
N MET A 1044 10.18 18.39 27.62
CA MET A 1044 11.59 18.04 27.81
C MET A 1044 12.19 18.82 28.97
N ARG A 1045 11.83 20.11 29.10
CA ARG A 1045 12.30 20.89 30.23
C ARG A 1045 11.80 20.31 31.55
N LYS A 1046 10.54 19.88 31.58
CA LYS A 1046 10.01 19.26 32.78
C LYS A 1046 10.75 17.97 33.11
N LEU A 1047 11.03 17.15 32.10
CA LEU A 1047 11.79 15.93 32.34
C LEU A 1047 13.18 16.23 32.89
N ALA A 1048 13.84 17.26 32.34
CA ALA A 1048 15.15 17.65 32.86
C ALA A 1048 15.03 18.11 34.32
N ASP A 1049 13.98 18.88 34.63
CA ASP A 1049 13.78 19.33 36.00
C ASP A 1049 13.66 18.17 36.97
N HIS A 1050 13.21 17.01 36.49
CA HIS A 1050 13.03 15.84 37.33
C HIS A 1050 14.31 15.05 37.54
N GLY A 1051 15.41 15.43 36.89
CA GLY A 1051 16.69 14.78 37.06
C GLY A 1051 17.20 14.01 35.86
N GLN A 1052 16.57 14.14 34.69
CA GLN A 1052 16.99 13.41 33.50
C GLN A 1052 18.04 14.21 32.73
N ALA A 1053 18.99 13.50 32.14
CA ALA A 1053 20.00 14.08 31.28
C ALA A 1053 19.59 13.87 29.83
N ILE A 1054 19.45 14.97 29.09
CA ILE A 1054 18.88 14.95 27.75
C ILE A 1054 19.89 15.50 26.77
N LEU A 1055 20.08 14.79 25.65
CA LEU A 1055 20.91 15.25 24.54
C LEU A 1055 20.06 15.07 23.27
N CYS A 1056 19.61 16.18 22.70
CA CYS A 1056 18.67 16.15 21.58
C CYS A 1056 19.31 16.78 20.35
N THR A 1057 19.10 16.15 19.20
CA THR A 1057 19.43 16.77 17.92
C THR A 1057 18.29 17.70 17.52
N ILE A 1058 18.63 18.92 17.12
CA ILE A 1058 17.65 19.95 16.79
C ILE A 1058 17.94 20.44 15.37
N HIS A 1059 16.88 20.56 14.57
CA HIS A 1059 16.99 20.97 13.17
C HIS A 1059 16.07 22.17 12.94
N GLN A 1060 16.66 23.28 12.50
CA GLN A 1060 15.93 24.50 12.16
C GLN A 1060 14.96 24.89 13.27
N PRO A 1061 15.46 25.33 14.43
CA PRO A 1061 14.58 25.79 15.50
C PRO A 1061 14.29 27.28 15.42
N SER A 1062 13.25 27.68 16.13
CA SER A 1062 12.91 29.09 16.27
C SER A 1062 13.62 29.68 17.48
N ALA A 1063 13.62 31.01 17.56
CA ALA A 1063 14.32 31.69 18.65
C ALA A 1063 13.75 31.29 20.01
N LEU A 1064 12.42 31.26 20.13
CA LEU A 1064 11.81 30.89 21.40
C LEU A 1064 12.15 29.45 21.76
N ILE A 1065 12.09 28.54 20.79
CA ILE A 1065 12.42 27.15 21.05
C ILE A 1065 13.89 27.02 21.43
N MET A 1066 14.78 27.69 20.69
CA MET A 1066 16.21 27.59 20.99
C MET A 1066 16.55 28.18 22.35
N ALA A 1067 15.76 29.14 22.83
CA ALA A 1067 16.04 29.76 24.11
C ALA A 1067 15.79 28.84 25.29
N GLU A 1068 15.17 27.68 25.09
CA GLU A 1068 14.84 26.78 26.20
C GLU A 1068 15.95 25.79 26.52
N PHE A 1069 16.98 25.69 25.69
CA PHE A 1069 18.04 24.73 25.93
C PHE A 1069 19.11 25.30 26.86
N ASP A 1070 19.84 24.40 27.50
CA ASP A 1070 20.87 24.78 28.47
C ASP A 1070 22.26 24.87 27.84
N ARG A 1071 22.60 23.92 26.97
CA ARG A 1071 23.89 23.92 26.30
C ARG A 1071 23.70 23.66 24.82
N LEU A 1072 24.69 24.06 24.03
CA LEU A 1072 24.65 23.90 22.58
C LEU A 1072 25.95 23.27 22.10
N LEU A 1073 25.83 22.36 21.15
CA LEU A 1073 26.98 21.77 20.46
C LEU A 1073 26.76 21.97 18.97
N PHE A 1074 27.54 22.89 18.39
CA PHE A 1074 27.39 23.29 17.00
C PHE A 1074 28.49 22.67 16.16
N LEU A 1075 28.10 21.96 15.11
CA LEU A 1075 29.03 21.23 14.26
C LEU A 1075 29.09 21.88 12.88
N GLN A 1076 30.29 22.06 12.35
CA GLN A 1076 30.48 22.57 11.01
C GLN A 1076 30.44 21.42 10.01
N LYS A 1077 30.56 21.76 8.73
CA LYS A 1077 30.68 20.75 7.69
C LYS A 1077 31.92 19.90 7.95
N GLY A 1078 31.77 18.59 7.84
CA GLY A 1078 32.86 17.67 8.11
C GLY A 1078 32.98 17.22 9.55
N GLY A 1079 31.99 17.49 10.38
CA GLY A 1079 32.02 17.06 11.77
C GLY A 1079 32.87 17.90 12.68
N ARG A 1080 33.35 19.06 12.22
CA ARG A 1080 34.21 19.91 13.04
C ARG A 1080 33.36 20.81 13.92
N THR A 1081 33.61 20.76 15.23
CA THR A 1081 32.84 21.56 16.17
C THR A 1081 33.29 23.02 16.11
N ALA A 1082 32.32 23.92 15.99
CA ALA A 1082 32.59 25.35 15.97
C ALA A 1082 32.31 26.03 17.30
N TYR A 1083 31.37 25.52 18.08
CA TYR A 1083 31.07 26.09 19.39
C TYR A 1083 30.44 25.02 20.26
N PHE A 1084 30.92 24.91 21.50
CA PHE A 1084 30.34 24.01 22.48
C PHE A 1084 30.34 24.72 23.83
N GLY A 1085 29.16 24.99 24.35
CA GLY A 1085 29.04 25.65 25.64
C GLY A 1085 27.63 26.18 25.83
N GLU A 1086 27.41 26.67 27.04
CA GLU A 1086 26.12 27.25 27.39
C GLU A 1086 25.80 28.41 26.47
N LEU A 1087 24.53 28.53 26.10
CA LEU A 1087 24.06 29.60 25.23
C LEU A 1087 23.37 30.72 25.99
N GLY A 1088 23.32 30.65 27.32
CA GLY A 1088 22.84 31.75 28.12
C GLY A 1088 21.37 32.07 27.88
N GLU A 1089 21.03 33.32 28.19
CA GLU A 1089 19.66 33.81 28.07
C GLU A 1089 19.43 34.33 26.66
N ASN A 1090 18.38 33.84 26.01
CA ASN A 1090 18.04 34.27 24.65
C ASN A 1090 19.22 34.06 23.71
N CYS A 1091 19.94 32.95 23.90
CA CYS A 1091 21.11 32.63 23.08
C CYS A 1091 22.13 33.75 23.09
N GLN A 1092 22.21 34.50 24.20
CA GLN A 1092 23.11 35.65 24.25
C GLN A 1092 24.56 35.21 24.30
N THR A 1093 24.88 34.25 25.18
CA THR A 1093 26.28 33.86 25.35
C THR A 1093 26.89 33.39 24.04
N MET A 1094 26.18 32.53 23.30
CA MET A 1094 26.66 32.11 22.00
C MET A 1094 26.89 33.32 21.10
N ILE A 1095 25.94 34.26 21.10
CA ILE A 1095 26.13 35.48 20.31
C ILE A 1095 27.36 36.23 20.77
N ASN A 1096 27.62 36.22 22.09
CA ASN A 1096 28.80 36.89 22.62
C ASN A 1096 30.08 36.17 22.25
N TYR A 1097 30.01 34.93 21.76
CA TYR A 1097 31.21 34.22 21.37
C TYR A 1097 31.66 34.62 19.97
N PHE A 1098 30.83 34.36 18.96
CA PHE A 1098 31.21 34.67 17.59
C PHE A 1098 31.49 36.15 17.41
N GLU A 1099 30.68 37.01 18.04
CA GLU A 1099 30.90 38.44 17.90
C GLU A 1099 32.25 38.85 18.45
N LYS A 1100 32.78 38.13 19.43
CA LYS A 1100 34.07 38.48 20.03
C LYS A 1100 35.25 37.88 19.28
N TYR A 1101 35.01 37.10 18.23
CA TYR A 1101 36.08 36.48 17.45
C TYR A 1101 36.00 36.88 15.98
N GLY A 1102 35.40 38.04 15.71
CA GLY A 1102 35.39 38.58 14.36
C GLY A 1102 34.19 38.16 13.53
N ALA A 1103 32.99 38.39 14.06
CA ALA A 1103 31.76 38.07 13.35
C ALA A 1103 30.86 39.30 13.34
N ASP A 1104 30.04 39.40 12.30
CA ASP A 1104 29.12 40.53 12.20
C ASP A 1104 28.11 40.48 13.34
N PRO A 1105 27.75 41.62 13.93
CA PRO A 1105 26.79 41.59 15.04
C PRO A 1105 25.46 41.01 14.62
N CYS A 1106 24.86 40.23 15.51
CA CYS A 1106 23.58 39.61 15.21
C CYS A 1106 22.48 40.68 15.20
N PRO A 1107 21.58 40.65 14.21
CA PRO A 1107 20.46 41.60 14.23
C PRO A 1107 19.61 41.44 15.47
N LYS A 1108 19.10 42.57 15.97
CA LYS A 1108 18.34 42.55 17.20
C LYS A 1108 17.04 41.75 17.08
N GLU A 1109 16.58 41.51 15.84
CA GLU A 1109 15.32 40.81 15.61
C GLU A 1109 15.49 39.59 14.72
N ALA A 1110 16.69 39.02 14.67
CA ALA A 1110 16.97 37.85 13.85
C ALA A 1110 17.03 36.60 14.73
N ASN A 1111 16.68 35.47 14.13
CA ASN A 1111 16.73 34.21 14.85
C ASN A 1111 18.19 33.82 15.07
N PRO A 1112 18.63 33.58 16.31
CA PRO A 1112 20.05 33.25 16.52
C PRO A 1112 20.50 32.01 15.77
N ALA A 1113 19.62 31.02 15.59
CA ALA A 1113 20.01 29.82 14.86
C ALA A 1113 20.43 30.14 13.44
N GLU A 1114 19.60 30.89 12.72
CA GLU A 1114 19.92 31.24 11.33
C GLU A 1114 21.18 32.09 11.27
N TRP A 1115 21.31 33.06 12.19
CA TRP A 1115 22.48 33.92 12.16
C TRP A 1115 23.76 33.13 12.38
N MET A 1116 23.77 32.25 13.37
CA MET A 1116 24.99 31.47 13.62
C MET A 1116 25.24 30.45 12.52
N LEU A 1117 24.18 29.98 11.85
CA LEU A 1117 24.38 29.10 10.71
C LEU A 1117 25.03 29.85 9.55
N GLN A 1118 24.61 31.09 9.30
CA GLN A 1118 25.15 31.85 8.18
C GLN A 1118 26.47 32.54 8.52
N VAL A 1119 26.85 32.60 9.80
CA VAL A 1119 28.17 33.13 10.15
C VAL A 1119 29.26 32.17 9.69
N VAL A 1120 29.03 30.87 9.80
CA VAL A 1120 30.03 29.87 9.44
C VAL A 1120 29.87 29.48 7.98
N GLY A 1121 29.03 30.21 7.26
CA GLY A 1121 28.86 29.96 5.84
C GLY A 1121 28.05 28.72 5.50
N ALA A 1122 27.34 28.16 6.48
CA ALA A 1122 26.56 26.95 6.21
C ALA A 1122 25.35 27.26 5.34
N ALA A 1123 24.67 28.37 5.60
CA ALA A 1123 23.47 28.70 4.84
C ALA A 1123 23.83 29.03 3.39
N PRO A 1124 22.95 28.68 2.45
CA PRO A 1124 23.24 29.01 1.04
C PRO A 1124 23.36 30.50 0.83
N GLY A 1125 24.30 30.90 -0.02
CA GLY A 1125 24.52 32.29 -0.32
C GLY A 1125 25.25 33.07 0.75
N SER A 1126 25.75 32.40 1.78
CA SER A 1126 26.47 33.05 2.87
C SER A 1126 27.96 32.83 2.71
N HIS A 1127 28.75 33.86 3.06
CA HIS A 1127 30.19 33.82 2.96
C HIS A 1127 30.81 33.83 4.36
N ALA A 1128 31.68 32.86 4.63
CA ALA A 1128 32.35 32.75 5.91
C ALA A 1128 33.70 33.43 5.85
N LYS A 1129 33.96 34.32 6.81
CA LYS A 1129 35.22 35.05 6.82
C LYS A 1129 36.40 34.09 7.00
N GLN A 1130 36.25 33.11 7.90
CA GLN A 1130 37.29 32.11 8.09
C GLN A 1130 36.65 30.87 8.71
N ASP A 1131 37.35 29.74 8.57
CA ASP A 1131 36.88 28.52 9.21
C ASP A 1131 36.95 28.67 10.73
N TYR A 1132 35.83 28.40 11.38
CA TYR A 1132 35.72 28.59 12.82
C TYR A 1132 36.14 27.37 13.62
N PHE A 1133 36.48 26.26 12.96
CA PHE A 1133 37.06 25.13 13.67
C PHE A 1133 38.40 25.50 14.26
N GLU A 1134 39.28 26.10 13.44
CA GLU A 1134 40.58 26.52 13.94
C GLU A 1134 40.43 27.61 15.00
N VAL A 1135 39.46 28.50 14.83
CA VAL A 1135 39.20 29.52 15.85
C VAL A 1135 38.81 28.86 17.17
N TRP A 1136 37.93 27.86 17.10
CA TRP A 1136 37.47 27.18 18.31
C TRP A 1136 38.59 26.40 18.98
N ARG A 1137 39.50 25.82 18.19
CA ARG A 1137 40.53 24.96 18.77
C ARG A 1137 41.38 25.73 19.78
N ASN A 1138 41.70 26.99 19.49
CA ASN A 1138 42.45 27.85 20.40
C ASN A 1138 41.64 29.11 20.61
N SER A 1139 40.75 29.09 21.61
CA SER A 1139 39.87 30.22 21.88
C SER A 1139 39.70 30.52 23.35
N SER A 1140 40.40 29.81 24.24
CA SER A 1140 40.25 29.89 25.69
C SER A 1140 38.92 29.32 26.18
N GLU A 1141 38.04 28.91 25.27
CA GLU A 1141 36.83 28.16 25.62
C GLU A 1141 37.01 26.66 25.39
N TYR A 1142 37.73 26.28 24.32
CA TYR A 1142 38.12 24.89 24.15
C TYR A 1142 39.03 24.44 25.28
N GLN A 1143 39.89 25.34 25.77
CA GLN A 1143 40.74 25.01 26.92
C GLN A 1143 39.89 24.72 28.14
N ALA A 1144 38.84 25.52 28.36
CA ALA A 1144 37.95 25.27 29.50
C ALA A 1144 37.27 23.91 29.37
N VAL A 1145 36.80 23.58 28.17
CA VAL A 1145 36.14 22.29 27.96
C VAL A 1145 37.11 21.15 28.22
N ARG A 1146 38.33 21.27 27.70
CA ARG A 1146 39.33 20.21 27.90
C ARG A 1146 39.67 20.05 29.38
N GLU A 1147 39.85 21.17 30.08
CA GLU A 1147 40.16 21.10 31.51
C GLU A 1147 39.01 20.49 32.29
N GLU A 1148 37.78 20.84 31.95
CA GLU A 1148 36.63 20.26 32.64
C GLU A 1148 36.56 18.76 32.40
N ILE A 1149 36.80 18.32 31.16
CA ILE A 1149 36.75 16.89 30.87
C ILE A 1149 37.86 16.16 31.64
N ASN A 1150 39.06 16.74 31.67
CA ASN A 1150 40.15 16.11 32.41
C ASN A 1150 39.84 16.01 33.89
N ARG A 1151 39.30 17.09 34.47
CA ARG A 1151 38.95 17.07 35.89
C ARG A 1151 37.88 16.04 36.17
N MET A 1152 36.86 15.97 35.30
CA MET A 1152 35.80 14.98 35.49
C MET A 1152 36.36 13.57 35.45
N GLU A 1153 37.20 13.28 34.44
CA GLU A 1153 37.75 11.94 34.33
C GLU A 1153 38.61 11.60 35.53
N ALA A 1154 39.40 12.56 36.02
CA ALA A 1154 40.29 12.29 37.14
C ALA A 1154 39.52 12.12 38.45
N GLU A 1155 38.43 12.86 38.64
CA GLU A 1155 37.75 12.89 39.93
C GLU A 1155 36.63 11.85 40.02
N LEU A 1156 35.72 11.82 39.04
CA LEU A 1156 34.58 10.93 39.12
C LEU A 1156 34.98 9.46 39.18
N SER A 1157 36.19 9.13 38.72
CA SER A 1157 36.63 7.73 38.77
C SER A 1157 36.71 7.22 40.20
N LYS A 1158 37.04 8.09 41.16
CA LYS A 1158 37.17 7.67 42.55
C LYS A 1158 35.85 7.25 43.18
N LEU A 1159 34.73 7.66 42.60
CA LEU A 1159 33.43 7.33 43.20
C LEU A 1159 33.21 5.82 43.17
N PRO A 1160 32.65 5.23 44.22
CA PRO A 1160 32.38 3.79 44.19
C PRO A 1160 31.39 3.43 43.10
N ARG A 1161 31.61 2.28 42.49
CA ARG A 1161 30.77 1.83 41.39
C ARG A 1161 29.52 1.13 41.92
N ASP A 1162 28.55 0.94 41.03
CA ASP A 1162 27.34 0.18 41.31
C ASP A 1162 27.29 -0.97 40.30
N ASN A 1163 27.96 -2.06 40.65
CA ASN A 1163 28.09 -3.22 39.75
C ASN A 1163 26.93 -4.16 40.00
N ASP A 1164 25.94 -4.13 39.09
CA ASP A 1164 24.77 -4.98 39.19
C ASP A 1164 24.87 -6.08 38.14
N PRO A 1165 24.97 -7.36 38.52
CA PRO A 1165 25.13 -8.41 37.49
C PRO A 1165 24.00 -8.45 36.47
N GLU A 1166 22.76 -8.13 36.87
CA GLU A 1166 21.68 -8.12 35.89
C GLU A 1166 21.86 -7.03 34.85
N ALA A 1167 22.58 -5.96 35.19
CA ALA A 1167 22.82 -4.90 34.20
C ALA A 1167 23.61 -5.42 33.02
N LEU A 1168 24.54 -6.36 33.27
CA LEU A 1168 25.36 -6.92 32.20
C LEU A 1168 24.65 -8.09 31.53
N LEU A 1169 23.42 -7.88 31.10
CA LEU A 1169 22.65 -8.89 30.40
C LEU A 1169 22.11 -8.30 29.11
N LYS A 1170 22.11 -9.10 28.04
CA LYS A 1170 21.64 -8.60 26.75
C LYS A 1170 20.17 -8.21 26.82
N TYR A 1171 19.35 -9.05 27.45
CA TYR A 1171 17.92 -8.79 27.57
C TYR A 1171 17.51 -8.94 29.03
N ALA A 1172 16.56 -8.11 29.46
CA ALA A 1172 16.14 -8.13 30.86
C ALA A 1172 15.32 -9.38 31.16
N ALA A 1173 14.37 -9.73 30.29
CA ALA A 1173 13.48 -10.85 30.56
C ALA A 1173 14.01 -12.13 29.95
N PRO A 1174 13.72 -13.29 30.55
CA PRO A 1174 14.14 -14.56 29.97
C PRO A 1174 13.41 -14.85 28.66
N LEU A 1175 14.00 -15.75 27.88
CA LEU A 1175 13.51 -15.98 26.52
C LEU A 1175 12.05 -16.42 26.51
N TRP A 1176 11.68 -17.30 27.44
CA TRP A 1176 10.30 -17.81 27.44
C TRP A 1176 9.31 -16.69 27.69
N LYS A 1177 9.64 -15.76 28.60
CA LYS A 1177 8.73 -14.64 28.86
C LYS A 1177 8.58 -13.77 27.63
N GLN A 1178 9.68 -13.47 26.94
CA GLN A 1178 9.58 -12.68 25.71
C GLN A 1178 8.73 -13.39 24.68
N TYR A 1179 8.93 -14.69 24.51
CA TYR A 1179 8.15 -15.46 23.54
C TYR A 1179 6.67 -15.40 23.86
N LEU A 1180 6.32 -15.63 25.14
CA LEU A 1180 4.92 -15.62 25.53
C LEU A 1180 4.30 -14.25 25.30
N LEU A 1181 4.99 -13.20 25.72
CA LEU A 1181 4.44 -11.84 25.58
C LEU A 1181 4.26 -11.47 24.12
N VAL A 1182 5.25 -11.77 23.28
CA VAL A 1182 5.14 -11.43 21.86
C VAL A 1182 4.00 -12.21 21.21
N SER A 1183 3.89 -13.50 21.51
CA SER A 1183 2.84 -14.31 20.91
C SER A 1183 1.46 -13.79 21.34
N TRP A 1184 1.30 -13.47 22.62
CA TRP A 1184 0.01 -12.95 23.08
C TRP A 1184 -0.30 -11.61 22.44
N ARG A 1185 0.70 -10.73 22.30
CA ARG A 1185 0.46 -9.46 21.65
C ARG A 1185 0.02 -9.65 20.21
N THR A 1186 0.68 -10.56 19.50
CA THR A 1186 0.29 -10.83 18.12
C THR A 1186 -1.13 -11.39 18.04
N ILE A 1187 -1.49 -12.29 18.94
CA ILE A 1187 -2.83 -12.86 18.94
C ILE A 1187 -3.87 -11.77 19.16
N VAL A 1188 -3.62 -10.89 20.14
CA VAL A 1188 -4.57 -9.82 20.43
C VAL A 1188 -4.66 -8.86 19.26
N GLN A 1189 -3.52 -8.55 18.62
CA GLN A 1189 -3.55 -7.65 17.47
C GLN A 1189 -4.36 -8.24 16.33
N ASP A 1190 -4.20 -9.54 16.07
CA ASP A 1190 -5.00 -10.19 15.04
C ASP A 1190 -6.48 -10.17 15.40
N TRP A 1191 -6.79 -10.41 16.68
CA TRP A 1191 -8.18 -10.42 17.12
C TRP A 1191 -8.83 -9.05 16.94
N ARG A 1192 -8.11 -7.99 17.25
CA ARG A 1192 -8.65 -6.63 17.19
C ARG A 1192 -8.57 -6.00 15.81
N SER A 1193 -7.97 -6.67 14.83
CA SER A 1193 -7.82 -6.08 13.51
C SER A 1193 -9.19 -5.90 12.87
N PRO A 1194 -9.43 -4.76 12.19
CA PRO A 1194 -10.78 -4.48 11.66
C PRO A 1194 -11.11 -5.25 10.38
N GLY A 1195 -11.57 -6.48 10.52
CA GLY A 1195 -12.05 -7.25 9.39
C GLY A 1195 -11.10 -8.29 8.84
N TYR A 1196 -10.18 -8.78 9.65
CA TYR A 1196 -9.24 -9.81 9.22
C TYR A 1196 -9.76 -11.20 9.57
N ILE A 1197 -10.06 -11.44 10.85
CA ILE A 1197 -10.61 -12.73 11.26
C ILE A 1197 -11.95 -12.96 10.59
N TYR A 1198 -12.79 -11.92 10.48
CA TYR A 1198 -14.06 -12.08 9.79
C TYR A 1198 -13.87 -12.38 8.31
N SER A 1199 -12.86 -11.75 7.69
CA SER A 1199 -12.58 -12.07 6.30
C SER A 1199 -12.21 -13.54 6.14
N LYS A 1200 -11.33 -14.04 7.01
CA LYS A 1200 -10.94 -15.44 6.94
C LYS A 1200 -12.14 -16.36 7.14
N ILE A 1201 -12.95 -16.06 8.18
CA ILE A 1201 -14.09 -16.92 8.48
C ILE A 1201 -15.07 -16.92 7.33
N PHE A 1202 -15.38 -15.75 6.77
CA PHE A 1202 -16.32 -15.69 5.67
C PHE A 1202 -15.81 -16.45 4.47
N LEU A 1203 -14.56 -16.21 4.08
CA LEU A 1203 -14.02 -16.91 2.91
C LEU A 1203 -14.08 -18.41 3.09
N VAL A 1204 -13.59 -18.91 4.23
CA VAL A 1204 -13.51 -20.35 4.42
C VAL A 1204 -14.91 -20.94 4.50
N VAL A 1205 -15.82 -20.31 5.25
CA VAL A 1205 -17.16 -20.86 5.41
C VAL A 1205 -17.88 -20.92 4.07
N SER A 1206 -17.81 -19.82 3.30
CA SER A 1206 -18.51 -19.79 2.02
C SER A 1206 -17.93 -20.84 1.07
N ALA A 1207 -16.60 -20.92 0.97
CA ALA A 1207 -16.00 -21.88 0.07
C ALA A 1207 -16.34 -23.31 0.48
N ALA A 1208 -16.24 -23.62 1.77
CA ALA A 1208 -16.51 -24.97 2.24
C ALA A 1208 -17.97 -25.34 2.03
N LEU A 1209 -18.89 -24.41 2.31
CA LEU A 1209 -20.31 -24.71 2.13
C LEU A 1209 -20.63 -24.93 0.65
N PHE A 1210 -20.08 -24.08 -0.23
CA PHE A 1210 -20.34 -24.26 -1.65
C PHE A 1210 -19.79 -25.59 -2.14
N ASN A 1211 -18.56 -25.93 -1.75
CA ASN A 1211 -17.98 -27.20 -2.17
C ASN A 1211 -18.80 -28.38 -1.63
N GLY A 1212 -19.22 -28.30 -0.36
CA GLY A 1212 -19.96 -29.40 0.22
C GLY A 1212 -21.31 -29.62 -0.42
N PHE A 1213 -22.05 -28.54 -0.67
CA PHE A 1213 -23.39 -28.65 -1.22
C PHE A 1213 -23.41 -28.75 -2.73
N SER A 1214 -22.27 -28.55 -3.41
CA SER A 1214 -22.19 -28.87 -4.82
C SER A 1214 -22.22 -30.37 -5.04
N PHE A 1215 -21.58 -31.13 -4.15
CA PHE A 1215 -21.55 -32.58 -4.20
C PHE A 1215 -22.40 -33.18 -3.09
N PHE A 1216 -23.52 -32.53 -2.78
CA PHE A 1216 -24.36 -32.96 -1.65
C PHE A 1216 -24.79 -34.41 -1.83
N LYS A 1217 -24.56 -35.22 -0.80
CA LYS A 1217 -24.92 -36.64 -0.82
C LYS A 1217 -24.43 -37.30 -2.10
N ALA A 1218 -23.15 -37.09 -2.40
CA ALA A 1218 -22.58 -37.60 -3.64
C ALA A 1218 -22.77 -39.11 -3.75
N LYS A 1219 -23.24 -39.56 -4.91
CA LYS A 1219 -23.39 -40.98 -5.16
C LYS A 1219 -22.04 -41.62 -5.47
N ASN A 1220 -21.96 -42.93 -5.25
CA ASN A 1220 -20.70 -43.67 -5.36
C ASN A 1220 -20.57 -44.41 -6.68
N ASN A 1221 -21.13 -43.87 -7.76
CA ASN A 1221 -20.97 -44.48 -9.07
C ASN A 1221 -19.54 -44.23 -9.55
N MET A 1222 -19.22 -44.68 -10.77
CA MET A 1222 -17.87 -44.51 -11.29
C MET A 1222 -17.50 -43.04 -11.43
N GLN A 1223 -18.44 -42.22 -11.92
CA GLN A 1223 -18.17 -40.80 -12.07
C GLN A 1223 -18.22 -40.06 -10.74
N GLY A 1224 -19.04 -40.54 -9.80
CA GLY A 1224 -19.13 -39.87 -8.52
C GLY A 1224 -17.83 -39.90 -7.75
N LEU A 1225 -17.07 -40.99 -7.87
CA LEU A 1225 -15.79 -41.08 -7.18
C LEU A 1225 -14.80 -40.06 -7.73
N GLN A 1226 -14.74 -39.92 -9.06
CA GLN A 1226 -13.89 -38.89 -9.64
C GLN A 1226 -14.34 -37.50 -9.23
N ASN A 1227 -15.66 -37.27 -9.19
CA ASN A 1227 -16.16 -35.98 -8.77
C ASN A 1227 -15.75 -35.67 -7.34
N GLN A 1228 -15.82 -36.67 -6.45
CA GLN A 1228 -15.42 -36.46 -5.06
C GLN A 1228 -13.92 -36.24 -4.94
N MET A 1229 -13.13 -36.95 -5.75
CA MET A 1229 -11.69 -36.71 -5.75
C MET A 1229 -11.37 -35.28 -6.16
N PHE A 1230 -12.06 -34.77 -7.18
CA PHE A 1230 -11.84 -33.39 -7.59
C PHE A 1230 -12.43 -32.40 -6.59
N SER A 1231 -13.45 -32.81 -5.82
CA SER A 1231 -13.90 -31.97 -4.71
C SER A 1231 -12.79 -31.83 -3.67
N VAL A 1232 -12.14 -32.93 -3.31
CA VAL A 1232 -11.00 -32.86 -2.40
C VAL A 1232 -9.91 -31.98 -3.00
N PHE A 1233 -9.67 -32.11 -4.31
CA PHE A 1233 -8.66 -31.29 -4.98
C PHE A 1233 -8.99 -29.81 -4.88
N MET A 1234 -10.25 -29.44 -5.12
CA MET A 1234 -10.68 -28.05 -5.08
C MET A 1234 -10.80 -27.52 -3.66
N PHE A 1235 -10.81 -28.40 -2.66
CA PHE A 1235 -10.87 -27.96 -1.27
C PHE A 1235 -9.68 -27.09 -0.88
N PHE A 1236 -8.59 -27.15 -1.65
CA PHE A 1236 -7.36 -26.45 -1.31
C PHE A 1236 -7.23 -25.07 -1.96
N ILE A 1237 -8.23 -24.66 -2.75
CA ILE A 1237 -8.08 -23.41 -3.51
C ILE A 1237 -7.89 -22.20 -2.61
N PRO A 1238 -8.59 -22.06 -1.47
CA PRO A 1238 -8.46 -20.83 -0.66
C PRO A 1238 -7.05 -20.57 -0.12
N PHE A 1239 -6.09 -21.45 -0.45
CA PHE A 1239 -4.72 -21.27 0.02
C PHE A 1239 -4.18 -19.89 -0.36
N ASN A 1240 -4.32 -19.51 -1.62
CA ASN A 1240 -3.75 -18.25 -2.10
C ASN A 1240 -4.38 -17.06 -1.38
N THR A 1241 -5.71 -17.06 -1.29
CA THR A 1241 -6.40 -15.94 -0.65
C THR A 1241 -6.03 -15.84 0.82
N LEU A 1242 -5.94 -16.97 1.51
CA LEU A 1242 -5.56 -16.93 2.92
C LEU A 1242 -4.16 -16.37 3.09
N VAL A 1243 -3.22 -16.80 2.25
CA VAL A 1243 -1.86 -16.30 2.35
C VAL A 1243 -1.83 -14.79 2.10
N GLN A 1244 -2.53 -14.34 1.06
CA GLN A 1244 -2.55 -12.91 0.75
C GLN A 1244 -3.16 -12.11 1.89
N GLN A 1245 -4.23 -12.61 2.50
CA GLN A 1245 -4.84 -11.91 3.63
C GLN A 1245 -3.88 -11.82 4.80
N MET A 1246 -3.13 -12.90 5.06
CA MET A 1246 -2.36 -12.97 6.29
C MET A 1246 -1.05 -12.19 6.19
N LEU A 1247 -0.45 -12.11 5.00
CA LEU A 1247 0.90 -11.55 4.91
C LEU A 1247 1.02 -10.11 5.40
N PRO A 1248 0.11 -9.19 5.05
CA PRO A 1248 0.31 -7.79 5.49
C PRO A 1248 0.42 -7.61 6.98
N TYR A 1249 -0.30 -8.41 7.77
CA TYR A 1249 -0.22 -8.29 9.22
C TYR A 1249 1.08 -8.86 9.77
N PHE A 1250 1.77 -9.71 8.99
CA PHE A 1250 3.15 -10.04 9.31
C PHE A 1250 4.08 -8.91 8.93
N VAL A 1251 3.80 -8.24 7.82
CA VAL A 1251 4.61 -7.10 7.39
C VAL A 1251 4.63 -6.04 8.49
N LYS A 1252 3.45 -5.71 9.03
CA LYS A 1252 3.38 -4.65 10.02
C LYS A 1252 4.17 -5.00 11.27
N GLN A 1253 4.01 -6.23 11.78
CA GLN A 1253 4.75 -6.63 12.97
C GLN A 1253 6.25 -6.62 12.71
N ARG A 1254 6.68 -7.13 11.56
CA ARG A 1254 8.10 -7.14 11.25
C ARG A 1254 8.65 -5.71 11.16
N ASP A 1255 7.91 -4.80 10.54
CA ASP A 1255 8.37 -3.42 10.45
C ASP A 1255 8.52 -2.81 11.83
N VAL A 1256 7.50 -2.98 12.69
CA VAL A 1256 7.57 -2.40 14.02
C VAL A 1256 8.75 -2.98 14.79
N TYR A 1257 8.95 -4.30 14.70
CA TYR A 1257 10.05 -4.91 15.45
C TYR A 1257 11.41 -4.44 14.96
N GLU A 1258 11.63 -4.51 13.65
CA GLU A 1258 12.96 -4.23 13.11
C GLU A 1258 13.32 -2.76 13.21
N VAL A 1259 12.34 -1.86 12.99
CA VAL A 1259 12.67 -0.44 12.96
C VAL A 1259 13.02 0.07 14.35
N ARG A 1260 12.25 -0.32 15.36
CA ARG A 1260 12.39 0.24 16.70
C ARG A 1260 12.77 -0.80 17.75
N GLU A 1261 12.05 -1.93 17.80
CA GLU A 1261 12.21 -2.85 18.93
C GLU A 1261 13.48 -3.68 18.79
N ALA A 1262 14.07 -3.75 17.59
CA ALA A 1262 15.31 -4.50 17.43
C ALA A 1262 16.49 -3.77 18.05
N PRO A 1263 16.84 -2.55 17.63
CA PRO A 1263 17.97 -1.85 18.27
C PRO A 1263 17.77 -1.61 19.75
N SER A 1264 16.53 -1.40 20.20
CA SER A 1264 16.26 -1.17 21.62
C SER A 1264 16.48 -2.42 22.46
N ARG A 1265 16.66 -3.58 21.85
CA ARG A 1265 16.84 -4.84 22.57
C ARG A 1265 15.67 -5.12 23.52
N THR A 1266 14.45 -4.90 23.02
CA THR A 1266 13.27 -5.28 23.78
C THR A 1266 13.17 -6.80 23.89
N PHE A 1267 13.36 -7.50 22.79
CA PHE A 1267 13.36 -8.96 22.78
C PHE A 1267 14.18 -9.44 21.59
N SER A 1268 14.56 -10.72 21.64
CA SER A 1268 15.42 -11.30 20.63
C SER A 1268 14.63 -11.63 19.36
N TRP A 1269 15.37 -11.85 18.27
CA TRP A 1269 14.75 -12.20 17.00
C TRP A 1269 13.98 -13.52 17.11
N PHE A 1270 14.50 -14.47 17.89
CA PHE A 1270 13.80 -15.74 18.06
C PHE A 1270 12.43 -15.54 18.69
N ALA A 1271 12.35 -14.72 19.74
CA ALA A 1271 11.07 -14.45 20.37
C ALA A 1271 10.12 -13.73 19.43
N PHE A 1272 10.63 -13.10 18.37
CA PHE A 1272 9.77 -12.46 17.39
C PHE A 1272 9.25 -13.47 16.37
N ILE A 1273 10.16 -14.25 15.77
CA ILE A 1273 9.74 -15.16 14.70
C ILE A 1273 8.91 -16.31 15.26
N ALA A 1274 9.32 -16.86 16.40
CA ALA A 1274 8.52 -17.91 17.03
C ALA A 1274 7.15 -17.38 17.45
N GLY A 1275 7.11 -16.16 17.96
CA GLY A 1275 5.83 -15.57 18.31
C GLY A 1275 4.92 -15.40 17.09
N GLN A 1276 5.50 -14.95 15.97
CA GLN A 1276 4.72 -14.84 14.74
C GLN A 1276 4.21 -16.20 14.31
N ILE A 1277 5.04 -17.23 14.40
CA ILE A 1277 4.63 -18.58 14.01
C ILE A 1277 3.49 -19.06 14.89
N THR A 1278 3.60 -18.85 16.21
CA THR A 1278 2.61 -19.37 17.14
C THR A 1278 1.31 -18.58 17.11
N SER A 1279 1.36 -17.31 16.72
CA SER A 1279 0.16 -16.48 16.76
C SER A 1279 -0.92 -17.02 15.84
N GLU A 1280 -0.53 -17.54 14.67
CA GLU A 1280 -1.50 -17.90 13.65
C GLU A 1280 -2.11 -19.28 13.86
N ILE A 1281 -1.52 -20.12 14.71
CA ILE A 1281 -1.98 -21.50 14.83
C ILE A 1281 -3.41 -21.59 15.36
N PRO A 1282 -3.79 -20.90 16.46
CA PRO A 1282 -5.16 -21.06 16.97
C PRO A 1282 -6.24 -20.69 15.97
N TYR A 1283 -6.05 -19.57 15.27
CA TYR A 1283 -7.04 -19.15 14.30
C TYR A 1283 -7.17 -20.16 13.17
N GLN A 1284 -6.04 -20.69 12.70
CA GLN A 1284 -6.08 -21.69 11.64
C GLN A 1284 -6.76 -22.97 12.12
N VAL A 1285 -6.53 -23.37 13.37
CA VAL A 1285 -7.19 -24.57 13.88
C VAL A 1285 -8.69 -24.38 13.94
N ALA A 1286 -9.14 -23.23 14.45
CA ALA A 1286 -10.58 -22.96 14.49
C ALA A 1286 -11.17 -22.92 13.09
N VAL A 1287 -10.47 -22.27 12.16
CA VAL A 1287 -10.94 -22.18 10.79
C VAL A 1287 -11.04 -23.56 10.16
N GLY A 1288 -10.04 -24.41 10.40
CA GLY A 1288 -10.08 -25.76 9.87
C GLY A 1288 -11.22 -26.59 10.44
N THR A 1289 -11.48 -26.43 11.74
CA THR A 1289 -12.63 -27.13 12.33
C THR A 1289 -13.93 -26.69 11.67
N ILE A 1290 -14.10 -25.38 11.47
CA ILE A 1290 -15.32 -24.89 10.83
C ILE A 1290 -15.43 -25.43 9.41
N ALA A 1291 -14.32 -25.41 8.67
CA ALA A 1291 -14.35 -25.90 7.29
C ALA A 1291 -14.68 -27.38 7.23
N PHE A 1292 -14.09 -28.18 8.12
CA PHE A 1292 -14.38 -29.60 8.14
C PHE A 1292 -15.86 -29.84 8.44
N PHE A 1293 -16.42 -29.12 9.40
CA PHE A 1293 -17.83 -29.31 9.70
C PHE A 1293 -18.71 -28.85 8.56
N CYS A 1294 -18.28 -27.85 7.80
CA CYS A 1294 -19.07 -27.32 6.69
C CYS A 1294 -18.91 -28.12 5.40
N TRP A 1295 -17.91 -28.98 5.30
CA TRP A 1295 -17.63 -29.71 4.05
C TRP A 1295 -17.80 -31.22 4.17
N TYR A 1296 -17.34 -31.81 5.28
CA TYR A 1296 -17.36 -33.27 5.39
C TYR A 1296 -18.78 -33.82 5.39
N TYR A 1297 -19.70 -33.17 6.10
CA TYR A 1297 -21.02 -33.73 6.33
C TYR A 1297 -21.96 -33.51 5.13
N PRO A 1298 -21.98 -32.32 4.52
CA PRO A 1298 -22.81 -32.16 3.33
C PRO A 1298 -22.50 -33.17 2.23
N LEU A 1299 -21.22 -33.52 2.05
CA LEU A 1299 -20.87 -34.57 1.11
C LEU A 1299 -21.44 -35.92 1.52
N GLY A 1300 -21.80 -36.10 2.79
CA GLY A 1300 -22.28 -37.38 3.26
C GLY A 1300 -21.23 -38.47 3.21
N LEU A 1301 -19.99 -38.14 3.57
CA LEU A 1301 -18.93 -39.14 3.55
C LEU A 1301 -19.02 -40.11 4.72
N TYR A 1302 -19.66 -39.71 5.82
CA TYR A 1302 -19.79 -40.60 6.96
C TYR A 1302 -20.51 -41.89 6.58
N ASN A 1303 -21.42 -41.82 5.60
CA ASN A 1303 -22.13 -43.00 5.16
C ASN A 1303 -21.19 -44.07 4.62
N ASN A 1304 -20.01 -43.68 4.13
CA ASN A 1304 -19.03 -44.64 3.65
C ASN A 1304 -18.40 -45.44 4.77
N ALA A 1305 -18.59 -45.04 6.03
CA ALA A 1305 -18.00 -45.73 7.17
C ALA A 1305 -19.00 -46.58 7.93
N THR A 1306 -20.30 -46.38 7.74
CA THR A 1306 -21.30 -47.17 8.47
C THR A 1306 -21.14 -48.66 8.21
N PRO A 1307 -20.94 -49.14 6.98
CA PRO A 1307 -20.84 -50.59 6.77
C PRO A 1307 -19.76 -51.25 7.60
N THR A 1308 -18.61 -50.59 7.80
CA THR A 1308 -17.52 -51.14 8.58
C THR A 1308 -17.54 -50.69 10.03
N ASP A 1309 -18.53 -49.88 10.43
CA ASP A 1309 -18.65 -49.40 11.80
C ASP A 1309 -17.36 -48.69 12.24
N SER A 1310 -16.94 -47.72 11.44
CA SER A 1310 -15.76 -46.92 11.71
C SER A 1310 -16.03 -45.44 11.45
N VAL A 1311 -17.20 -44.97 11.88
CA VAL A 1311 -17.56 -43.57 11.64
C VAL A 1311 -16.67 -42.64 12.46
N ASN A 1312 -16.54 -42.92 13.77
CA ASN A 1312 -15.81 -41.99 14.63
C ASN A 1312 -14.34 -41.90 14.30
N PRO A 1313 -13.58 -43.00 14.14
CA PRO A 1313 -12.16 -42.86 13.82
C PRO A 1313 -11.93 -42.13 12.51
N ARG A 1314 -12.72 -42.44 11.48
CA ARG A 1314 -12.52 -41.80 10.18
C ARG A 1314 -12.88 -40.33 10.24
N GLY A 1315 -13.95 -39.97 10.95
CA GLY A 1315 -14.27 -38.57 11.13
C GLY A 1315 -13.19 -37.81 11.87
N VAL A 1316 -12.64 -38.41 12.92
CA VAL A 1316 -11.56 -37.76 13.67
C VAL A 1316 -10.35 -37.56 12.76
N LEU A 1317 -9.99 -38.59 11.98
CA LEU A 1317 -8.84 -38.47 11.10
C LEU A 1317 -9.06 -37.39 10.05
N MET A 1318 -10.26 -37.30 9.50
CA MET A 1318 -10.54 -36.26 8.50
C MET A 1318 -10.46 -34.87 9.12
N TRP A 1319 -10.98 -34.70 10.34
CA TRP A 1319 -10.89 -33.40 10.99
C TRP A 1319 -9.43 -33.03 11.23
N MET A 1320 -8.63 -33.98 11.71
CA MET A 1320 -7.20 -33.71 11.91
C MET A 1320 -6.53 -33.34 10.59
N LEU A 1321 -6.90 -34.03 9.50
CA LEU A 1321 -6.28 -33.75 8.21
C LEU A 1321 -6.61 -32.34 7.74
N VAL A 1322 -7.87 -31.91 7.89
CA VAL A 1322 -8.25 -30.57 7.46
C VAL A 1322 -7.53 -29.51 8.29
N THR A 1323 -7.52 -29.69 9.62
CA THR A 1323 -6.86 -28.71 10.46
C THR A 1323 -5.36 -28.66 10.16
N ALA A 1324 -4.75 -29.82 9.90
CA ALA A 1324 -3.34 -29.85 9.54
C ALA A 1324 -3.11 -29.13 8.22
N PHE A 1325 -4.02 -29.28 7.26
CA PHE A 1325 -3.88 -28.56 6.01
C PHE A 1325 -3.88 -27.06 6.23
N TYR A 1326 -4.78 -26.57 7.08
CA TYR A 1326 -4.83 -25.12 7.31
C TYR A 1326 -3.58 -24.63 8.05
N VAL A 1327 -3.13 -25.39 9.05
CA VAL A 1327 -1.89 -25.03 9.75
C VAL A 1327 -0.73 -25.01 8.76
N TYR A 1328 -0.69 -25.98 7.84
CA TYR A 1328 0.36 -25.99 6.82
C TYR A 1328 0.27 -24.77 5.92
N THR A 1329 -0.95 -24.37 5.56
CA THR A 1329 -1.11 -23.16 4.75
C THR A 1329 -0.46 -21.97 5.45
N ALA A 1330 -0.75 -21.79 6.74
CA ALA A 1330 -0.18 -20.66 7.46
C ALA A 1330 1.34 -20.75 7.54
N THR A 1331 1.86 -21.94 7.86
CA THR A 1331 3.30 -22.11 7.98
C THR A 1331 4.00 -21.85 6.65
N MET A 1332 3.42 -22.33 5.56
CA MET A 1332 4.02 -22.12 4.24
C MET A 1332 4.02 -20.64 3.88
N GLY A 1333 2.92 -19.94 4.15
CA GLY A 1333 2.90 -18.50 3.90
C GLY A 1333 3.98 -17.78 4.68
N GLN A 1334 4.11 -18.09 5.97
CA GLN A 1334 5.13 -17.44 6.78
C GLN A 1334 6.53 -17.79 6.29
N LEU A 1335 6.74 -19.04 5.89
CA LEU A 1335 8.05 -19.44 5.37
C LEU A 1335 8.41 -18.64 4.13
N CYS A 1336 7.48 -18.55 3.17
CA CYS A 1336 7.76 -17.81 1.95
C CYS A 1336 7.94 -16.32 2.23
N MET A 1337 7.33 -15.82 3.30
CA MET A 1337 7.49 -14.41 3.63
C MET A 1337 8.75 -14.13 4.45
N SER A 1338 9.36 -15.16 5.04
CA SER A 1338 10.46 -14.91 5.98
C SER A 1338 11.63 -14.20 5.30
N PHE A 1339 12.05 -14.68 4.13
CA PHE A 1339 13.26 -14.19 3.49
C PHE A 1339 13.01 -13.10 2.45
N SER A 1340 11.77 -12.67 2.28
CA SER A 1340 11.43 -11.66 1.30
C SER A 1340 10.97 -10.37 1.98
N GLU A 1341 11.11 -9.26 1.25
CA GLU A 1341 10.81 -7.94 1.79
C GLU A 1341 9.36 -7.56 1.54
N LEU A 1342 8.93 -7.54 0.28
CA LEU A 1342 7.57 -7.16 -0.06
C LEU A 1342 6.62 -8.32 0.15
N ALA A 1343 5.40 -8.02 0.59
CA ALA A 1343 4.40 -9.06 0.80
C ALA A 1343 3.90 -9.63 -0.51
N ASP A 1344 3.83 -8.80 -1.56
CA ASP A 1344 3.33 -9.28 -2.84
C ASP A 1344 4.24 -10.36 -3.42
N ASN A 1345 5.55 -10.17 -3.32
CA ASN A 1345 6.48 -11.19 -3.82
C ASN A 1345 6.32 -12.50 -3.06
N ALA A 1346 6.16 -12.41 -1.73
CA ALA A 1346 5.97 -13.61 -0.93
C ALA A 1346 4.69 -14.33 -1.33
N ALA A 1347 3.61 -13.57 -1.53
CA ALA A 1347 2.35 -14.19 -1.94
C ALA A 1347 2.48 -14.86 -3.31
N ASN A 1348 3.16 -14.19 -4.25
CA ASN A 1348 3.33 -14.78 -5.57
C ASN A 1348 4.17 -16.05 -5.51
N LEU A 1349 5.24 -16.05 -4.71
CA LEU A 1349 6.06 -17.25 -4.57
C LEU A 1349 5.26 -18.38 -3.94
N ALA A 1350 4.46 -18.07 -2.91
CA ALA A 1350 3.63 -19.10 -2.30
C ALA A 1350 2.63 -19.68 -3.28
N THR A 1351 2.01 -18.81 -4.09
CA THR A 1351 1.08 -19.30 -5.10
C THR A 1351 1.78 -20.18 -6.12
N LEU A 1352 2.98 -19.79 -6.55
CA LEU A 1352 3.72 -20.59 -7.50
C LEU A 1352 4.06 -21.97 -6.93
N LEU A 1353 4.54 -22.01 -5.69
CA LEU A 1353 4.89 -23.28 -5.08
C LEU A 1353 3.64 -24.14 -4.87
N PHE A 1354 2.52 -23.53 -4.49
CA PHE A 1354 1.29 -24.29 -4.33
C PHE A 1354 0.81 -24.87 -5.66
N THR A 1355 0.92 -24.08 -6.74
CA THR A 1355 0.56 -24.60 -8.05
C THR A 1355 1.44 -25.77 -8.44
N MET A 1356 2.75 -25.65 -8.20
CA MET A 1356 3.64 -26.76 -8.51
C MET A 1356 3.29 -28.00 -7.70
N CYS A 1357 2.96 -27.82 -6.42
CA CYS A 1357 2.58 -28.96 -5.60
C CYS A 1357 1.29 -29.61 -6.10
N LEU A 1358 0.30 -28.79 -6.48
CA LEU A 1358 -0.97 -29.33 -6.92
C LEU A 1358 -0.87 -30.01 -8.27
N ASN A 1359 0.02 -29.55 -9.15
CA ASN A 1359 0.16 -30.19 -10.46
C ASN A 1359 0.58 -31.64 -10.32
N PHE A 1360 1.53 -31.93 -9.41
CA PHE A 1360 2.11 -33.25 -9.26
C PHE A 1360 1.66 -33.92 -7.96
N CYS A 1361 0.40 -33.74 -7.60
CA CYS A 1361 -0.17 -34.35 -6.40
C CYS A 1361 -0.79 -35.71 -6.69
N GLY A 1362 -0.73 -36.20 -7.92
CA GLY A 1362 -1.28 -37.50 -8.27
C GLY A 1362 -2.71 -37.47 -8.73
N VAL A 1363 -3.35 -36.31 -8.81
CA VAL A 1363 -4.73 -36.24 -9.26
C VAL A 1363 -4.80 -36.12 -10.78
N LEU A 1364 -4.09 -35.14 -11.34
CA LEU A 1364 -4.10 -34.97 -12.78
C LEU A 1364 -3.48 -36.16 -13.50
N ALA A 1365 -2.39 -36.70 -12.96
CA ALA A 1365 -1.71 -37.84 -13.57
C ALA A 1365 -0.89 -38.54 -12.51
N GLY A 1366 -1.03 -39.86 -12.43
CA GLY A 1366 -0.31 -40.63 -11.44
C GLY A 1366 1.13 -40.84 -11.83
N PRO A 1367 1.90 -41.44 -10.91
CA PRO A 1367 3.31 -41.69 -11.21
C PRO A 1367 3.53 -42.59 -12.41
N ASP A 1368 2.60 -43.50 -12.69
CA ASP A 1368 2.76 -44.39 -13.84
C ASP A 1368 2.75 -43.61 -15.14
N VAL A 1369 1.88 -42.60 -15.24
CA VAL A 1369 1.79 -41.83 -16.48
C VAL A 1369 2.70 -40.59 -16.44
N LEU A 1370 3.09 -40.14 -15.26
CA LEU A 1370 3.98 -38.99 -15.17
C LEU A 1370 5.34 -39.35 -15.77
N PRO A 1371 6.00 -38.41 -16.45
CA PRO A 1371 7.37 -38.69 -16.92
C PRO A 1371 8.30 -38.96 -15.74
N GLY A 1372 9.30 -39.81 -16.00
CA GLY A 1372 10.24 -40.16 -14.94
C GLY A 1372 10.97 -38.97 -14.37
N PHE A 1373 11.08 -37.88 -15.13
CA PHE A 1373 11.76 -36.70 -14.64
C PHE A 1373 11.05 -36.11 -13.42
N TRP A 1374 9.73 -36.04 -13.45
CA TRP A 1374 8.95 -35.39 -12.41
C TRP A 1374 8.64 -36.29 -11.22
N ILE A 1375 9.11 -37.54 -11.24
CA ILE A 1375 8.77 -38.46 -10.15
C ILE A 1375 9.23 -37.90 -8.82
N PHE A 1376 10.39 -37.25 -8.79
CA PHE A 1376 10.85 -36.65 -7.55
C PHE A 1376 9.85 -35.61 -7.04
N MET A 1377 9.32 -34.79 -7.94
CA MET A 1377 8.30 -33.82 -7.55
C MET A 1377 7.04 -34.51 -7.03
N TYR A 1378 6.80 -35.76 -7.42
CA TYR A 1378 5.69 -36.51 -6.86
C TYR A 1378 6.00 -37.03 -5.46
N ARG A 1379 7.27 -37.24 -5.14
CA ARG A 1379 7.66 -37.77 -3.84
C ARG A 1379 7.90 -36.68 -2.81
N CYS A 1380 8.52 -35.57 -3.23
CA CYS A 1380 8.76 -34.44 -2.34
C CYS A 1380 7.55 -33.53 -2.22
N ASN A 1381 6.37 -34.01 -2.60
CA ASN A 1381 5.16 -33.19 -2.57
C ASN A 1381 4.45 -33.37 -1.25
N PRO A 1382 4.25 -32.32 -0.44
CA PRO A 1382 3.46 -32.48 0.79
C PRO A 1382 2.00 -32.81 0.53
N PHE A 1383 1.50 -32.59 -0.69
CA PHE A 1383 0.08 -32.74 -0.97
C PHE A 1383 -0.30 -34.13 -1.46
N THR A 1384 0.64 -34.90 -2.01
CA THR A 1384 0.32 -36.27 -2.40
C THR A 1384 -0.17 -37.07 -1.20
N TYR A 1385 0.54 -36.97 -0.08
CA TYR A 1385 0.17 -37.73 1.10
C TYR A 1385 -1.13 -37.23 1.70
N LEU A 1386 -1.34 -35.91 1.71
CA LEU A 1386 -2.60 -35.37 2.21
C LEU A 1386 -3.77 -35.86 1.37
N VAL A 1387 -3.64 -35.80 0.05
CA VAL A 1387 -4.73 -36.23 -0.83
C VAL A 1387 -5.00 -37.71 -0.67
N GLN A 1388 -3.93 -38.52 -0.59
CA GLN A 1388 -4.12 -39.95 -0.42
C GLN A 1388 -4.82 -40.26 0.89
N ALA A 1389 -4.40 -39.61 1.98
CA ALA A 1389 -5.03 -39.86 3.27
C ALA A 1389 -6.50 -39.45 3.25
N MET A 1390 -6.80 -38.27 2.69
CA MET A 1390 -8.19 -37.81 2.66
C MET A 1390 -9.05 -38.75 1.83
N LEU A 1391 -8.56 -39.15 0.65
CA LEU A 1391 -9.35 -40.03 -0.20
C LEU A 1391 -9.58 -41.38 0.47
N SER A 1392 -8.54 -41.96 1.05
CA SER A 1392 -8.69 -43.27 1.69
C SER A 1392 -9.63 -43.19 2.89
N THR A 1393 -9.54 -42.10 3.66
CA THR A 1393 -10.42 -41.96 4.82
C THR A 1393 -11.87 -41.74 4.41
N GLY A 1394 -12.11 -41.03 3.31
CA GLY A 1394 -13.47 -40.66 2.95
C GLY A 1394 -14.17 -41.60 1.99
N LEU A 1395 -13.43 -42.49 1.32
CA LEU A 1395 -14.00 -43.28 0.24
C LEU A 1395 -13.81 -44.79 0.40
N ALA A 1396 -12.86 -45.24 1.22
CA ALA A 1396 -12.49 -46.65 1.23
C ALA A 1396 -13.59 -47.50 1.89
N ASN A 1397 -13.60 -48.78 1.51
CA ASN A 1397 -14.44 -49.79 2.14
C ASN A 1397 -15.94 -49.44 2.04
N THR A 1398 -16.43 -49.42 0.81
CA THR A 1398 -17.85 -49.27 0.55
C THR A 1398 -18.13 -49.81 -0.85
N PHE A 1399 -19.42 -49.85 -1.21
CA PHE A 1399 -19.85 -50.40 -2.48
C PHE A 1399 -19.93 -49.30 -3.54
N VAL A 1400 -20.04 -49.74 -4.80
CA VAL A 1400 -20.19 -48.85 -5.94
C VAL A 1400 -21.37 -49.33 -6.78
N LYS A 1401 -22.24 -48.40 -7.17
CA LYS A 1401 -23.42 -48.70 -7.97
C LYS A 1401 -23.36 -47.86 -9.24
N CYS A 1402 -23.15 -48.52 -10.38
CA CYS A 1402 -23.00 -47.82 -11.64
C CYS A 1402 -24.30 -47.14 -12.05
N ALA A 1403 -24.18 -45.97 -12.68
CA ALA A 1403 -25.33 -45.29 -13.23
C ALA A 1403 -25.76 -45.95 -14.54
N GLU A 1404 -26.97 -45.63 -14.99
CA GLU A 1404 -27.50 -46.25 -16.19
C GLU A 1404 -26.61 -45.98 -17.39
N ARG A 1405 -25.99 -44.79 -17.44
CA ARG A 1405 -25.16 -44.43 -18.58
C ARG A 1405 -23.79 -45.08 -18.55
N GLU A 1406 -23.40 -45.73 -17.45
CA GLU A 1406 -22.08 -46.32 -17.31
C GLU A 1406 -22.07 -47.83 -17.50
N TYR A 1407 -23.22 -48.47 -17.55
CA TYR A 1407 -23.28 -49.89 -17.84
C TYR A 1407 -22.85 -50.15 -19.27
N VAL A 1408 -22.05 -51.20 -19.48
CA VAL A 1408 -21.60 -51.59 -20.81
C VAL A 1408 -22.27 -52.90 -21.17
N SER A 1409 -22.82 -52.96 -22.39
CA SER A 1409 -23.54 -54.14 -22.83
C SER A 1409 -22.58 -55.19 -23.35
N VAL A 1410 -22.72 -56.42 -22.86
CA VAL A 1410 -21.92 -57.56 -23.29
C VAL A 1410 -22.86 -58.61 -23.85
N LYS A 1411 -22.58 -59.08 -25.06
CA LYS A 1411 -23.41 -60.10 -25.69
C LYS A 1411 -22.77 -61.45 -25.43
N PRO A 1412 -23.36 -62.31 -24.59
CA PRO A 1412 -22.74 -63.60 -24.29
C PRO A 1412 -22.79 -64.51 -25.49
N PRO A 1413 -21.88 -65.49 -25.58
CA PRO A 1413 -21.89 -66.40 -26.73
C PRO A 1413 -23.18 -67.22 -26.77
N ASN A 1414 -23.53 -67.66 -27.98
CA ASN A 1414 -24.74 -68.44 -28.16
C ASN A 1414 -24.71 -69.68 -27.27
N GLY A 1415 -25.84 -70.00 -26.66
CA GLY A 1415 -25.92 -71.12 -25.74
C GLY A 1415 -25.13 -70.90 -24.47
N GLU A 1416 -25.17 -69.69 -23.92
CA GLU A 1416 -24.48 -69.39 -22.67
C GLU A 1416 -25.24 -68.29 -21.94
N SER A 1417 -25.03 -68.23 -20.63
CA SER A 1417 -25.69 -67.26 -19.77
C SER A 1417 -24.68 -66.22 -19.29
N CYS A 1418 -25.21 -65.14 -18.72
CA CYS A 1418 -24.36 -64.05 -18.25
C CYS A 1418 -23.39 -64.54 -17.17
N SER A 1419 -23.92 -65.31 -16.20
CA SER A 1419 -23.07 -65.76 -15.10
C SER A 1419 -21.96 -66.69 -15.60
N THR A 1420 -22.33 -67.73 -16.35
CA THR A 1420 -21.34 -68.70 -16.81
C THR A 1420 -20.31 -68.08 -17.74
N TYR A 1421 -20.59 -66.91 -18.30
CA TYR A 1421 -19.68 -66.26 -19.23
C TYR A 1421 -18.85 -65.16 -18.58
N LEU A 1422 -19.33 -64.55 -17.50
CA LEU A 1422 -18.66 -63.41 -16.90
C LEU A 1422 -18.10 -63.68 -15.52
N ASP A 1423 -18.44 -64.79 -14.88
CA ASP A 1423 -17.92 -65.06 -13.54
C ASP A 1423 -16.40 -65.15 -13.50
N PRO A 1424 -15.73 -65.86 -14.42
CA PRO A 1424 -14.26 -65.88 -14.37
C PRO A 1424 -13.64 -64.50 -14.43
N TYR A 1425 -14.18 -63.61 -15.28
CA TYR A 1425 -13.66 -62.24 -15.33
C TYR A 1425 -13.91 -61.52 -14.00
N ILE A 1426 -15.10 -61.71 -13.41
CA ILE A 1426 -15.39 -61.06 -12.13
C ILE A 1426 -14.38 -61.52 -11.08
N LYS A 1427 -14.03 -62.81 -11.10
CA LYS A 1427 -12.98 -63.28 -10.21
C LYS A 1427 -11.64 -62.60 -10.52
N PHE A 1428 -11.31 -62.49 -11.80
CA PHE A 1428 -10.10 -61.77 -12.19
C PHE A 1428 -10.17 -60.32 -11.71
N ALA A 1429 -11.12 -59.56 -12.24
CA ALA A 1429 -11.29 -58.15 -11.91
C ALA A 1429 -12.68 -57.94 -11.35
N GLY A 1430 -12.81 -56.97 -10.44
CA GLY A 1430 -14.08 -56.70 -9.80
C GLY A 1430 -15.15 -56.28 -10.78
N GLY A 1431 -16.33 -55.96 -10.25
CA GLY A 1431 -17.46 -55.56 -11.06
C GLY A 1431 -18.64 -56.49 -10.84
N TYR A 1432 -19.75 -56.15 -11.48
CA TYR A 1432 -20.95 -56.96 -11.41
C TYR A 1432 -21.73 -56.79 -12.71
N PHE A 1433 -22.85 -57.51 -12.82
CA PHE A 1433 -23.64 -57.47 -14.04
C PHE A 1433 -25.11 -57.64 -13.70
N GLU A 1434 -25.95 -57.22 -14.63
CA GLU A 1434 -27.38 -57.37 -14.54
C GLU A 1434 -27.93 -57.92 -15.85
N THR A 1435 -29.01 -58.69 -15.76
CA THR A 1435 -29.67 -59.23 -16.94
C THR A 1435 -30.75 -58.26 -17.39
N ARG A 1436 -30.72 -57.90 -18.67
CA ARG A 1436 -31.59 -56.86 -19.22
C ARG A 1436 -32.81 -57.45 -19.93
N ASN A 1437 -33.13 -58.72 -19.69
CA ASN A 1437 -34.29 -59.39 -20.27
C ASN A 1437 -34.21 -59.52 -21.78
N ASP A 1438 -33.09 -59.12 -22.39
CA ASP A 1438 -32.90 -59.20 -23.84
C ASP A 1438 -31.88 -60.23 -24.26
N GLY A 1439 -31.10 -60.78 -23.32
CA GLY A 1439 -30.03 -61.70 -23.62
C GLY A 1439 -28.65 -61.14 -23.39
N SER A 1440 -28.51 -59.82 -23.35
CA SER A 1440 -27.24 -59.17 -23.07
C SER A 1440 -27.11 -58.87 -21.58
N CYS A 1441 -25.88 -58.66 -21.15
CA CYS A 1441 -25.56 -58.38 -19.76
C CYS A 1441 -25.06 -56.95 -19.63
N ALA A 1442 -25.67 -56.18 -18.74
CA ALA A 1442 -25.20 -54.84 -18.42
C ALA A 1442 -24.14 -54.95 -17.34
N PHE A 1443 -22.89 -54.67 -17.70
CA PHE A 1443 -21.75 -54.88 -16.82
C PHE A 1443 -21.25 -53.55 -16.27
N CYS A 1444 -20.91 -53.55 -14.98
CA CYS A 1444 -20.28 -52.42 -14.31
C CYS A 1444 -18.92 -52.87 -13.80
N GLN A 1445 -17.88 -52.12 -14.17
CA GLN A 1445 -16.50 -52.59 -13.99
C GLN A 1445 -16.02 -52.51 -12.54
N MET A 1446 -16.70 -51.77 -11.67
CA MET A 1446 -16.25 -51.55 -10.31
C MET A 1446 -17.35 -51.94 -9.34
N SER A 1447 -16.99 -52.73 -8.32
CA SER A 1447 -17.91 -53.12 -7.27
C SER A 1447 -17.54 -52.58 -5.90
N SER A 1448 -16.29 -52.16 -5.70
CA SER A 1448 -15.87 -51.58 -4.43
C SER A 1448 -14.99 -50.37 -4.72
N THR A 1449 -15.06 -49.38 -3.83
CA THR A 1449 -14.26 -48.17 -3.99
C THR A 1449 -12.77 -48.43 -3.87
N ASN A 1450 -12.37 -49.56 -3.30
CA ASN A 1450 -10.96 -49.88 -3.18
C ASN A 1450 -10.29 -49.97 -4.53
N THR A 1451 -11.03 -50.40 -5.57
CA THR A 1451 -10.45 -50.46 -6.91
C THR A 1451 -10.05 -49.07 -7.39
N PHE A 1452 -10.95 -48.09 -7.25
CA PHE A 1452 -10.62 -46.73 -7.63
C PHE A 1452 -9.49 -46.18 -6.78
N LEU A 1453 -9.52 -46.45 -5.47
CA LEU A 1453 -8.47 -45.94 -4.60
C LEU A 1453 -7.10 -46.48 -5.01
N LYS A 1454 -7.03 -47.77 -5.34
CA LYS A 1454 -5.79 -48.32 -5.87
C LYS A 1454 -5.42 -47.66 -7.19
N SER A 1455 -6.40 -47.42 -8.05
CA SER A 1455 -6.13 -46.72 -9.30
C SER A 1455 -5.48 -45.36 -9.07
N VAL A 1456 -5.83 -44.68 -7.97
CA VAL A 1456 -5.23 -43.40 -7.65
C VAL A 1456 -4.14 -43.54 -6.60
N ASN A 1457 -3.60 -44.74 -6.42
CA ASN A 1457 -2.45 -44.99 -5.54
C ASN A 1457 -2.75 -44.59 -4.08
N SER A 1458 -4.02 -44.65 -3.69
CA SER A 1458 -4.43 -44.35 -2.33
C SER A 1458 -4.82 -45.65 -1.63
N LEU A 1459 -4.27 -45.87 -0.44
CA LEU A 1459 -4.51 -47.09 0.32
C LEU A 1459 -5.06 -46.75 1.69
N TYR A 1460 -6.04 -47.54 2.13
CA TYR A 1460 -6.67 -47.30 3.43
C TYR A 1460 -5.77 -47.72 4.59
N SER A 1461 -4.87 -48.66 4.36
CA SER A 1461 -3.97 -49.12 5.41
C SER A 1461 -2.83 -48.16 5.70
N GLU A 1462 -2.58 -47.20 4.80
CA GLU A 1462 -1.46 -46.27 4.93
C GLU A 1462 -1.92 -44.85 5.21
N ARG A 1463 -3.18 -44.67 5.62
CA ARG A 1463 -3.66 -43.32 5.89
C ARG A 1463 -2.88 -42.68 7.03
N TRP A 1464 -2.83 -43.34 8.18
CA TRP A 1464 -2.17 -42.75 9.33
C TRP A 1464 -0.72 -42.40 9.01
N ARG A 1465 0.02 -43.35 8.46
CA ARG A 1465 1.39 -43.07 8.04
C ARG A 1465 1.43 -41.81 7.18
N ASN A 1466 0.57 -41.76 6.15
CA ASN A 1466 0.54 -40.59 5.29
C ASN A 1466 0.30 -39.33 6.12
N PHE A 1467 -0.69 -39.36 7.00
CA PHE A 1467 -0.94 -38.22 7.87
C PHE A 1467 0.34 -37.80 8.56
N GLY A 1468 1.04 -38.76 9.18
CA GLY A 1468 2.28 -38.42 9.86
C GLY A 1468 3.26 -37.71 8.95
N ILE A 1469 3.43 -38.23 7.73
CA ILE A 1469 4.35 -37.60 6.80
C ILE A 1469 3.97 -36.14 6.59
N PHE A 1470 2.68 -35.87 6.40
CA PHE A 1470 2.25 -34.49 6.20
C PHE A 1470 2.66 -33.64 7.39
N ILE A 1471 2.45 -34.14 8.61
CA ILE A 1471 2.86 -33.38 9.79
C ILE A 1471 4.34 -33.06 9.72
N ALA A 1472 5.15 -34.05 9.32
CA ALA A 1472 6.58 -33.80 9.19
C ALA A 1472 6.83 -32.57 8.32
N PHE A 1473 6.15 -32.50 7.18
CA PHE A 1473 6.35 -31.36 6.30
C PHE A 1473 6.06 -30.06 7.02
N ILE A 1474 4.96 -30.01 7.77
CA ILE A 1474 4.66 -28.80 8.54
C ILE A 1474 5.85 -28.44 9.41
N ALA A 1475 6.35 -29.42 10.16
CA ALA A 1475 7.51 -29.16 11.02
C ALA A 1475 8.63 -28.53 10.21
N ILE A 1476 8.94 -29.12 9.05
CA ILE A 1476 10.03 -28.61 8.24
C ILE A 1476 9.82 -27.13 7.97
N ASN A 1477 8.61 -26.77 7.51
CA ASN A 1477 8.35 -25.37 7.22
C ASN A 1477 8.73 -24.50 8.40
N ILE A 1478 8.23 -24.84 9.58
CA ILE A 1478 8.50 -24.03 10.76
C ILE A 1478 10.01 -23.87 10.93
N ILE A 1479 10.72 -24.99 10.91
CA ILE A 1479 12.17 -24.93 11.10
C ILE A 1479 12.78 -23.99 10.08
N LEU A 1480 12.42 -24.17 8.81
CA LEU A 1480 13.02 -23.34 7.77
C LEU A 1480 12.78 -21.87 8.06
N THR A 1481 11.57 -21.52 8.48
CA THR A 1481 11.30 -20.12 8.81
C THR A 1481 12.30 -19.64 9.86
N VAL A 1482 12.40 -20.36 10.97
CA VAL A 1482 13.25 -19.91 12.06
C VAL A 1482 14.69 -19.79 11.61
N ILE A 1483 15.06 -20.47 10.52
CA ILE A 1483 16.39 -20.32 9.96
C ILE A 1483 16.44 -19.19 8.96
N PHE A 1484 15.49 -19.14 8.02
CA PHE A 1484 15.59 -18.19 6.92
C PHE A 1484 15.52 -16.76 7.42
N TYR A 1485 14.62 -16.49 8.38
CA TYR A 1485 14.56 -15.15 8.93
C TYR A 1485 15.89 -14.73 9.54
N TRP A 1486 16.62 -15.68 10.14
CA TRP A 1486 17.94 -15.34 10.67
C TRP A 1486 18.92 -15.01 9.57
N LEU A 1487 18.83 -15.74 8.44
CA LEU A 1487 19.80 -15.54 7.37
C LEU A 1487 19.55 -14.27 6.58
N ALA A 1488 18.30 -13.87 6.41
CA ALA A 1488 17.94 -12.79 5.51
C ALA A 1488 17.72 -11.45 6.20
N ARG A 1489 17.34 -11.45 7.48
CA ARG A 1489 16.94 -10.22 8.16
C ARG A 1489 17.80 -9.87 9.37
N VAL A 1490 18.14 -10.83 10.22
CA VAL A 1490 18.93 -10.55 11.41
C VAL A 1490 20.31 -10.08 10.98
N PRO A 1491 20.90 -9.03 11.60
CA PRO A 1491 22.23 -8.59 11.18
C PRO A 1491 23.34 -9.34 11.90
C10 A1L26 B . -10.69 -18.60 -36.62
C13 A1L26 B . -12.52 -21.44 -37.22
C15 A1L26 B . -11.65 -23.16 -38.92
C17 A1L26 B . -12.06 -25.72 -39.03
C21 A1L26 B . -15.61 -27.07 -39.43
C22 A1L26 B . -16.95 -26.31 -39.48
C24 A1L26 B . -17.83 -24.24 -40.27
C26 A1L26 B . -17.42 -22.73 -40.31
C28 A1L26 B . -15.58 -21.05 -41.06
C01 A1L26 B . -4.84 -12.42 -33.76
C02 A1L26 B . -5.46 -13.21 -32.59
C03 A1L26 B . -6.23 -14.46 -33.09
C04 A1L26 B . -6.20 -14.57 -34.63
C05 A1L26 B . -7.54 -15.09 -35.21
C06 A1L26 B . -8.16 -16.24 -34.36
C07 A1L26 B . -8.55 -17.45 -35.26
C08 A1L26 B . -8.66 -17.03 -36.74
C09 A1L26 B . -10.00 -17.46 -37.39
C11 A1L26 B . -10.40 -19.98 -37.27
C12 A1L26 B . -11.59 -20.54 -38.08
C14 A1L26 B . -12.34 -22.94 -37.55
C16 A1L26 B . -12.31 -24.34 -39.71
C18 A1L26 B . -13.27 -26.67 -39.27
C27 A1L26 B . -15.92 -22.54 -40.71
C29 A1L26 B . -15.53 -20.20 -39.75
C30 A1L26 B . -15.32 -18.90 -40.03
C31 A1L26 B . -15.25 -17.95 -38.80
C32 A1L26 B . -13.85 -17.28 -38.77
C33 A1L26 B . -13.86 -16.12 -38.06
C34 A1L26 B . -12.49 -15.39 -37.97
C35 A1L26 B . -12.64 -14.07 -37.17
C36 A1L26 B . -11.78 -14.02 -36.14
C37 A1L26 B . -11.85 -12.72 -35.27
C38 A1L26 B . -11.06 -12.94 -33.94
C39 A1L26 B . -10.60 -11.77 -33.45
C40 A1L26 B . -9.79 -11.84 -32.13
C41 A1L26 B . -10.46 -10.90 -31.09
C42 A1L26 B . -9.85 -9.47 -31.12
C43 A1L26 B . -10.80 -8.41 -30.48
C44 A1L26 B . -10.23 -6.99 -30.56
C45 A1L26 B . -15.68 -28.15 -38.36
C51 A1L26 B . -19.31 -30.12 -39.33
C52 A1L26 B . -20.73 -30.71 -39.52
C53 A1L26 B . -20.89 -31.46 -40.86
C54 A1L26 B . -20.33 -30.57 -41.98
C55 A1L26 B . -18.80 -30.53 -41.88
C56 A1L26 B . -18.27 -30.40 -40.44
O19 A1L26 B . -13.09 -27.80 -39.55
O20 A1L26 B . -14.59 -26.16 -39.15
O23 A1L26 B . -16.83 -25.25 -40.42
O25 A1L26 B . -18.97 -24.54 -40.12
O46 A1L26 B . -17.01 -28.62 -38.32
O48 A1L26 B . -17.42 -29.86 -36.07
O49 A1L26 B . -16.24 -31.07 -37.86
O50 A1L26 B . -18.80 -30.66 -38.12
O57 A1L26 B . -17.35 -29.31 -40.43
O58 A1L26 B . -18.25 -29.50 -42.70
O59 A1L26 B . -20.84 -29.27 -41.82
O61 A1L26 B . -19.49 -27.43 -43.02
O62 A1L26 B . -20.86 -28.96 -44.39
O63 A1L26 B . -21.95 -27.24 -42.99
O64 A1L26 B . -20.14 -32.65 -40.80
O66 A1L26 B . -21.66 -33.35 -38.81
O67 A1L26 B . -19.47 -34.44 -39.06
O68 A1L26 B . -21.29 -34.96 -40.64
O69 A1L26 B . -21.66 -29.67 -39.48
P47 A1L26 B . -17.33 -30.08 -37.56
P60 A1L26 B . -20.78 -28.21 -43.09
P65 A1L26 B . -20.66 -33.88 -39.81
O TPF C . -4.04 -21.61 -11.94
C1 TPF C . -4.49 -22.87 -11.54
C2 TPF C . -4.51 -23.81 -12.77
C5 TPF C . -3.45 -23.40 -10.52
C8 TPF C . -5.88 -22.78 -10.92
N1 TPF C . -3.19 -24.19 -13.16
C3 TPF C . -2.26 -23.45 -13.79
N3 TPF C . -2.70 -25.40 -12.92
N2 TPF C . -1.17 -24.16 -13.97
C4 TPF C . -1.48 -25.35 -13.42
N4 TPF C . -3.59 -22.82 -9.20
C6 TPF C . -3.46 -21.54 -8.83
N6 TPF C . -3.85 -23.58 -8.14
N5 TPF C . -3.65 -21.43 -7.54
C7 TPF C . -3.89 -22.70 -7.16
C9 TPF C . -6.54 -21.55 -10.87
C13 TPF C . -6.56 -23.86 -10.37
C10 TPF C . -7.81 -21.41 -10.32
C11 TPF C . -8.42 -22.52 -9.80
F1 TPF C . -9.64 -22.40 -9.25
C12 TPF C . -7.82 -23.77 -9.81
F2 TPF C . -6.00 -25.08 -10.36
HO TPF C . -4.03 -21.07 -11.28
HC21 TPF C . -5.01 -24.62 -12.60
HC22 TPF C . -4.93 -23.36 -13.51
HC51 TPF C . -3.52 -24.35 -10.42
HC52 TPF C . -2.55 -23.19 -10.84
HC3 TPF C . -2.40 -22.57 -14.04
HC4 TPF C . -0.91 -26.07 -13.39
HC6 TPF C . -3.28 -20.86 -9.43
HC7 TPF C . -4.06 -22.95 -6.27
HC9 TPF C . -6.13 -20.80 -11.23
H10 TPF C . -8.23 -20.58 -10.30
H12 TPF C . -8.24 -24.52 -9.45
#